data_7OPI
#
_entry.id   7OPI
#
_cell.length_a   104.535
_cell.length_b   108.280
_cell.length_c   253.202
_cell.angle_alpha   90.000
_cell.angle_beta   90.000
_cell.angle_gamma   90.000
#
_symmetry.space_group_name_H-M   'P 21 21 21'
#
loop_
_entity.id
_entity.type
_entity.pdbx_description
1 polymer 'Splicing factor 3B subunit 3'
2 polymer 'Splicing factor 3B subunit 5'
3 polymer 'Splicing factor 3B subunit 1'
4 polymer 'PHD finger-like domain-containing protein 5A'
5 non-polymer 'Spliceostatin E (form I)'
6 non-polymer 'ZINC ION'
#
loop_
_entity_poly.entity_id
_entity_poly.type
_entity_poly.pdbx_seq_one_letter_code
_entity_poly.pdbx_strand_id
1 'polypeptide(L)'
;GAEFKGLRRHMFLYNLTLQRATGISFAIHGNFSGTKQQEIVVSRGKILELLRPDPNTGKVHTLLTVEVFGVIRSLMAFRL
TGGTKDYIVVGSDSGRIVILEYQPSKNMFEKIHQETFGKSGCRRIVPGQFLAVDPKGRAVMISAIEKQKLVYILNRDAAA
RLTISSPLEAHKANTLVYHVVGVDVGFENPMFACLEMDYEEADNDPTGEAAANTQQTLTFYELDLGLNHVVRKYSEPLEE
HGNFLITVPGGSDGPSGVLICSENYITYKNFGDQPDIRCPIPRRRNDLDDPERGMIFVCSATHKTKSMFFFLAQTEQGDI
FKITLETDEDMVTEIRLKYFDTVPVAAAMCVLKTGFLFVASEFGNHYLYQIAHLGDDDEEPEFSSAMPLEEGDTFFFQPR
PLKNLVLVDELDSLSPILFCQIADLANEDTPQLYVACGRGPRSSLRVLRHGLGGNGNSGEKLGAVFNQVAFPLQYTPRKF
VIHPESNNLIIIETDHNAYTEATKAQRKQQMAEEMVEAAGEDERELAAEMAAAFLNENLPESIFGAPKAGNGQWASVIRV
MNPIQGNTLDLVQLEQNEAAFSVAVCRFSNTGEDWYVLVGVAKDLILNPRSVAGGFVYTYKLVNNGEKLEFLHKTPVEEV
PAAIAPFQGRVLIGVGKLLRVYDLGKKKLLRKCENKHIANYISGIQTIGHRVIVSDVQESFIWVRYKRNENQLIIFADDT
YPRWVTTASLLDYDTVAGADKFGNICVVRLPPNTNDEVDSQKAEVIMNYHVGETVLSLQKTTLIPGGSESLVYTTLSGGI
GILVPFTSHEDHDFFQHVEMHLRSEHPPLCGRDHLSFRSYYFPVKNVIDGDLCEQFNSMEPNKQKNVSEELDRTPPEVSK
KLEDIRTRYAFDYKDDDDK
;
A
2 'polypeptide(L)'
;MTDRYTIHSQLEHLQSKYIGTGHADTTKWEWLVNQHRDSYCSYMGHFDLLNYFAIAENESKARVRFNLMEKMLQPCGPPA
DKPEEN
;
B
3 'polypeptide(L)'
;MKSVNDQPSGNLPFLKPDDIQYFDKLLVDVDESTLSPEEQKERKIMKLLLKIKNGTPPMRKAALRQITDKAREFGAGPLF
NQILPLLMSPTLEDQERHLLVKVIDRILYKLDDLVRPYVHKILVVIEPLLIDEDYYARVEGREIISNLAKAAGLATMIST
MRPDIDNMDEYVRNTTARAFAVVASALGIPSLLPFLKAVCKSKKSWQARHTGIKIVQQIAILMGCAILPHLRSLVEIIEH
GLVDEQQKVRTISALAIAALAEAATPYGIESFDSVLKPLWKGIRQHRGKGLAAFLKAIGYLIPLMDAEYANYYTREVMLI
LIREFQSPDEEMKKIVLKVVKQCCGTDGVEANYIKTEILPPFFKHFWQHRMALDRRNYRQLVDTTVELANKVGAAEIISR
IVDDLKDEAEQYRKMVMETIEKIMGNLGAADIDHKLEEQLIDGILYAFQEQTTEDSVMLNGFGTVVNALGKRVKPYLPQI
CGTVLWRLNNKSAKVRQQAADLISRTAVVMKTCQEEKLMGHLGVVLYEYLGEEYPEVLGSILGALKAIVNVIGMHKMTPP
IKDLLPRLTPILKNRHEKVQENCIDLVGRIADRGAEYVSAREWMRICFELLELLKAHKKAIRRATVNTFGYIAKAIGPHD
VLATLLNNLKVQERQNRVCTTVAIAIVAETCSPFTVLPALMNEYRVPELNVQNGVLKSLSFLFEYIGEMGKDYIYAVTPL
LEDALMDRDLVHRQTASAVVQHMSLGVYGFGCEDSLNHLLNYVWPNVFETSPHVIQAVMGALEGLRVAIGPCRMLQYCLQ
GLFHPARKVRDVYWKIYNSIYIGSQDALIAHYPRIYNDDKNTYIRYELDYIL
;
C
4 'polypeptide(L)'
;GPLGSPGSRAMAKHHPDLIFCRKQAGVAIGRLCEKCDGKCVICDSYVRPCTLVRICDECNYGSYQGRCVICGGPGVSDAY
YCKECTIQEKDRDGCPKIVNLGSSKTDL
;
D
#
loop_
_chem_comp.id
_chem_comp.type
_chem_comp.name
_chem_comp.formula
07I non-polymer 'Spliceostatin E (form I)' 'C26 H37 N O6'
ZN non-polymer 'ZINC ION' 'Zn 2'
#
# COMPACT_ATOMS: atom_id res chain seq x y z
N ARG A 9 -32.50 -16.59 -14.76
CA ARG A 9 -32.84 -16.06 -13.45
C ARG A 9 -31.64 -15.36 -12.81
N HIS A 10 -30.74 -16.16 -12.26
CA HIS A 10 -29.53 -15.64 -11.64
C HIS A 10 -28.72 -14.81 -12.63
N MET A 11 -28.38 -13.59 -12.23
CA MET A 11 -27.62 -12.67 -13.07
C MET A 11 -26.16 -12.71 -12.67
N PHE A 12 -25.32 -13.23 -13.56
CA PHE A 12 -23.88 -13.28 -13.36
C PHE A 12 -23.23 -12.38 -14.40
N LEU A 13 -22.48 -11.38 -13.95
CA LEU A 13 -21.97 -10.35 -14.83
C LEU A 13 -20.44 -10.39 -14.87
N TYR A 14 -19.90 -9.87 -15.98
CA TYR A 14 -18.46 -9.81 -16.22
C TYR A 14 -18.14 -8.39 -16.65
N ASN A 15 -17.21 -7.75 -15.94
CA ASN A 15 -16.93 -6.33 -16.11
C ASN A 15 -15.68 -6.13 -16.96
N LEU A 16 -15.79 -5.28 -17.98
CA LEU A 16 -14.67 -4.99 -18.87
C LEU A 16 -14.65 -3.52 -19.21
N THR A 17 -13.49 -2.88 -19.06
CA THR A 17 -13.31 -1.49 -19.43
C THR A 17 -12.95 -1.41 -20.91
N LEU A 18 -13.77 -0.70 -21.70
CA LEU A 18 -13.49 -0.52 -23.11
C LEU A 18 -12.63 0.71 -23.35
N GLN A 19 -12.97 1.82 -22.72
CA GLN A 19 -12.21 3.07 -22.79
C GLN A 19 -11.84 3.45 -21.36
N ARG A 20 -10.54 3.42 -21.06
CA ARG A 20 -10.06 3.71 -19.71
C ARG A 20 -10.36 5.16 -19.34
N ALA A 21 -10.25 5.46 -18.05
CA ALA A 21 -10.45 6.81 -17.57
C ALA A 21 -9.39 7.73 -18.16
N THR A 22 -9.79 8.98 -18.43
CA THR A 22 -8.92 9.94 -19.09
C THR A 22 -8.60 11.17 -18.25
N GLY A 23 -9.35 11.44 -17.19
CA GLY A 23 -9.00 12.51 -16.28
C GLY A 23 -7.77 12.18 -15.45
N ILE A 24 -7.09 13.22 -14.99
CA ILE A 24 -5.85 13.09 -14.22
C ILE A 24 -6.05 13.75 -12.87
N SER A 25 -5.63 13.06 -11.81
CA SER A 25 -5.65 13.62 -10.46
C SER A 25 -4.27 14.06 -9.98
N PHE A 26 -3.21 13.34 -10.37
CA PHE A 26 -1.85 13.70 -10.01
C PHE A 26 -0.93 13.41 -11.18
N ALA A 27 0.14 14.20 -11.28
CA ALA A 27 1.14 14.02 -12.31
C ALA A 27 2.51 14.39 -11.74
N ILE A 28 3.52 13.60 -12.09
CA ILE A 28 4.90 13.86 -11.69
C ILE A 28 5.79 13.58 -12.89
N HIS A 29 6.95 14.25 -12.92
CA HIS A 29 7.93 14.06 -13.98
C HIS A 29 9.26 13.62 -13.37
N GLY A 30 9.99 12.80 -14.12
CA GLY A 30 11.26 12.30 -13.62
C GLY A 30 11.89 11.35 -14.61
N ASN A 31 13.10 10.91 -14.27
CA ASN A 31 13.86 9.99 -15.11
C ASN A 31 13.58 8.56 -14.67
N PHE A 32 12.37 8.10 -15.01
CA PHE A 32 11.93 6.78 -14.57
C PHE A 32 12.53 5.65 -15.41
N SER A 33 12.89 5.94 -16.66
CA SER A 33 13.58 4.94 -17.47
C SER A 33 15.01 4.72 -17.00
N GLY A 34 15.55 5.65 -16.21
CA GLY A 34 16.95 5.63 -15.86
C GLY A 34 17.88 6.27 -16.87
N THR A 35 17.33 6.84 -17.94
CA THR A 35 18.10 7.50 -18.98
C THR A 35 17.90 9.02 -18.89
N LYS A 36 18.54 9.74 -19.82
CA LYS A 36 18.42 11.19 -19.85
C LYS A 36 17.02 11.64 -20.26
N GLN A 37 16.23 10.77 -20.87
CA GLN A 37 14.86 11.12 -21.20
C GLN A 37 14.02 11.25 -19.94
N GLN A 38 13.05 12.15 -19.99
CA GLN A 38 12.14 12.38 -18.88
C GLN A 38 10.76 11.84 -19.23
N GLU A 39 10.13 11.17 -18.26
CA GLU A 39 8.79 10.64 -18.41
C GLU A 39 7.88 11.24 -17.35
N ILE A 40 6.57 11.03 -17.54
CA ILE A 40 5.54 11.57 -16.67
C ILE A 40 4.69 10.41 -16.16
N VAL A 41 4.61 10.28 -14.85
CA VAL A 41 3.73 9.31 -14.20
C VAL A 41 2.47 10.03 -13.77
N VAL A 42 1.32 9.53 -14.22
CA VAL A 42 0.03 10.14 -13.93
C VAL A 42 -0.87 9.13 -13.24
N SER A 43 -1.80 9.66 -12.42
CA SER A 43 -2.78 8.85 -11.69
C SER A 43 -4.16 9.23 -12.20
N ARG A 44 -4.78 8.34 -12.97
CA ARG A 44 -6.09 8.59 -13.54
C ARG A 44 -7.22 8.36 -12.54
N GLY A 45 -6.93 7.83 -11.35
CA GLY A 45 -7.94 7.53 -10.37
C GLY A 45 -7.68 6.18 -9.74
N LYS A 46 -8.04 5.11 -10.46
CA LYS A 46 -7.64 3.75 -10.10
C LYS A 46 -6.61 3.20 -11.07
N ILE A 47 -6.06 4.04 -11.94
CA ILE A 47 -5.15 3.62 -13.00
C ILE A 47 -3.88 4.46 -12.91
N LEU A 48 -2.74 3.79 -13.02
CA LEU A 48 -1.43 4.43 -13.02
C LEU A 48 -0.83 4.31 -14.42
N GLU A 49 -0.42 5.45 -14.99
CA GLU A 49 0.01 5.49 -16.38
C GLU A 49 1.37 6.17 -16.50
N LEU A 50 2.13 5.72 -17.50
CA LEU A 50 3.45 6.27 -17.79
C LEU A 50 3.44 6.84 -19.20
N LEU A 51 3.92 8.07 -19.35
CA LEU A 51 3.92 8.77 -20.62
C LEU A 51 5.34 9.24 -20.95
N ARG A 52 5.70 9.13 -22.23
CA ARG A 52 6.99 9.58 -22.72
C ARG A 52 6.80 10.65 -23.78
N PRO A 53 7.16 11.90 -23.52
CA PRO A 53 7.03 12.95 -24.55
C PRO A 53 8.27 12.95 -25.43
N ASP A 54 8.05 12.85 -26.73
CA ASP A 54 9.15 12.90 -27.70
C ASP A 54 9.51 14.35 -27.98
N PRO A 55 10.72 14.79 -27.63
CA PRO A 55 11.08 16.20 -27.86
C PRO A 55 11.19 16.57 -29.33
N ASN A 56 11.43 15.60 -30.21
CA ASN A 56 11.52 15.87 -31.63
C ASN A 56 10.16 16.26 -32.19
N THR A 57 9.22 15.32 -32.22
CA THR A 57 7.90 15.59 -32.78
C THR A 57 7.02 16.42 -31.86
N GLY A 58 7.36 16.52 -30.57
CA GLY A 58 6.55 17.25 -29.63
C GLY A 58 5.19 16.62 -29.42
N LYS A 59 5.17 15.30 -29.22
CA LYS A 59 3.93 14.56 -29.02
C LYS A 59 4.09 13.61 -27.83
N VAL A 60 2.97 13.36 -27.14
CA VAL A 60 2.95 12.53 -25.95
C VAL A 60 2.53 11.12 -26.34
N HIS A 61 3.28 10.13 -25.87
CA HIS A 61 2.98 8.72 -26.12
C HIS A 61 2.74 8.00 -24.80
N THR A 62 1.77 7.08 -24.80
CA THR A 62 1.49 6.27 -23.64
C THR A 62 2.30 4.98 -23.72
N LEU A 63 3.08 4.71 -22.67
CA LEU A 63 3.96 3.55 -22.66
C LEU A 63 3.45 2.40 -21.82
N LEU A 64 2.73 2.68 -20.74
CA LEU A 64 2.27 1.63 -19.84
C LEU A 64 1.07 2.15 -19.05
N THR A 65 0.08 1.28 -18.86
CA THR A 65 -1.11 1.60 -18.08
C THR A 65 -1.47 0.39 -17.23
N VAL A 66 -1.77 0.63 -15.95
CA VAL A 66 -2.01 -0.46 -15.01
C VAL A 66 -3.18 -0.10 -14.11
N GLU A 67 -4.13 -1.02 -13.99
CA GLU A 67 -5.24 -0.87 -13.05
C GLU A 67 -4.77 -1.31 -11.67
N VAL A 68 -4.71 -0.36 -10.73
CA VAL A 68 -4.17 -0.67 -9.40
C VAL A 68 -5.24 -1.13 -8.43
N PHE A 69 -6.52 -1.04 -8.79
CA PHE A 69 -7.64 -1.46 -7.94
C PHE A 69 -7.57 -0.78 -6.57
N GLY A 70 -7.51 0.54 -6.60
CA GLY A 70 -7.48 1.32 -5.39
C GLY A 70 -7.73 2.78 -5.70
N VAL A 71 -7.58 3.61 -4.68
CA VAL A 71 -7.79 5.05 -4.79
C VAL A 71 -6.47 5.74 -4.50
N ILE A 72 -5.83 6.28 -5.55
CA ILE A 72 -4.57 6.99 -5.40
C ILE A 72 -4.86 8.36 -4.80
N ARG A 73 -4.39 8.59 -3.58
CA ARG A 73 -4.63 9.84 -2.87
C ARG A 73 -3.45 10.80 -2.92
N SER A 74 -2.24 10.31 -3.14
CA SER A 74 -1.06 11.15 -3.21
C SER A 74 0.04 10.42 -3.97
N LEU A 75 0.73 11.15 -4.86
CA LEU A 75 1.74 10.57 -5.72
C LEU A 75 2.96 11.48 -5.76
N MET A 76 4.15 10.88 -5.69
CA MET A 76 5.39 11.66 -5.69
C MET A 76 6.54 10.78 -6.15
N ALA A 77 7.61 11.45 -6.59
CA ALA A 77 8.83 10.80 -7.03
C ALA A 77 9.98 11.17 -6.11
N PHE A 78 11.00 10.32 -6.07
CA PHE A 78 12.19 10.60 -5.29
C PHE A 78 13.37 9.85 -5.88
N ARG A 79 14.57 10.35 -5.55
CA ARG A 79 15.81 9.79 -6.04
C ARG A 79 16.83 9.78 -4.91
N LEU A 80 17.55 8.68 -4.78
CA LEU A 80 18.58 8.58 -3.75
C LEU A 80 19.79 9.44 -4.14
N THR A 81 20.82 9.39 -3.28
CA THR A 81 22.04 10.13 -3.55
C THR A 81 22.84 9.41 -4.63
N GLY A 82 23.21 10.14 -5.68
CA GLY A 82 23.99 9.55 -6.76
C GLY A 82 23.24 8.58 -7.64
N GLY A 83 21.95 8.38 -7.39
CA GLY A 83 21.18 7.45 -8.19
C GLY A 83 20.93 7.98 -9.59
N THR A 84 20.65 7.05 -10.50
CA THR A 84 20.43 7.38 -11.90
C THR A 84 18.99 7.16 -12.35
N LYS A 85 18.08 6.87 -11.42
CA LYS A 85 16.68 6.65 -11.77
C LYS A 85 15.79 7.02 -10.59
N ASP A 86 14.64 7.63 -10.89
CA ASP A 86 13.69 8.04 -9.87
C ASP A 86 12.68 6.92 -9.60
N TYR A 87 12.37 6.72 -8.32
CA TYR A 87 11.36 5.77 -7.91
C TYR A 87 10.00 6.47 -7.83
N ILE A 88 8.95 5.69 -7.54
CA ILE A 88 7.58 6.20 -7.47
C ILE A 88 6.98 5.78 -6.15
N VAL A 89 6.64 6.74 -5.30
CA VAL A 89 5.98 6.48 -4.03
C VAL A 89 4.51 6.78 -4.20
N VAL A 90 3.65 5.86 -3.77
CA VAL A 90 2.20 5.99 -3.97
C VAL A 90 1.51 5.96 -2.61
N GLY A 91 0.73 6.98 -2.32
CA GLY A 91 -0.19 6.97 -1.20
C GLY A 91 -1.55 6.48 -1.65
N SER A 92 -2.03 5.40 -1.06
CA SER A 92 -3.22 4.70 -1.53
C SER A 92 -4.32 4.78 -0.48
N ASP A 93 -5.44 4.12 -0.78
CA ASP A 93 -6.54 3.98 0.17
C ASP A 93 -6.46 2.69 0.98
N SER A 94 -5.40 1.91 0.79
CA SER A 94 -5.08 0.83 1.71
C SER A 94 -4.30 1.37 2.90
N GLY A 95 -4.07 0.50 3.87
CA GLY A 95 -3.26 0.90 5.02
C GLY A 95 -1.79 0.71 4.74
N ARG A 96 -1.40 0.86 3.47
CA ARG A 96 -0.06 0.54 3.02
C ARG A 96 0.52 1.67 2.19
N ILE A 97 1.84 1.81 2.26
CA ILE A 97 2.60 2.71 1.41
C ILE A 97 3.52 1.89 0.54
N VAL A 98 3.58 2.23 -0.75
CA VAL A 98 4.28 1.43 -1.74
C VAL A 98 5.28 2.29 -2.49
N ILE A 99 6.45 1.70 -2.75
CA ILE A 99 7.52 2.31 -3.55
C ILE A 99 7.84 1.37 -4.70
N LEU A 100 7.82 1.91 -5.92
CA LEU A 100 7.91 1.14 -7.15
C LEU A 100 9.03 1.68 -8.02
N GLU A 101 9.52 0.81 -8.91
CA GLU A 101 10.52 1.17 -9.90
C GLU A 101 10.08 0.65 -11.26
N TYR A 102 10.16 1.50 -12.28
CA TYR A 102 9.79 1.12 -13.63
C TYR A 102 10.98 0.47 -14.34
N GLN A 103 10.81 -0.77 -14.78
CA GLN A 103 11.85 -1.47 -15.53
C GLN A 103 11.51 -1.39 -17.01
N PRO A 104 12.30 -0.69 -17.83
CA PRO A 104 11.91 -0.50 -19.24
C PRO A 104 12.07 -1.75 -20.09
N SER A 105 12.84 -2.74 -19.63
CA SER A 105 12.99 -3.96 -20.41
C SER A 105 11.69 -4.76 -20.45
N LYS A 106 11.01 -4.86 -19.31
CA LYS A 106 9.74 -5.59 -19.22
C LYS A 106 8.52 -4.69 -19.36
N ASN A 107 8.70 -3.38 -19.31
CA ASN A 107 7.60 -2.41 -19.38
C ASN A 107 6.55 -2.71 -18.29
N MET A 108 7.03 -2.69 -17.04
CA MET A 108 6.19 -3.00 -15.90
C MET A 108 6.61 -2.13 -14.72
N PHE A 109 5.71 -2.02 -13.75
CA PHE A 109 6.01 -1.40 -12.47
C PHE A 109 6.41 -2.49 -11.48
N GLU A 110 7.67 -2.49 -11.08
CA GLU A 110 8.16 -3.46 -10.11
C GLU A 110 7.96 -2.89 -8.71
N LYS A 111 7.13 -3.55 -7.91
CA LYS A 111 6.92 -3.13 -6.54
C LYS A 111 8.17 -3.44 -5.73
N ILE A 112 8.91 -2.39 -5.38
CA ILE A 112 10.17 -2.59 -4.66
C ILE A 112 9.91 -2.72 -3.15
N HIS A 113 8.98 -1.93 -2.62
CA HIS A 113 8.67 -1.97 -1.20
C HIS A 113 7.20 -1.73 -0.98
N GLN A 114 6.65 -2.36 0.07
CA GLN A 114 5.25 -2.23 0.42
C GLN A 114 5.13 -2.44 1.93
N GLU A 115 4.86 -1.37 2.67
CA GLU A 115 4.85 -1.42 4.12
C GLU A 115 3.47 -1.06 4.66
N THR A 116 3.01 -1.82 5.65
CA THR A 116 1.67 -1.72 6.19
C THR A 116 1.69 -0.93 7.50
N PHE A 117 0.65 -0.12 7.71
CA PHE A 117 0.60 0.71 8.92
C PHE A 117 -0.81 0.93 9.46
N GLY A 118 -1.82 0.74 8.62
CA GLY A 118 -3.18 0.99 9.07
C GLY A 118 -4.22 0.21 8.31
N LYS A 119 -5.49 0.57 8.50
CA LYS A 119 -6.61 -0.07 7.83
C LYS A 119 -6.86 0.59 6.47
N SER A 120 -7.75 -0.02 5.70
CA SER A 120 -8.03 0.44 4.34
C SER A 120 -9.13 1.51 4.35
N GLY A 121 -9.32 2.11 3.18
CA GLY A 121 -10.30 3.15 3.00
C GLY A 121 -9.68 4.54 3.05
N CYS A 122 -10.41 5.51 2.50
CA CYS A 122 -10.03 6.92 2.60
C CYS A 122 -10.45 7.43 3.98
N ARG A 123 -9.69 7.01 4.99
CA ARG A 123 -10.06 7.24 6.37
C ARG A 123 -9.61 8.63 6.84
N ARG A 124 -10.13 9.02 8.00
CA ARG A 124 -9.90 10.37 8.52
C ARG A 124 -8.52 10.48 9.20
N ILE A 125 -8.14 9.48 9.98
CA ILE A 125 -6.91 9.51 10.76
C ILE A 125 -5.87 8.52 10.25
N VAL A 126 -6.16 7.76 9.21
CA VAL A 126 -5.18 6.80 8.70
C VAL A 126 -4.39 7.47 7.57
N PRO A 127 -3.06 7.50 7.66
CA PRO A 127 -2.27 8.23 6.66
C PRO A 127 -2.46 7.67 5.26
N GLY A 128 -2.34 8.55 4.27
CA GLY A 128 -2.48 8.18 2.88
C GLY A 128 -2.79 9.37 2.00
N GLN A 129 -3.47 10.37 2.57
CA GLN A 129 -3.90 11.52 1.78
C GLN A 129 -2.72 12.38 1.35
N PHE A 130 -1.75 12.59 2.23
CA PHE A 130 -0.62 13.48 1.97
C PHE A 130 0.67 12.69 1.94
N LEU A 131 1.54 13.05 1.01
CA LEU A 131 2.85 12.42 0.86
C LEU A 131 3.88 13.50 0.61
N ALA A 132 5.03 13.40 1.29
CA ALA A 132 6.09 14.38 1.14
C ALA A 132 7.43 13.72 1.35
N VAL A 133 8.38 13.97 0.44
CA VAL A 133 9.66 13.31 0.48
C VAL A 133 10.76 14.35 0.66
N ASP A 134 11.82 13.95 1.35
CA ASP A 134 13.00 14.79 1.47
C ASP A 134 13.66 14.96 0.11
N PRO A 135 14.10 16.18 -0.25
CA PRO A 135 14.61 16.39 -1.61
C PRO A 135 15.83 15.55 -1.96
N LYS A 136 16.63 15.16 -0.97
CA LYS A 136 17.79 14.31 -1.22
C LYS A 136 17.42 12.82 -1.19
N GLY A 137 16.15 12.49 -1.00
CA GLY A 137 15.70 11.11 -1.01
C GLY A 137 16.06 10.31 0.21
N ARG A 138 16.36 10.97 1.33
CA ARG A 138 16.78 10.26 2.53
C ARG A 138 15.61 9.66 3.28
N ALA A 139 14.43 10.28 3.20
CA ALA A 139 13.28 9.81 3.96
C ALA A 139 12.01 10.31 3.30
N VAL A 140 10.91 9.63 3.59
CA VAL A 140 9.60 9.98 3.07
C VAL A 140 8.61 10.01 4.23
N MET A 141 7.50 10.71 4.03
CA MET A 141 6.51 10.91 5.08
C MET A 141 5.12 10.79 4.48
N ILE A 142 4.30 9.96 5.10
CA ILE A 142 2.89 9.81 4.73
C ILE A 142 2.06 10.36 5.87
N SER A 143 0.90 10.94 5.52
CA SER A 143 0.14 11.64 6.53
C SER A 143 -1.34 11.64 6.19
N ALA A 144 -2.16 11.56 7.23
CA ALA A 144 -3.60 11.70 7.12
C ALA A 144 -4.00 13.18 7.23
N ILE A 145 -5.29 13.44 7.07
CA ILE A 145 -5.79 14.79 7.28
C ILE A 145 -5.88 15.12 8.77
N GLU A 146 -5.85 14.12 9.65
CA GLU A 146 -5.98 14.36 11.07
C GLU A 146 -5.05 13.47 11.88
N LYS A 147 -4.37 14.08 12.85
CA LYS A 147 -3.65 13.39 13.92
C LYS A 147 -2.41 12.66 13.44
N GLN A 148 -2.59 11.51 12.78
CA GLN A 148 -1.49 10.59 12.57
C GLN A 148 -0.60 11.01 11.41
N LYS A 149 0.71 10.82 11.58
CA LYS A 149 1.71 11.06 10.56
C LYS A 149 2.81 10.03 10.76
N LEU A 150 3.38 9.54 9.66
CA LEU A 150 4.40 8.50 9.72
C LEU A 150 5.56 8.85 8.81
N VAL A 151 6.77 8.48 9.23
CA VAL A 151 8.00 8.77 8.50
C VAL A 151 8.76 7.48 8.32
N TYR A 152 9.23 7.23 7.09
CA TYR A 152 10.06 6.09 6.76
C TYR A 152 11.42 6.59 6.29
N ILE A 153 12.47 5.88 6.67
CA ILE A 153 13.85 6.23 6.32
C ILE A 153 14.31 5.35 5.17
N LEU A 154 14.83 5.97 4.11
CA LEU A 154 15.24 5.28 2.90
C LEU A 154 16.76 5.22 2.83
N ASN A 155 17.28 4.12 2.29
CA ASN A 155 18.72 3.95 2.15
C ASN A 155 18.97 2.95 1.02
N ARG A 156 20.23 2.54 0.85
CA ARG A 156 20.59 1.48 -0.08
C ARG A 156 21.48 0.48 0.64
N ASP A 157 21.67 -0.68 0.00
CA ASP A 157 22.49 -1.75 0.56
C ASP A 157 23.77 -1.91 -0.27
N ALA A 158 24.43 -3.06 -0.12
CA ALA A 158 25.64 -3.32 -0.89
C ALA A 158 25.34 -3.40 -2.38
N ALA A 159 24.26 -4.11 -2.75
CA ALA A 159 23.88 -4.29 -4.15
C ALA A 159 23.10 -3.11 -4.72
N ALA A 160 23.14 -1.94 -4.06
CA ALA A 160 22.50 -0.73 -4.54
C ALA A 160 20.99 -0.87 -4.68
N ARG A 161 20.38 -1.73 -3.86
CA ARG A 161 18.94 -1.89 -3.87
C ARG A 161 18.33 -1.08 -2.74
N LEU A 162 17.24 -0.38 -3.05
CA LEU A 162 16.60 0.50 -2.08
C LEU A 162 16.09 -0.29 -0.88
N THR A 163 16.26 0.30 0.30
CA THR A 163 15.80 -0.27 1.55
C THR A 163 14.98 0.76 2.31
N ILE A 164 13.96 0.27 3.03
CA ILE A 164 13.08 1.09 3.85
C ILE A 164 13.11 0.56 5.28
N SER A 165 12.93 1.47 6.23
CA SER A 165 13.04 1.19 7.65
C SER A 165 11.67 1.07 8.30
N SER A 166 11.65 0.92 9.62
CA SER A 166 10.41 0.93 10.35
C SER A 166 9.85 2.35 10.39
N PRO A 167 8.56 2.50 10.61
CA PRO A 167 7.97 3.85 10.67
C PRO A 167 8.37 4.56 11.95
N LEU A 168 8.37 5.89 11.87
CA LEU A 168 8.61 6.75 13.03
C LEU A 168 7.37 7.61 13.24
N GLU A 169 6.74 7.46 14.39
CA GLU A 169 5.47 8.12 14.65
C GLU A 169 5.67 9.61 14.90
N ALA A 170 4.79 10.42 14.30
CA ALA A 170 4.81 11.86 14.47
C ALA A 170 3.37 12.40 14.53
N HIS A 171 2.60 11.87 15.47
CA HIS A 171 1.19 12.22 15.58
C HIS A 171 1.01 13.40 16.53
N LYS A 172 -0.11 14.09 16.36
CA LYS A 172 -0.49 15.20 17.25
C LYS A 172 -2.01 15.30 17.24
N ALA A 173 -2.64 14.95 18.35
CA ALA A 173 -4.09 14.81 18.40
C ALA A 173 -4.78 16.13 18.14
N ASN A 174 -6.06 16.05 17.75
CA ASN A 174 -6.93 17.19 17.54
C ASN A 174 -6.33 18.18 16.52
N THR A 175 -5.65 17.67 15.52
CA THR A 175 -4.93 18.50 14.56
C THR A 175 -5.31 18.11 13.13
N LEU A 176 -5.58 19.12 12.31
CA LEU A 176 -5.86 18.92 10.89
C LEU A 176 -4.58 19.15 10.09
N VAL A 177 -4.62 18.80 8.81
CA VAL A 177 -3.48 19.01 7.91
C VAL A 177 -4.02 19.49 6.56
N TYR A 178 -3.58 20.68 6.15
CA TYR A 178 -3.95 21.23 4.84
C TYR A 178 -3.00 20.78 3.73
N HIS A 179 -1.72 20.58 4.07
CA HIS A 179 -0.70 20.18 3.12
C HIS A 179 0.61 19.89 3.85
N VAL A 180 1.43 19.01 3.30
CA VAL A 180 2.74 18.67 3.84
C VAL A 180 3.75 18.68 2.69
N VAL A 181 4.95 19.20 2.94
CA VAL A 181 5.99 19.17 1.92
C VAL A 181 7.35 19.21 2.59
N GLY A 182 8.32 18.55 1.95
CA GLY A 182 9.65 18.45 2.53
C GLY A 182 10.50 19.68 2.25
N VAL A 183 11.23 20.13 3.26
CA VAL A 183 12.09 21.29 3.17
C VAL A 183 13.47 20.86 2.72
N ASP A 184 14.04 21.58 1.75
CA ASP A 184 15.38 21.28 1.25
C ASP A 184 16.39 21.88 2.22
N VAL A 185 16.74 21.10 3.24
CA VAL A 185 17.70 21.56 4.24
C VAL A 185 19.11 21.12 3.86
N GLY A 186 19.36 20.93 2.56
CA GLY A 186 20.61 20.39 2.12
C GLY A 186 20.82 18.97 2.61
N PHE A 187 21.88 18.74 3.38
CA PHE A 187 22.12 17.44 3.99
C PHE A 187 22.05 17.50 5.50
N GLU A 188 21.40 18.52 6.06
CA GLU A 188 21.05 18.52 7.47
C GLU A 188 19.98 17.47 7.74
N ASN A 189 19.59 17.35 8.99
CA ASN A 189 18.51 16.44 9.35
C ASN A 189 17.23 16.81 8.59
N PRO A 190 16.58 15.87 7.91
CA PRO A 190 15.45 16.22 7.06
C PRO A 190 14.32 16.86 7.86
N MET A 191 13.55 17.70 7.18
CA MET A 191 12.51 18.48 7.82
C MET A 191 11.31 18.57 6.90
N PHE A 192 10.12 18.62 7.50
CA PHE A 192 8.86 18.65 6.76
C PHE A 192 7.99 19.78 7.29
N ALA A 193 7.51 20.63 6.39
CA ALA A 193 6.61 21.73 6.74
C ALA A 193 5.16 21.28 6.54
N CYS A 194 4.34 21.55 7.55
CA CYS A 194 2.94 21.12 7.57
C CYS A 194 2.04 22.29 7.89
N LEU A 195 0.93 22.39 7.16
CA LEU A 195 -0.12 23.37 7.44
C LEU A 195 -1.18 22.71 8.29
N GLU A 196 -1.31 23.14 9.55
CA GLU A 196 -2.13 22.46 10.52
C GLU A 196 -3.10 23.43 11.17
N MET A 197 -4.05 22.88 11.92
CA MET A 197 -5.02 23.66 12.68
C MET A 197 -5.59 22.80 13.79
N ASP A 198 -5.59 23.33 15.01
CA ASP A 198 -6.08 22.61 16.18
C ASP A 198 -7.52 23.00 16.44
N TYR A 199 -8.40 22.00 16.55
CA TYR A 199 -9.83 22.23 16.75
C TYR A 199 -10.28 21.94 18.17
N GLU A 200 -9.37 21.56 19.07
CA GLU A 200 -9.77 21.24 20.44
C GLU A 200 -10.47 22.43 21.10
N GLU A 201 -9.93 23.63 20.92
CA GLU A 201 -10.52 24.79 21.57
C GLU A 201 -11.83 25.18 20.93
N ALA A 202 -11.94 25.06 19.60
CA ALA A 202 -13.19 25.39 18.93
C ALA A 202 -14.31 24.45 19.34
N ASP A 203 -13.98 23.20 19.67
CA ASP A 203 -15.01 22.23 20.04
C ASP A 203 -15.56 22.48 21.43
N ASN A 204 -14.76 23.08 22.33
CA ASN A 204 -15.18 23.27 23.71
C ASN A 204 -15.70 24.67 24.00
N ASP A 205 -15.79 25.53 22.98
CA ASP A 205 -16.30 26.88 23.15
C ASP A 205 -17.71 26.98 22.60
N PRO A 206 -18.74 26.83 23.45
CA PRO A 206 -20.12 26.82 22.95
C PRO A 206 -20.61 28.16 22.43
N THR A 207 -19.77 29.20 22.46
CA THR A 207 -20.15 30.50 21.96
C THR A 207 -19.78 30.73 20.51
N GLY A 208 -18.73 30.06 20.02
CA GLY A 208 -18.22 30.28 18.70
C GLY A 208 -17.05 31.23 18.62
N GLU A 209 -16.54 31.70 19.77
CA GLU A 209 -15.38 32.58 19.76
C GLU A 209 -14.13 31.84 19.30
N ALA A 210 -13.90 30.65 19.86
CA ALA A 210 -12.69 29.90 19.53
C ALA A 210 -12.67 29.41 18.09
N ALA A 211 -13.84 29.29 17.45
CA ALA A 211 -13.85 28.90 16.04
C ALA A 211 -13.18 29.96 15.18
N ALA A 212 -13.52 31.24 15.41
CA ALA A 212 -12.91 32.32 14.64
C ALA A 212 -11.53 32.68 15.17
N ASN A 213 -11.28 32.49 16.47
CA ASN A 213 -9.99 32.87 17.04
C ASN A 213 -8.91 31.86 16.67
N THR A 214 -9.29 30.60 16.40
CA THR A 214 -8.31 29.63 15.92
C THR A 214 -7.76 30.07 14.57
N GLN A 215 -6.47 29.81 14.36
CA GLN A 215 -5.79 30.25 13.15
C GLN A 215 -4.89 29.13 12.65
N GLN A 216 -4.65 29.14 11.34
CA GLN A 216 -3.81 28.12 10.72
C GLN A 216 -2.36 28.32 11.12
N THR A 217 -1.67 27.22 11.40
CA THR A 217 -0.28 27.27 11.83
C THR A 217 0.60 26.53 10.83
N LEU A 218 1.82 27.04 10.66
CA LEU A 218 2.86 26.35 9.90
C LEU A 218 3.83 25.73 10.90
N THR A 219 3.93 24.41 10.89
CA THR A 219 4.81 23.70 11.82
C THR A 219 5.90 22.98 11.04
N PHE A 220 7.01 22.74 11.72
CA PHE A 220 8.15 22.05 11.14
C PHE A 220 8.44 20.80 11.96
N TYR A 221 8.49 19.66 11.28
CA TYR A 221 8.85 18.38 11.90
C TYR A 221 10.27 18.04 11.47
N GLU A 222 11.17 17.87 12.43
CA GLU A 222 12.56 17.56 12.16
C GLU A 222 12.84 16.11 12.52
N LEU A 223 13.69 15.47 11.72
CA LEU A 223 14.01 14.05 11.86
C LEU A 223 15.48 13.94 12.28
N ASP A 224 15.71 13.71 13.57
CA ASP A 224 17.07 13.52 14.08
C ASP A 224 17.52 12.12 13.70
N LEU A 225 18.53 12.05 12.83
CA LEU A 225 19.11 10.78 12.42
C LEU A 225 19.99 10.18 13.52
N GLY A 226 20.79 11.03 14.18
CA GLY A 226 21.64 10.53 15.26
C GLY A 226 20.84 9.93 16.39
N LEU A 227 19.80 10.63 16.82
CA LEU A 227 18.87 10.11 17.83
C LEU A 227 17.75 9.29 17.22
N ASN A 228 17.53 9.39 15.91
CA ASN A 228 16.55 8.56 15.19
C ASN A 228 15.14 8.74 15.74
N HIS A 229 14.64 9.98 15.62
CA HIS A 229 13.27 10.26 16.04
C HIS A 229 12.82 11.59 15.47
N VAL A 230 11.50 11.78 15.42
CA VAL A 230 10.89 12.97 14.86
C VAL A 230 10.42 13.87 16.00
N VAL A 231 10.55 15.18 15.81
CA VAL A 231 10.21 16.16 16.84
C VAL A 231 9.62 17.41 16.19
N ARG A 232 8.59 17.96 16.84
CA ARG A 232 8.00 19.23 16.44
C ARG A 232 8.87 20.36 16.97
N LYS A 233 9.64 20.98 16.08
CA LYS A 233 10.60 22.00 16.52
C LYS A 233 9.93 23.36 16.66
N TYR A 234 9.39 23.89 15.56
CA TYR A 234 8.79 25.21 15.56
C TYR A 234 7.38 25.16 14.99
N SER A 235 6.54 26.11 15.43
CA SER A 235 5.18 26.24 14.94
C SER A 235 4.77 27.70 15.05
N GLU A 236 4.51 28.34 13.91
CA GLU A 236 4.19 29.76 13.87
C GLU A 236 2.80 29.96 13.26
N PRO A 237 1.93 30.72 13.90
CA PRO A 237 0.64 31.05 13.28
C PRO A 237 0.81 31.93 12.06
N LEU A 238 -0.23 31.96 11.22
CA LEU A 238 -0.27 32.80 10.04
C LEU A 238 -1.55 33.63 10.06
N GLU A 239 -1.45 34.86 9.57
CA GLU A 239 -2.62 35.73 9.52
C GLU A 239 -3.59 35.28 8.44
N GLU A 240 -3.06 34.80 7.32
CA GLU A 240 -3.86 34.39 6.17
C GLU A 240 -3.91 32.86 6.11
N HIS A 241 -5.12 32.32 5.96
CA HIS A 241 -5.25 30.88 5.80
C HIS A 241 -4.78 30.46 4.42
N GLY A 242 -3.88 29.48 4.38
CA GLY A 242 -3.24 29.06 3.15
C GLY A 242 -3.69 27.68 2.73
N ASN A 243 -3.74 27.46 1.41
CA ASN A 243 -4.22 26.19 0.88
C ASN A 243 -3.11 25.16 0.70
N PHE A 244 -1.94 25.55 0.19
CA PHE A 244 -0.86 24.59 0.01
C PHE A 244 0.49 25.29 0.05
N LEU A 245 1.53 24.48 -0.11
CA LEU A 245 2.92 24.88 0.06
C LEU A 245 3.73 24.59 -1.20
N ILE A 246 4.90 25.22 -1.26
CA ILE A 246 5.86 25.03 -2.33
C ILE A 246 7.25 24.96 -1.70
N THR A 247 8.00 23.93 -2.06
CA THR A 247 9.37 23.76 -1.61
C THR A 247 10.30 24.51 -2.55
N VAL A 248 11.09 25.43 -2.01
CA VAL A 248 12.05 26.17 -2.84
C VAL A 248 13.41 25.54 -2.63
N PRO A 249 14.30 25.56 -3.62
CA PRO A 249 15.58 24.87 -3.48
C PRO A 249 16.41 25.44 -2.34
N GLY A 250 17.12 24.56 -1.64
CA GLY A 250 17.95 24.99 -0.53
C GLY A 250 19.39 24.51 -0.62
N GLY A 251 20.15 24.70 0.46
CA GLY A 251 21.52 24.24 0.52
C GLY A 251 22.45 25.00 -0.41
N SER A 252 22.99 24.30 -1.42
CA SER A 252 23.92 24.93 -2.34
C SER A 252 23.24 25.98 -3.22
N ASP A 253 21.99 25.76 -3.58
CA ASP A 253 21.24 26.68 -4.43
C ASP A 253 19.95 27.07 -3.71
N GLY A 254 19.85 28.35 -3.34
CA GLY A 254 18.64 28.88 -2.75
C GLY A 254 18.55 28.67 -1.25
N PRO A 255 17.64 29.39 -0.60
CA PRO A 255 17.37 29.16 0.82
C PRO A 255 16.33 28.07 1.03
N SER A 256 16.33 27.50 2.23
CA SER A 256 15.50 26.33 2.50
C SER A 256 14.01 26.65 2.64
N GLY A 257 13.65 27.89 2.99
CA GLY A 257 12.30 28.16 3.47
C GLY A 257 11.20 27.74 2.49
N VAL A 258 9.98 27.68 3.02
CA VAL A 258 8.83 27.25 2.26
C VAL A 258 8.08 28.47 1.74
N LEU A 259 7.24 28.23 0.73
CA LEU A 259 6.34 29.24 0.19
C LEU A 259 4.92 28.79 0.48
N ILE A 260 4.13 29.69 1.04
CA ILE A 260 2.74 29.40 1.40
C ILE A 260 1.84 30.15 0.43
N CYS A 261 0.92 29.44 -0.22
CA CYS A 261 -0.11 30.08 -1.03
C CYS A 261 -1.37 30.22 -0.18
N SER A 262 -1.97 31.41 -0.19
CA SER A 262 -3.16 31.65 0.62
C SER A 262 -4.24 32.30 -0.23
N GLU A 263 -5.25 32.87 0.43
CA GLU A 263 -6.27 33.62 -0.29
C GLU A 263 -5.79 35.06 -0.45
N ASN A 264 -5.52 35.44 -1.70
CA ASN A 264 -5.06 36.76 -2.11
C ASN A 264 -3.60 37.06 -1.75
N TYR A 265 -2.83 36.07 -1.29
CA TYR A 265 -1.45 36.34 -0.91
C TYR A 265 -0.58 35.11 -1.16
N ILE A 266 0.72 35.38 -1.28
CA ILE A 266 1.73 34.32 -1.28
C ILE A 266 2.90 34.80 -0.43
N THR A 267 3.31 33.96 0.53
CA THR A 267 4.30 34.35 1.53
C THR A 267 5.49 33.42 1.49
N TYR A 268 6.69 33.97 1.49
CA TYR A 268 7.88 33.17 1.80
C TYR A 268 8.12 33.25 3.30
N LYS A 269 8.34 32.08 3.91
CA LYS A 269 8.69 32.01 5.32
C LYS A 269 9.79 30.97 5.50
N ASN A 270 10.71 31.26 6.42
CA ASN A 270 11.83 30.37 6.71
C ASN A 270 12.06 30.34 8.21
N PHE A 271 12.57 29.22 8.70
CA PHE A 271 12.91 29.15 10.12
C PHE A 271 14.14 30.01 10.39
N GLY A 272 14.27 30.43 11.65
CA GLY A 272 15.33 31.33 12.03
C GLY A 272 14.92 32.78 11.93
N ASP A 273 15.88 33.68 11.72
CA ASP A 273 15.63 35.11 11.71
C ASP A 273 15.06 35.61 10.39
N GLN A 274 14.82 34.74 9.42
CA GLN A 274 14.25 35.18 8.14
C GLN A 274 12.88 35.81 8.37
N PRO A 275 12.69 37.08 8.00
CA PRO A 275 11.36 37.67 8.07
C PRO A 275 10.44 37.06 7.03
N ASP A 276 9.14 37.18 7.28
CA ASP A 276 8.14 36.70 6.35
C ASP A 276 7.95 37.74 5.25
N ILE A 277 8.16 37.33 4.00
CA ILE A 277 8.01 38.24 2.87
C ILE A 277 6.75 37.82 2.13
N ARG A 278 5.67 38.55 2.33
CA ARG A 278 4.40 38.22 1.67
C ARG A 278 4.07 39.27 0.62
N CYS A 279 3.58 38.80 -0.53
CA CYS A 279 3.19 39.62 -1.64
C CYS A 279 1.75 39.29 -2.04
N PRO A 280 0.92 40.30 -2.28
CA PRO A 280 -0.46 40.03 -2.67
C PRO A 280 -0.54 39.45 -4.07
N ILE A 281 -1.43 38.48 -4.25
CA ILE A 281 -1.64 37.89 -5.58
C ILE A 281 -2.23 38.94 -6.50
N PRO A 282 -1.69 39.13 -7.71
CA PRO A 282 -2.30 40.06 -8.66
C PRO A 282 -3.74 39.69 -8.97
N ARG A 283 -4.52 40.69 -9.37
CA ARG A 283 -5.87 40.46 -9.82
C ARG A 283 -5.91 40.62 -11.33
N ARG A 284 -7.08 40.96 -11.85
CA ARG A 284 -7.27 41.16 -13.28
C ARG A 284 -7.87 42.54 -13.52
N ARG A 285 -7.46 43.18 -14.62
CA ARG A 285 -7.97 44.51 -14.93
C ARG A 285 -9.43 44.41 -15.34
N ASN A 286 -10.28 45.12 -14.61
CA ASN A 286 -11.73 45.16 -14.87
C ASN A 286 -12.30 43.74 -14.87
N ASP A 287 -12.06 43.03 -13.78
CA ASP A 287 -12.51 41.64 -13.68
C ASP A 287 -14.01 41.55 -13.70
N LEU A 288 -14.54 40.65 -14.54
CA LEU A 288 -15.97 40.43 -14.59
C LEU A 288 -16.46 39.62 -13.40
N ASP A 289 -15.55 38.98 -12.68
CA ASP A 289 -15.92 38.17 -11.53
C ASP A 289 -16.41 39.05 -10.39
N ASP A 290 -17.08 38.42 -9.43
CA ASP A 290 -17.65 39.14 -8.31
C ASP A 290 -16.55 39.80 -7.49
N PRO A 291 -16.71 41.06 -7.09
CA PRO A 291 -15.68 41.71 -6.27
C PRO A 291 -15.43 41.01 -4.94
N GLU A 292 -16.48 40.44 -4.34
CA GLU A 292 -16.34 39.83 -3.02
C GLU A 292 -15.51 38.55 -3.07
N ARG A 293 -15.50 37.84 -4.20
CA ARG A 293 -14.77 36.59 -4.29
C ARG A 293 -13.27 36.84 -4.18
N GLY A 294 -12.60 35.97 -3.41
CA GLY A 294 -11.16 36.04 -3.27
C GLY A 294 -10.43 35.45 -4.45
N MET A 295 -9.23 34.93 -4.21
CA MET A 295 -8.40 34.38 -5.26
C MET A 295 -7.29 33.55 -4.63
N ILE A 296 -7.17 32.30 -5.08
CA ILE A 296 -6.14 31.38 -4.61
C ILE A 296 -5.49 30.72 -5.81
N PHE A 297 -4.41 29.99 -5.54
CA PHE A 297 -3.76 29.15 -6.54
C PHE A 297 -4.32 27.73 -6.49
N VAL A 298 -4.11 27.00 -7.59
CA VAL A 298 -4.68 25.66 -7.73
C VAL A 298 -3.56 24.63 -7.84
N CYS A 299 -2.41 25.03 -8.40
CA CYS A 299 -1.29 24.11 -8.57
C CYS A 299 -0.01 24.91 -8.72
N SER A 300 1.11 24.20 -8.74
CA SER A 300 2.43 24.81 -8.80
C SER A 300 3.36 23.91 -9.59
N ALA A 301 4.58 24.40 -9.81
CA ALA A 301 5.62 23.64 -10.50
C ALA A 301 6.97 24.26 -10.15
N THR A 302 8.01 23.45 -10.32
CA THR A 302 9.37 23.86 -9.95
C THR A 302 10.35 23.37 -11.01
N HIS A 303 11.20 24.27 -11.49
CA HIS A 303 12.22 23.93 -12.47
C HIS A 303 13.57 24.47 -12.00
N LYS A 304 14.52 23.56 -11.78
CA LYS A 304 15.85 23.92 -11.32
C LYS A 304 16.85 23.81 -12.46
N THR A 305 17.90 24.62 -12.38
CA THR A 305 18.97 24.64 -13.36
C THR A 305 20.27 24.90 -12.62
N LYS A 306 21.40 24.66 -13.29
CA LYS A 306 22.69 25.00 -12.70
C LYS A 306 22.82 26.50 -12.42
N SER A 307 22.03 27.33 -13.09
CA SER A 307 22.10 28.77 -12.92
C SER A 307 21.03 29.28 -11.96
N MET A 308 19.78 29.30 -12.40
CA MET A 308 18.67 29.89 -11.64
C MET A 308 17.57 28.86 -11.42
N PHE A 309 16.51 29.30 -10.75
CA PHE A 309 15.31 28.51 -10.58
C PHE A 309 14.11 29.45 -10.54
N PHE A 310 12.93 28.90 -10.82
CA PHE A 310 11.71 29.67 -10.84
C PHE A 310 10.53 28.76 -10.50
N PHE A 311 9.36 29.37 -10.36
CA PHE A 311 8.13 28.65 -10.06
C PHE A 311 7.03 29.10 -11.01
N LEU A 312 6.07 28.21 -11.23
CA LEU A 312 4.90 28.51 -12.06
C LEU A 312 3.64 28.23 -11.22
N ALA A 313 2.88 29.28 -10.95
CA ALA A 313 1.71 29.18 -10.09
C ALA A 313 0.47 29.60 -10.86
N GLN A 314 -0.53 28.72 -10.90
CA GLN A 314 -1.77 28.98 -11.63
C GLN A 314 -2.88 29.33 -10.66
N THR A 315 -3.74 30.26 -11.07
CA THR A 315 -4.84 30.74 -10.26
C THR A 315 -6.16 30.06 -10.67
N GLU A 316 -7.22 30.36 -9.90
CA GLU A 316 -8.54 29.80 -10.20
C GLU A 316 -9.02 30.21 -11.58
N GLN A 317 -8.59 31.38 -12.07
CA GLN A 317 -8.97 31.85 -13.39
C GLN A 317 -8.03 31.37 -14.49
N GLY A 318 -7.13 30.45 -14.17
CA GLY A 318 -6.24 29.88 -15.16
C GLY A 318 -5.02 30.71 -15.49
N ASP A 319 -4.78 31.79 -14.76
CA ASP A 319 -3.60 32.62 -15.00
C ASP A 319 -2.37 31.94 -14.40
N ILE A 320 -1.37 31.69 -15.22
CA ILE A 320 -0.08 31.16 -14.77
C ILE A 320 0.88 32.33 -14.61
N PHE A 321 1.46 32.45 -13.43
CA PHE A 321 2.47 33.46 -13.15
C PHE A 321 3.81 32.78 -12.90
N LYS A 322 4.87 33.41 -13.39
CA LYS A 322 6.22 32.99 -13.06
C LYS A 322 6.70 33.74 -11.82
N ILE A 323 7.30 33.02 -10.90
CA ILE A 323 7.73 33.55 -9.61
C ILE A 323 9.22 33.30 -9.47
N THR A 324 9.96 34.36 -9.17
CA THR A 324 11.39 34.28 -8.91
C THR A 324 11.68 34.88 -7.54
N LEU A 325 12.58 34.24 -6.80
CA LEU A 325 13.00 34.72 -5.49
C LEU A 325 14.34 35.41 -5.62
N GLU A 326 14.41 36.67 -5.20
CA GLU A 326 15.66 37.42 -5.20
C GLU A 326 16.25 37.39 -3.80
N THR A 327 17.41 36.74 -3.68
CA THR A 327 18.04 36.50 -2.39
C THR A 327 19.38 37.23 -2.33
N ASP A 328 19.69 37.77 -1.14
CA ASP A 328 20.95 38.46 -0.88
C ASP A 328 21.49 37.98 0.46
N GLU A 329 22.65 37.34 0.44
CA GLU A 329 23.33 36.85 1.64
C GLU A 329 22.41 35.92 2.42
N ASP A 330 22.29 34.68 1.95
CA ASP A 330 21.51 33.61 2.59
C ASP A 330 20.20 34.11 3.18
N MET A 331 19.63 35.14 2.57
CA MET A 331 18.40 35.79 3.01
C MET A 331 17.66 36.23 1.77
N VAL A 332 16.34 36.11 1.77
CA VAL A 332 15.52 36.56 0.66
C VAL A 332 14.87 37.88 1.04
N THR A 333 14.95 38.86 0.15
CA THR A 333 14.38 40.16 0.39
C THR A 333 13.21 40.49 -0.53
N GLU A 334 13.03 39.72 -1.61
CA GLU A 334 12.11 40.10 -2.67
C GLU A 334 11.46 38.85 -3.25
N ILE A 335 10.14 38.93 -3.46
CA ILE A 335 9.41 37.94 -4.23
C ILE A 335 8.87 38.66 -5.47
N ARG A 336 9.23 38.17 -6.64
CA ARG A 336 8.87 38.82 -7.89
C ARG A 336 7.97 37.91 -8.72
N LEU A 337 6.86 38.47 -9.22
CA LEU A 337 5.85 37.74 -9.95
C LEU A 337 5.63 38.40 -11.30
N LYS A 338 5.65 37.60 -12.37
CA LYS A 338 5.45 38.08 -13.72
C LYS A 338 4.38 37.26 -14.41
N TYR A 339 3.56 37.93 -15.23
CA TYR A 339 2.48 37.24 -15.93
C TYR A 339 3.06 36.31 -16.99
N PHE A 340 2.65 35.06 -16.93
CA PHE A 340 2.89 34.10 -17.99
C PHE A 340 1.54 33.84 -18.63
N ASP A 341 1.53 33.30 -19.85
CA ASP A 341 0.26 33.20 -20.56
C ASP A 341 -0.71 32.25 -19.84
N THR A 342 -1.97 32.27 -20.29
CA THR A 342 -3.07 31.64 -19.58
C THR A 342 -3.49 30.34 -20.26
N VAL A 343 -3.70 29.29 -19.47
CA VAL A 343 -4.16 27.99 -19.95
C VAL A 343 -5.38 27.59 -19.13
N PRO A 344 -6.13 26.56 -19.53
CA PRO A 344 -7.24 26.08 -18.68
C PRO A 344 -6.76 25.63 -17.32
N VAL A 345 -7.68 25.68 -16.34
CA VAL A 345 -7.33 25.34 -14.97
C VAL A 345 -6.86 23.90 -14.89
N ALA A 346 -5.68 23.71 -14.30
CA ALA A 346 -5.05 22.40 -14.23
C ALA A 346 -5.01 21.90 -12.79
N ALA A 347 -4.73 20.61 -12.65
CA ALA A 347 -4.52 20.01 -11.34
C ALA A 347 -3.04 19.76 -11.04
N ALA A 348 -2.20 19.70 -12.06
CA ALA A 348 -0.77 19.53 -11.88
C ALA A 348 -0.07 20.02 -13.13
N MET A 349 1.11 20.63 -12.95
CA MET A 349 1.94 21.09 -14.05
C MET A 349 3.33 20.50 -13.91
N CYS A 350 3.96 20.21 -15.05
CA CYS A 350 5.28 19.60 -15.08
C CYS A 350 6.15 20.35 -16.07
N VAL A 351 7.14 21.08 -15.56
CA VAL A 351 8.13 21.76 -16.39
C VAL A 351 9.28 20.79 -16.62
N LEU A 352 9.42 20.33 -17.86
CA LEU A 352 10.43 19.36 -18.21
C LEU A 352 11.67 20.05 -18.77
N LYS A 353 12.82 19.41 -18.57
CA LYS A 353 13.98 19.75 -19.38
C LYS A 353 13.65 19.39 -20.84
N THR A 354 14.52 19.85 -21.75
CA THR A 354 14.28 19.88 -23.19
C THR A 354 13.13 20.82 -23.57
N GLY A 355 12.70 21.68 -22.65
CA GLY A 355 11.83 22.80 -22.97
C GLY A 355 10.40 22.47 -23.37
N PHE A 356 9.65 21.83 -22.48
CA PHE A 356 8.24 21.57 -22.70
C PHE A 356 7.50 21.67 -21.38
N LEU A 357 6.22 22.02 -21.46
CA LEU A 357 5.37 22.13 -20.27
C LEU A 357 4.15 21.23 -20.44
N PHE A 358 3.83 20.46 -19.40
CA PHE A 358 2.69 19.56 -19.41
C PHE A 358 1.60 20.13 -18.52
N VAL A 359 0.41 20.32 -19.08
CA VAL A 359 -0.74 20.85 -18.36
C VAL A 359 -1.82 19.77 -18.35
N ALA A 360 -2.03 19.16 -17.18
CA ALA A 360 -3.09 18.18 -16.98
C ALA A 360 -4.28 18.90 -16.35
N SER A 361 -5.28 19.19 -17.18
CA SER A 361 -6.42 19.99 -16.74
C SER A 361 -7.28 19.21 -15.76
N GLU A 362 -7.89 19.93 -14.81
CA GLU A 362 -8.77 19.30 -13.84
C GLU A 362 -9.99 18.70 -14.51
N PHE A 363 -10.43 19.26 -15.64
CA PHE A 363 -11.50 18.71 -16.45
C PHE A 363 -11.20 19.00 -17.91
N GLY A 364 -11.51 18.02 -18.77
CA GLY A 364 -11.34 18.21 -20.20
C GLY A 364 -9.98 17.75 -20.68
N ASN A 365 -9.70 18.12 -21.92
CA ASN A 365 -8.49 17.66 -22.60
C ASN A 365 -7.24 18.23 -21.92
N HIS A 366 -6.14 17.51 -22.08
CA HIS A 366 -4.84 17.89 -21.54
C HIS A 366 -3.96 18.45 -22.65
N TYR A 367 -2.90 19.16 -22.27
CA TYR A 367 -2.09 19.85 -23.26
C TYR A 367 -0.61 19.67 -22.96
N LEU A 368 0.19 19.61 -24.03
CA LEU A 368 1.64 19.71 -23.98
C LEU A 368 2.05 20.91 -24.81
N TYR A 369 2.67 21.88 -24.14
CA TYR A 369 3.08 23.15 -24.71
C TYR A 369 4.60 23.15 -24.88
N GLN A 370 5.08 23.95 -25.83
CA GLN A 370 6.51 24.19 -25.98
C GLN A 370 6.84 25.61 -25.54
N ILE A 371 7.91 25.75 -24.77
CA ILE A 371 8.37 27.07 -24.34
C ILE A 371 9.07 27.75 -25.52
N ALA A 372 8.83 29.05 -25.66
CA ALA A 372 9.49 29.86 -26.67
C ALA A 372 10.32 30.97 -26.06
N HIS A 373 9.77 31.71 -25.09
CA HIS A 373 10.48 32.76 -24.39
C HIS A 373 10.05 32.74 -22.94
N LEU A 374 11.02 32.75 -22.03
CA LEU A 374 10.72 32.65 -20.61
C LEU A 374 10.10 33.92 -20.03
N GLY A 375 9.98 34.97 -20.82
CA GLY A 375 9.36 36.21 -20.38
C GLY A 375 10.32 37.26 -19.84
N ASP A 376 11.62 37.02 -19.90
CA ASP A 376 12.58 37.99 -19.35
C ASP A 376 12.71 39.20 -20.26
N ASP A 377 12.74 38.99 -21.58
CA ASP A 377 13.05 40.07 -22.51
C ASP A 377 11.87 41.02 -22.69
N ASP A 378 10.65 40.50 -22.69
CA ASP A 378 9.50 41.31 -23.09
C ASP A 378 9.24 42.44 -22.09
N GLU A 379 8.47 43.42 -22.54
CA GLU A 379 8.22 44.65 -21.79
C GLU A 379 7.15 44.48 -20.72
N GLU A 380 6.51 43.32 -20.64
CA GLU A 380 5.41 43.14 -19.69
C GLU A 380 5.89 43.44 -18.27
N PRO A 381 5.09 44.12 -17.46
CA PRO A 381 5.55 44.57 -16.14
C PRO A 381 5.92 43.40 -15.24
N GLU A 382 6.63 43.75 -14.17
CA GLU A 382 7.08 42.81 -13.16
C GLU A 382 6.75 43.37 -11.79
N PHE A 383 6.34 42.51 -10.87
CA PHE A 383 5.79 42.95 -9.60
C PHE A 383 6.51 42.27 -8.46
N SER A 384 6.83 43.06 -7.43
CA SER A 384 7.66 42.58 -6.32
C SER A 384 6.96 42.87 -5.00
N SER A 385 7.48 42.24 -3.94
CA SER A 385 6.90 42.40 -2.60
C SER A 385 7.26 43.73 -1.96
N ALA A 386 8.25 44.44 -2.48
CA ALA A 386 8.69 45.70 -1.89
C ALA A 386 8.00 46.92 -2.47
N MET A 387 7.37 46.79 -3.63
CA MET A 387 6.71 47.93 -4.25
C MET A 387 5.63 48.46 -3.31
N PRO A 388 5.57 49.77 -3.09
CA PRO A 388 4.57 50.32 -2.16
C PRO A 388 3.16 50.10 -2.68
N LEU A 389 2.24 49.82 -1.77
CA LEU A 389 0.85 49.59 -2.14
C LEU A 389 -0.02 49.82 -0.91
N GLU A 390 -1.14 50.50 -1.11
CA GLU A 390 -2.11 50.67 -0.03
C GLU A 390 -2.83 49.34 0.17
N GLU A 391 -3.30 49.12 1.41
CA GLU A 391 -3.75 47.79 1.82
C GLU A 391 -4.82 47.23 0.86
N GLY A 392 -5.81 48.05 0.51
CA GLY A 392 -6.85 47.59 -0.41
C GLY A 392 -6.39 47.51 -1.85
N ASP A 393 -5.52 48.43 -2.27
CA ASP A 393 -4.97 48.37 -3.62
C ASP A 393 -4.20 47.07 -3.83
N THR A 394 -4.29 46.53 -5.04
CA THR A 394 -3.55 45.35 -5.44
C THR A 394 -2.95 45.59 -6.81
N PHE A 395 -2.10 44.67 -7.23
CA PHE A 395 -1.61 44.70 -8.60
C PHE A 395 -2.73 44.31 -9.55
N PHE A 396 -2.62 44.76 -10.80
CA PHE A 396 -3.67 44.49 -11.78
C PHE A 396 -3.05 44.07 -13.11
N PHE A 397 -3.71 43.13 -13.77
CA PHE A 397 -3.17 42.42 -14.92
C PHE A 397 -4.20 42.43 -16.04
N GLN A 398 -3.71 42.39 -17.28
CA GLN A 398 -4.58 42.19 -18.43
C GLN A 398 -4.11 40.96 -19.20
N PRO A 399 -4.94 39.94 -19.36
CA PRO A 399 -4.52 38.74 -20.07
C PRO A 399 -4.42 38.97 -21.57
N ARG A 400 -3.54 38.21 -22.19
CA ARG A 400 -3.32 38.27 -23.63
C ARG A 400 -3.11 36.86 -24.14
N PRO A 401 -3.24 36.64 -25.47
CA PRO A 401 -3.05 35.30 -26.03
C PRO A 401 -1.69 34.67 -25.74
N LEU A 402 -1.51 33.42 -26.15
CA LEU A 402 -0.30 32.67 -25.86
C LEU A 402 0.87 33.21 -26.67
N LYS A 403 1.87 33.76 -25.99
CA LYS A 403 3.08 34.22 -26.64
C LYS A 403 4.32 33.45 -26.20
N ASN A 404 4.43 33.13 -24.91
CA ASN A 404 5.57 32.38 -24.41
C ASN A 404 5.48 30.89 -24.75
N LEU A 405 4.26 30.35 -24.86
CA LEU A 405 4.03 28.92 -25.08
C LEU A 405 3.29 28.68 -26.39
N VAL A 406 3.52 27.50 -26.96
CA VAL A 406 2.87 27.08 -28.19
C VAL A 406 2.37 25.65 -27.99
N LEU A 407 1.13 25.40 -28.40
CA LEU A 407 0.52 24.08 -28.24
C LEU A 407 1.14 23.11 -29.24
N VAL A 408 1.82 22.09 -28.74
CA VAL A 408 2.39 21.06 -29.60
C VAL A 408 1.65 19.73 -29.52
N ASP A 409 0.86 19.49 -28.47
CA ASP A 409 0.03 18.30 -28.46
C ASP A 409 -1.20 18.51 -27.60
N GLU A 410 -2.34 18.00 -28.07
CA GLU A 410 -3.58 18.00 -27.31
C GLU A 410 -4.02 16.55 -27.10
N LEU A 411 -4.16 16.15 -25.85
CA LEU A 411 -4.56 14.80 -25.48
C LEU A 411 -6.04 14.81 -25.10
N ASP A 412 -6.82 13.95 -25.74
CA ASP A 412 -8.27 13.96 -25.57
C ASP A 412 -8.65 13.30 -24.25
N SER A 413 -9.53 13.97 -23.50
CA SER A 413 -10.06 13.45 -22.25
C SER A 413 -11.57 13.58 -22.26
N LEU A 414 -12.28 12.48 -22.03
CA LEU A 414 -13.73 12.52 -21.99
C LEU A 414 -14.26 12.95 -20.64
N SER A 415 -13.41 13.02 -19.62
CA SER A 415 -13.85 13.54 -18.34
C SER A 415 -14.20 15.02 -18.48
N PRO A 416 -15.29 15.48 -17.86
CA PRO A 416 -16.21 14.63 -17.11
C PRO A 416 -17.46 14.30 -17.90
N ILE A 417 -17.80 13.01 -18.01
CA ILE A 417 -18.99 12.60 -18.73
C ILE A 417 -20.22 12.76 -17.84
N LEU A 418 -21.17 13.58 -18.29
CA LEU A 418 -22.40 13.79 -17.54
C LEU A 418 -23.61 13.08 -18.14
N PHE A 419 -23.58 12.75 -19.43
CA PHE A 419 -24.70 11.99 -20.00
C PHE A 419 -24.22 11.23 -21.21
N CYS A 420 -24.83 10.07 -21.47
CA CYS A 420 -24.49 9.29 -22.65
C CYS A 420 -25.71 8.54 -23.16
N GLN A 421 -25.92 8.58 -24.48
CA GLN A 421 -26.94 7.79 -25.15
C GLN A 421 -26.29 7.02 -26.28
N ILE A 422 -26.52 5.71 -26.31
CA ILE A 422 -25.88 4.83 -27.28
C ILE A 422 -26.92 4.48 -28.34
N ALA A 423 -26.70 4.94 -29.57
CA ALA A 423 -27.70 4.72 -30.61
C ALA A 423 -27.07 4.99 -31.96
N ASP A 424 -27.76 4.54 -33.01
CA ASP A 424 -27.29 4.68 -34.39
C ASP A 424 -28.06 5.80 -35.08
N LEU A 425 -27.74 7.02 -34.70
CA LEU A 425 -28.40 8.18 -35.30
C LEU A 425 -27.92 8.38 -36.74
N ALA A 426 -26.61 8.40 -36.95
CA ALA A 426 -26.07 8.34 -38.30
C ALA A 426 -26.37 6.97 -38.90
N ASN A 427 -27.00 6.96 -40.08
CA ASN A 427 -27.35 5.69 -40.71
C ASN A 427 -26.11 4.84 -40.93
N GLU A 428 -25.84 3.97 -39.95
CA GLU A 428 -24.75 3.03 -39.98
C GLU A 428 -25.29 1.70 -39.47
N ASP A 429 -24.45 0.68 -39.41
CA ASP A 429 -24.90 -0.52 -38.72
C ASP A 429 -24.47 -0.52 -37.26
N THR A 430 -23.20 -0.30 -37.01
CA THR A 430 -22.72 -0.18 -35.64
C THR A 430 -23.17 1.16 -35.06
N PRO A 431 -23.84 1.18 -33.91
CA PRO A 431 -24.25 2.44 -33.31
C PRO A 431 -23.06 3.22 -32.76
N GLN A 432 -23.34 4.48 -32.43
CA GLN A 432 -22.33 5.37 -31.88
C GLN A 432 -22.75 5.83 -30.49
N LEU A 433 -21.76 6.21 -29.69
CA LEU A 433 -21.99 6.74 -28.35
C LEU A 433 -22.01 8.26 -28.42
N TYR A 434 -23.12 8.86 -27.99
CA TYR A 434 -23.27 10.31 -27.98
C TYR A 434 -23.13 10.76 -26.54
N VAL A 435 -22.06 11.50 -26.26
CA VAL A 435 -21.57 11.73 -24.90
C VAL A 435 -21.56 13.24 -24.65
N ALA A 436 -22.45 13.70 -23.78
CA ALA A 436 -22.43 15.08 -23.30
C ALA A 436 -21.49 15.12 -22.10
N CYS A 437 -20.35 15.79 -22.27
CA CYS A 437 -19.30 15.83 -21.26
C CYS A 437 -18.68 17.23 -21.29
N GLY A 438 -17.49 17.35 -20.68
CA GLY A 438 -16.83 18.63 -20.56
C GLY A 438 -17.44 19.48 -19.47
N ARG A 439 -16.78 20.61 -19.20
CA ARG A 439 -17.20 21.49 -18.13
C ARG A 439 -17.04 22.94 -18.55
N GLY A 440 -18.00 23.78 -18.14
CA GLY A 440 -17.95 25.20 -18.42
C GLY A 440 -17.90 25.51 -19.90
N PRO A 441 -17.07 26.48 -20.28
CA PRO A 441 -16.90 26.76 -21.72
C PRO A 441 -16.24 25.62 -22.46
N ARG A 442 -15.47 24.78 -21.76
CA ARG A 442 -14.79 23.64 -22.35
C ARG A 442 -15.70 22.41 -22.47
N SER A 443 -17.00 22.59 -22.26
CA SER A 443 -17.95 21.50 -22.44
C SER A 443 -18.05 21.09 -23.90
N SER A 444 -18.52 19.87 -24.12
CA SER A 444 -18.56 19.36 -25.48
C SER A 444 -19.50 18.16 -25.58
N LEU A 445 -20.14 18.03 -26.73
CA LEU A 445 -20.86 16.82 -27.09
C LEU A 445 -20.03 16.06 -28.11
N ARG A 446 -19.71 14.81 -27.81
CA ARG A 446 -18.79 14.03 -28.62
C ARG A 446 -19.47 12.77 -29.13
N VAL A 447 -19.21 12.45 -30.40
CA VAL A 447 -19.66 11.22 -31.02
C VAL A 447 -18.48 10.26 -31.06
N LEU A 448 -18.66 9.07 -30.49
CA LEU A 448 -17.62 8.07 -30.38
C LEU A 448 -18.01 6.82 -31.15
N ARG A 449 -17.09 6.35 -32.00
CA ARG A 449 -17.21 5.13 -32.78
C ARG A 449 -16.04 4.21 -32.46
N HIS A 450 -16.03 3.03 -33.06
CA HIS A 450 -14.97 2.06 -32.80
C HIS A 450 -14.80 1.17 -34.01
N GLY A 451 -13.55 0.75 -34.24
CA GLY A 451 -13.23 -0.12 -35.35
C GLY A 451 -11.75 -0.19 -35.68
N VAL A 465 -10.12 0.37 -28.98
CA VAL A 465 -9.86 1.81 -28.97
C VAL A 465 -11.10 2.53 -29.53
N PHE A 466 -11.35 3.74 -29.05
CA PHE A 466 -12.47 4.55 -29.50
C PHE A 466 -11.96 5.71 -30.34
N ASN A 467 -12.85 6.25 -31.18
CA ASN A 467 -12.57 7.42 -32.01
C ASN A 467 -13.63 8.46 -31.72
N GLN A 468 -13.20 9.71 -31.51
CA GLN A 468 -14.08 10.75 -31.02
C GLN A 468 -14.14 11.93 -31.98
N VAL A 469 -15.31 12.58 -32.01
CA VAL A 469 -15.52 13.84 -32.72
C VAL A 469 -16.25 14.77 -31.77
N ALA A 470 -15.68 15.95 -31.53
CA ALA A 470 -16.16 16.86 -30.51
C ALA A 470 -16.81 18.09 -31.12
N PHE A 471 -17.96 18.48 -30.56
CA PHE A 471 -18.63 19.73 -30.90
C PHE A 471 -18.72 20.58 -29.64
N PRO A 472 -18.22 21.82 -29.64
CA PRO A 472 -18.18 22.61 -28.40
C PRO A 472 -19.55 23.11 -27.99
N LEU A 473 -19.70 23.30 -26.68
CA LEU A 473 -20.94 23.76 -26.07
C LEU A 473 -20.67 24.98 -25.19
N GLN A 474 -21.73 25.74 -24.92
CA GLN A 474 -21.59 26.94 -24.11
C GLN A 474 -21.34 26.60 -22.64
N TYR A 475 -22.31 25.94 -22.01
CA TYR A 475 -22.28 25.65 -20.59
C TYR A 475 -22.16 24.15 -20.35
N THR A 476 -22.08 23.78 -19.08
CA THR A 476 -21.95 22.38 -18.71
C THR A 476 -23.22 21.62 -19.08
N PRO A 477 -23.14 20.60 -19.94
CA PRO A 477 -24.35 19.86 -20.30
C PRO A 477 -24.84 19.03 -19.12
N ARG A 478 -26.16 18.99 -18.94
CA ARG A 478 -26.73 18.20 -17.87
C ARG A 478 -27.55 17.02 -18.36
N LYS A 479 -28.38 17.21 -19.39
CA LYS A 479 -29.19 16.14 -19.95
C LYS A 479 -29.40 16.43 -21.43
N PHE A 480 -29.69 15.39 -22.20
CA PHE A 480 -30.06 15.57 -23.60
C PHE A 480 -30.96 14.43 -24.07
N VAL A 481 -31.94 14.77 -24.89
CA VAL A 481 -32.91 13.82 -25.43
C VAL A 481 -32.82 13.83 -26.94
N ILE A 482 -33.36 12.78 -27.57
CA ILE A 482 -33.29 12.58 -29.00
C ILE A 482 -34.69 12.64 -29.59
N HIS A 483 -34.84 13.40 -30.68
CA HIS A 483 -36.12 13.52 -31.37
C HIS A 483 -36.28 12.37 -32.36
N PRO A 484 -37.35 11.59 -32.27
CA PRO A 484 -37.41 10.35 -33.09
C PRO A 484 -37.53 10.60 -34.59
N GLU A 485 -38.33 11.58 -35.00
CA GLU A 485 -38.54 11.81 -36.43
C GLU A 485 -37.31 12.42 -37.07
N SER A 486 -36.73 13.43 -36.44
CA SER A 486 -35.63 14.19 -37.02
C SER A 486 -34.26 13.70 -36.59
N ASN A 487 -34.18 12.86 -35.56
CA ASN A 487 -32.91 12.34 -35.05
C ASN A 487 -31.99 13.47 -34.57
N ASN A 488 -32.57 14.52 -34.01
CA ASN A 488 -31.83 15.69 -33.54
C ASN A 488 -31.83 15.75 -32.03
N LEU A 489 -30.73 16.22 -31.46
CA LEU A 489 -30.55 16.24 -30.01
C LEU A 489 -31.05 17.55 -29.41
N ILE A 490 -31.78 17.44 -28.30
CA ILE A 490 -32.23 18.59 -27.53
C ILE A 490 -31.45 18.57 -26.21
N ILE A 491 -30.46 19.44 -26.09
CA ILE A 491 -29.55 19.45 -24.96
C ILE A 491 -29.90 20.62 -24.05
N ILE A 492 -29.67 20.44 -22.75
CA ILE A 492 -29.76 21.51 -21.77
C ILE A 492 -28.39 21.70 -21.13
N GLU A 493 -27.92 22.94 -21.10
CA GLU A 493 -26.61 23.28 -20.55
C GLU A 493 -26.84 24.27 -19.42
N THR A 494 -26.56 23.84 -18.19
CA THR A 494 -26.78 24.66 -17.01
C THR A 494 -25.49 24.73 -16.21
N ASP A 495 -25.18 25.92 -15.70
CA ASP A 495 -24.02 26.12 -14.84
C ASP A 495 -24.39 27.05 -13.70
N HIS A 496 -23.77 26.82 -12.56
CA HIS A 496 -23.91 27.65 -11.37
C HIS A 496 -22.73 28.62 -11.32
N ASN A 497 -22.94 29.75 -10.63
CA ASN A 497 -21.90 30.77 -10.50
C ASN A 497 -21.47 31.28 -11.87
N ALA A 498 -22.45 31.58 -12.72
CA ALA A 498 -22.17 31.96 -14.09
C ALA A 498 -23.15 33.02 -14.55
N TYR A 499 -22.76 33.73 -15.60
CA TYR A 499 -23.56 34.79 -16.20
C TYR A 499 -24.17 34.30 -17.51
N THR A 500 -25.33 34.86 -17.85
CA THR A 500 -25.89 34.67 -19.18
C THR A 500 -25.32 35.73 -20.12
N GLU A 501 -25.61 35.58 -21.41
CA GLU A 501 -25.11 36.52 -22.40
C GLU A 501 -25.59 37.94 -22.12
N ALA A 502 -26.90 38.08 -21.87
CA ALA A 502 -27.47 39.41 -21.64
C ALA A 502 -26.87 40.05 -20.39
N THR A 503 -26.79 39.30 -19.29
CA THR A 503 -26.23 39.86 -18.07
C THR A 503 -24.73 40.14 -18.22
N LYS A 504 -24.02 39.32 -19.00
CA LYS A 504 -22.63 39.61 -19.28
C LYS A 504 -22.48 40.99 -19.94
N ALA A 505 -23.23 41.21 -21.03
CA ALA A 505 -23.15 42.48 -21.73
C ALA A 505 -23.58 43.64 -20.82
N GLN A 506 -24.61 43.41 -20.00
CA GLN A 506 -25.09 44.47 -19.11
C GLN A 506 -24.03 44.85 -18.08
N ARG A 507 -23.40 43.86 -17.45
CA ARG A 507 -22.37 44.17 -16.46
C ARG A 507 -21.16 44.82 -17.11
N LYS A 508 -20.81 44.40 -18.32
CA LYS A 508 -19.71 45.05 -19.03
C LYS A 508 -20.02 46.51 -19.28
N GLN A 509 -21.26 46.81 -19.69
CA GLN A 509 -21.65 48.20 -19.91
C GLN A 509 -21.64 49.00 -18.61
N GLN A 510 -22.08 48.38 -17.51
CA GLN A 510 -22.03 49.07 -16.22
C GLN A 510 -20.61 49.41 -15.82
N MET A 511 -19.68 48.47 -16.00
CA MET A 511 -18.29 48.72 -15.67
C MET A 511 -17.72 49.83 -16.55
N ALA A 512 -18.11 49.85 -17.83
CA ALA A 512 -17.69 50.95 -18.69
C ALA A 512 -18.27 52.28 -18.23
N GLU A 513 -19.52 52.27 -17.73
CA GLU A 513 -20.17 53.51 -17.34
C GLU A 513 -19.53 54.12 -16.09
N GLU A 514 -19.21 53.30 -15.10
CA GLU A 514 -18.46 53.85 -13.96
C GLU A 514 -16.98 53.99 -14.25
N MET A 515 -16.50 53.44 -15.37
CA MET A 515 -15.14 53.73 -15.81
C MET A 515 -15.01 55.18 -16.26
N VAL A 516 -16.01 55.70 -16.97
CA VAL A 516 -15.97 57.08 -17.45
C VAL A 516 -15.97 58.04 -16.26
N GLU A 517 -16.92 57.86 -15.35
CA GLU A 517 -16.97 58.69 -14.16
C GLU A 517 -15.73 58.49 -13.32
N ALA A 518 -15.32 59.55 -12.62
CA ALA A 518 -14.11 59.56 -11.80
C ALA A 518 -12.88 59.19 -12.65
N ARG A 524 -8.32 64.38 -18.38
CA ARG A 524 -8.09 62.98 -18.66
C ARG A 524 -8.89 62.54 -19.89
N GLU A 525 -9.93 61.74 -19.66
CA GLU A 525 -10.92 61.36 -20.66
C GLU A 525 -10.32 60.59 -21.85
N LEU A 526 -9.16 59.98 -21.66
CA LEU A 526 -8.79 58.84 -22.51
C LEU A 526 -9.44 57.56 -22.02
N ALA A 527 -10.02 57.61 -20.81
CA ALA A 527 -10.69 56.44 -20.24
C ALA A 527 -11.92 56.05 -21.05
N ALA A 528 -12.52 57.00 -21.78
CA ALA A 528 -13.61 56.63 -22.68
C ALA A 528 -13.11 55.72 -23.79
N GLU A 529 -11.95 56.05 -24.38
CA GLU A 529 -11.35 55.18 -25.38
C GLU A 529 -10.94 53.84 -24.77
N MET A 530 -10.40 53.87 -23.55
CA MET A 530 -10.01 52.61 -22.90
C MET A 530 -11.23 51.72 -22.63
N ALA A 531 -12.35 52.32 -22.22
CA ALA A 531 -13.56 51.54 -21.98
C ALA A 531 -14.13 51.01 -23.29
N ALA A 532 -14.04 51.80 -24.37
CA ALA A 532 -14.48 51.30 -25.67
C ALA A 532 -13.63 50.11 -26.11
N ALA A 533 -12.32 50.18 -25.86
CA ALA A 533 -11.45 49.05 -26.19
C ALA A 533 -11.78 47.82 -25.33
N PHE A 534 -12.08 48.05 -24.05
CA PHE A 534 -12.48 46.94 -23.18
C PHE A 534 -13.77 46.30 -23.66
N LEU A 535 -14.74 47.11 -24.10
CA LEU A 535 -16.01 46.56 -24.55
C LEU A 535 -15.86 45.83 -25.88
N ASN A 536 -15.10 46.40 -26.82
CA ASN A 536 -14.91 45.76 -28.11
C ASN A 536 -14.06 44.49 -28.01
N GLU A 537 -13.44 44.24 -26.86
CA GLU A 537 -12.65 43.03 -26.64
C GLU A 537 -13.48 42.04 -25.84
N ASN A 538 -13.75 40.88 -26.43
CA ASN A 538 -14.47 39.79 -25.76
C ASN A 538 -13.49 38.63 -25.61
N LEU A 539 -13.06 38.38 -24.37
CA LEU A 539 -12.12 37.30 -24.13
C LEU A 539 -12.77 35.96 -24.44
N PRO A 540 -12.14 35.12 -25.27
CA PRO A 540 -12.67 33.76 -25.49
C PRO A 540 -12.80 33.01 -24.18
N GLU A 541 -14.04 32.70 -23.77
CA GLU A 541 -14.27 32.07 -22.48
C GLU A 541 -13.63 30.70 -22.37
N SER A 542 -13.31 30.07 -23.50
CA SER A 542 -12.73 28.73 -23.47
C SER A 542 -11.35 28.74 -22.82
N ILE A 543 -10.50 29.69 -23.19
CA ILE A 543 -9.12 29.72 -22.73
C ILE A 543 -8.92 30.61 -21.52
N PHE A 544 -9.59 31.77 -21.48
CA PHE A 544 -9.41 32.70 -20.36
C PHE A 544 -10.44 32.50 -19.26
N GLY A 545 -11.31 31.51 -19.36
CA GLY A 545 -12.28 31.22 -18.34
C GLY A 545 -13.62 31.91 -18.58
N ALA A 546 -14.66 31.37 -17.96
CA ALA A 546 -15.94 32.05 -18.09
C ALA A 546 -16.15 33.00 -16.92
N PRO A 547 -16.79 34.15 -17.17
CA PRO A 547 -17.11 35.08 -16.07
C PRO A 547 -17.83 34.38 -14.94
N LYS A 548 -17.19 34.31 -13.77
CA LYS A 548 -17.69 33.58 -12.62
C LYS A 548 -18.04 34.58 -11.53
N ALA A 549 -19.33 34.73 -11.23
CA ALA A 549 -19.72 35.66 -10.18
C ALA A 549 -21.09 35.28 -9.64
N GLY A 550 -21.18 35.05 -8.33
CA GLY A 550 -22.45 34.87 -7.68
C GLY A 550 -22.62 33.57 -6.92
N ASN A 551 -23.17 33.66 -5.71
CA ASN A 551 -23.49 32.45 -4.96
C ASN A 551 -24.65 31.70 -5.62
N GLY A 552 -25.73 32.40 -5.94
CA GLY A 552 -26.91 31.74 -6.47
C GLY A 552 -27.23 32.10 -7.90
N GLN A 553 -26.26 32.64 -8.62
CA GLN A 553 -26.48 33.02 -10.01
C GLN A 553 -26.31 31.80 -10.91
N TRP A 554 -27.26 31.61 -11.82
CA TRP A 554 -27.29 30.45 -12.70
C TRP A 554 -27.39 30.89 -14.15
N ALA A 555 -26.79 30.10 -15.03
CA ALA A 555 -26.91 30.31 -16.48
C ALA A 555 -27.42 29.04 -17.11
N SER A 556 -28.42 29.18 -17.98
CA SER A 556 -29.07 28.02 -18.59
C SER A 556 -29.35 28.28 -20.05
N VAL A 557 -29.12 27.26 -20.88
CA VAL A 557 -29.29 27.35 -22.33
C VAL A 557 -29.91 26.07 -22.84
N ILE A 558 -30.99 26.18 -23.61
CA ILE A 558 -31.56 25.06 -24.34
C ILE A 558 -31.01 25.10 -25.76
N ARG A 559 -30.61 23.95 -26.28
CA ARG A 559 -29.94 23.90 -27.58
C ARG A 559 -30.48 22.74 -28.39
N VAL A 560 -30.58 22.95 -29.70
CA VAL A 560 -30.92 21.89 -30.64
C VAL A 560 -29.72 21.69 -31.55
N MET A 561 -29.31 20.43 -31.73
CA MET A 561 -28.09 20.14 -32.47
C MET A 561 -28.27 18.89 -33.30
N ASN A 562 -27.79 18.94 -34.54
CA ASN A 562 -27.82 17.78 -35.41
C ASN A 562 -26.63 16.88 -35.10
N PRO A 563 -26.83 15.57 -34.93
CA PRO A 563 -25.69 14.69 -34.61
C PRO A 563 -24.62 14.65 -35.69
N ILE A 564 -25.00 14.67 -36.96
CA ILE A 564 -24.04 14.40 -38.03
C ILE A 564 -23.02 15.53 -38.13
N GLN A 565 -23.50 16.77 -38.15
CA GLN A 565 -22.66 17.94 -38.30
C GLN A 565 -22.60 18.70 -36.98
N GLY A 566 -21.53 19.48 -36.80
CA GLY A 566 -21.36 20.22 -35.56
C GLY A 566 -22.25 21.44 -35.45
N ASN A 567 -23.33 21.47 -36.23
CA ASN A 567 -24.18 22.66 -36.32
C ASN A 567 -25.17 22.71 -35.17
N THR A 568 -25.59 23.93 -34.84
CA THR A 568 -26.63 24.18 -33.84
C THR A 568 -27.83 24.78 -34.56
N LEU A 569 -28.95 24.04 -34.56
CA LEU A 569 -30.12 24.48 -35.31
C LEU A 569 -30.84 25.63 -34.62
N ASP A 570 -30.96 25.60 -33.29
CA ASP A 570 -31.66 26.65 -32.57
C ASP A 570 -31.16 26.68 -31.13
N LEU A 571 -31.40 27.83 -30.48
CA LEU A 571 -30.95 28.01 -29.11
C LEU A 571 -31.92 28.95 -28.39
N VAL A 572 -32.12 28.67 -27.10
CA VAL A 572 -32.93 29.50 -26.21
C VAL A 572 -32.11 29.82 -24.97
N GLN A 573 -32.21 31.06 -24.52
CA GLN A 573 -31.56 31.52 -23.30
C GLN A 573 -32.61 31.77 -22.23
N LEU A 574 -32.26 31.50 -20.98
CA LEU A 574 -33.16 31.70 -19.86
C LEU A 574 -32.57 32.69 -18.87
N GLU A 575 -33.39 33.07 -17.89
CA GLU A 575 -33.08 34.19 -17.01
C GLU A 575 -31.87 33.88 -16.13
N GLN A 576 -31.39 34.93 -15.45
CA GLN A 576 -30.16 34.87 -14.66
C GLN A 576 -30.27 34.01 -13.41
N ASN A 577 -31.49 33.63 -13.02
CA ASN A 577 -31.66 32.76 -11.86
C ASN A 577 -32.44 31.50 -12.22
N GLU A 578 -32.50 31.17 -13.50
CA GLU A 578 -33.26 30.02 -14.00
C GLU A 578 -32.28 28.93 -14.42
N ALA A 579 -32.40 27.76 -13.82
CA ALA A 579 -31.44 26.67 -14.02
C ALA A 579 -32.17 25.42 -14.48
N ALA A 580 -31.82 24.92 -15.66
CA ALA A 580 -32.51 23.76 -16.21
C ALA A 580 -31.89 22.46 -15.70
N PHE A 581 -32.73 21.52 -15.29
CA PHE A 581 -32.28 20.23 -14.80
C PHE A 581 -32.99 19.04 -15.41
N SER A 582 -34.04 19.24 -16.19
CA SER A 582 -34.77 18.14 -16.80
C SER A 582 -35.29 18.57 -18.16
N VAL A 583 -35.32 17.63 -19.10
CA VAL A 583 -35.74 17.90 -20.47
C VAL A 583 -36.33 16.63 -21.05
N ALA A 584 -37.31 16.79 -21.94
CA ALA A 584 -37.93 15.65 -22.61
C ALA A 584 -38.59 16.11 -23.88
N VAL A 585 -38.54 15.25 -24.89
CA VAL A 585 -39.26 15.43 -26.15
C VAL A 585 -40.37 14.38 -26.20
N CYS A 586 -41.60 14.82 -26.44
CA CYS A 586 -42.73 13.92 -26.35
C CYS A 586 -43.85 14.38 -27.27
N ARG A 587 -44.90 13.57 -27.31
CA ARG A 587 -46.15 13.85 -28.00
C ARG A 587 -47.27 13.83 -26.98
N PHE A 588 -48.44 14.33 -27.37
CA PHE A 588 -49.59 14.34 -26.49
C PHE A 588 -50.81 13.83 -27.23
N SER A 589 -51.65 13.08 -26.51
CA SER A 589 -52.93 12.65 -27.06
C SER A 589 -53.94 13.79 -27.09
N ASN A 590 -53.76 14.79 -26.21
CA ASN A 590 -54.59 15.99 -26.27
C ASN A 590 -54.50 16.66 -27.63
N THR A 591 -53.35 16.56 -28.29
CA THR A 591 -53.11 17.28 -29.55
C THR A 591 -52.26 16.43 -30.49
N GLY A 592 -52.94 15.75 -31.41
CA GLY A 592 -52.37 15.08 -32.57
C GLY A 592 -50.98 14.47 -32.50
N GLU A 593 -50.26 14.55 -33.63
CA GLU A 593 -48.92 13.98 -33.75
C GLU A 593 -47.83 15.04 -33.81
N ASP A 594 -48.17 16.30 -33.58
CA ASP A 594 -47.15 17.34 -33.47
C ASP A 594 -46.40 17.19 -32.15
N TRP A 595 -45.09 17.39 -32.20
CA TRP A 595 -44.22 17.14 -31.06
C TRP A 595 -44.23 18.31 -30.08
N TYR A 596 -43.60 18.08 -28.92
CA TYR A 596 -43.47 19.10 -27.89
C TYR A 596 -42.20 18.81 -27.09
N VAL A 597 -41.65 19.86 -26.48
CA VAL A 597 -40.43 19.76 -25.70
C VAL A 597 -40.67 20.44 -24.36
N LEU A 598 -40.45 19.70 -23.27
CA LEU A 598 -40.67 20.22 -21.92
C LEU A 598 -39.33 20.31 -21.20
N VAL A 599 -39.07 21.45 -20.58
CA VAL A 599 -37.82 21.70 -19.88
C VAL A 599 -38.12 22.16 -18.45
N GLY A 600 -37.48 21.53 -17.47
CA GLY A 600 -37.69 21.84 -16.07
C GLY A 600 -36.61 22.77 -15.55
N VAL A 601 -37.03 23.80 -14.82
CA VAL A 601 -36.15 24.89 -14.42
C VAL A 601 -36.41 25.22 -12.97
N ALA A 602 -35.36 25.56 -12.23
CA ALA A 602 -35.46 26.04 -10.85
C ALA A 602 -35.11 27.52 -10.79
N LYS A 603 -35.68 28.21 -9.80
CA LYS A 603 -35.45 29.64 -9.57
C LYS A 603 -34.83 29.86 -8.20
N ASP A 604 -33.75 30.64 -8.16
CA ASP A 604 -33.09 31.04 -6.91
C ASP A 604 -32.64 29.82 -6.10
N LEU A 605 -31.92 28.92 -6.74
CA LEU A 605 -31.44 27.71 -6.10
C LEU A 605 -30.13 27.99 -5.38
N ILE A 606 -30.12 27.83 -4.06
CA ILE A 606 -28.93 27.93 -3.25
C ILE A 606 -28.53 26.51 -2.85
N LEU A 607 -27.29 26.13 -3.15
CA LEU A 607 -26.87 24.75 -2.90
C LEU A 607 -26.64 24.49 -1.41
N ASN A 608 -25.82 25.32 -0.76
CA ASN A 608 -25.47 25.12 0.64
C ASN A 608 -25.54 26.47 1.34
N PRO A 609 -26.46 26.67 2.31
CA PRO A 609 -27.52 25.73 2.67
C PRO A 609 -28.64 25.73 1.62
N ARG A 610 -29.38 24.63 1.49
CA ARG A 610 -30.35 24.53 0.41
C ARG A 610 -31.55 25.45 0.63
N SER A 611 -31.95 26.13 -0.43
CA SER A 611 -33.08 27.05 -0.39
C SER A 611 -33.42 27.38 -1.82
N VAL A 612 -34.69 27.19 -2.18
CA VAL A 612 -35.16 27.43 -3.54
C VAL A 612 -36.50 28.13 -3.48
N ALA A 613 -36.75 29.05 -4.41
CA ALA A 613 -38.02 29.76 -4.47
C ALA A 613 -39.10 28.91 -5.12
N GLY A 614 -38.79 28.31 -6.27
CA GLY A 614 -39.74 27.46 -6.94
C GLY A 614 -39.17 26.98 -8.25
N GLY A 615 -40.06 26.58 -9.16
CA GLY A 615 -39.62 26.11 -10.46
C GLY A 615 -40.64 26.42 -11.54
N PHE A 616 -40.20 26.22 -12.77
CA PHE A 616 -41.03 26.42 -13.95
C PHE A 616 -40.87 25.23 -14.89
N VAL A 617 -41.93 24.96 -15.64
CA VAL A 617 -41.92 23.95 -16.68
C VAL A 617 -42.19 24.67 -17.99
N TYR A 618 -41.20 24.67 -18.88
CA TYR A 618 -41.31 25.33 -20.17
C TYR A 618 -41.85 24.32 -21.17
N THR A 619 -43.05 24.58 -21.68
CA THR A 619 -43.64 23.79 -22.75
C THR A 619 -43.42 24.54 -24.07
N TYR A 620 -42.64 23.92 -24.96
CA TYR A 620 -42.28 24.45 -26.26
C TYR A 620 -42.89 23.54 -27.32
N LYS A 621 -43.22 24.12 -28.48
CA LYS A 621 -43.90 23.32 -29.50
C LYS A 621 -42.93 22.57 -30.41
N LEU A 622 -41.80 23.19 -30.76
CA LEU A 622 -40.81 22.56 -31.62
C LEU A 622 -41.38 22.25 -33.01
N VAL A 623 -41.22 23.18 -33.95
CA VAL A 623 -41.72 23.01 -35.31
C VAL A 623 -40.55 22.87 -36.28
N ASN A 624 -40.86 22.87 -37.57
CA ASN A 624 -39.86 22.72 -38.64
C ASN A 624 -39.06 21.43 -38.47
N ASN A 625 -39.80 20.31 -38.51
CA ASN A 625 -39.31 18.94 -38.32
C ASN A 625 -38.06 18.86 -37.45
N GLY A 626 -38.16 19.33 -36.21
CA GLY A 626 -37.07 19.22 -35.26
C GLY A 626 -35.90 20.16 -35.51
N GLU A 627 -36.18 21.45 -35.69
CA GLU A 627 -35.12 22.43 -35.89
C GLU A 627 -35.31 23.74 -35.14
N LYS A 628 -36.54 24.16 -34.83
CA LYS A 628 -36.77 25.40 -34.11
C LYS A 628 -37.77 25.18 -32.99
N LEU A 629 -37.52 25.79 -31.85
CA LEU A 629 -38.41 25.72 -30.70
C LEU A 629 -39.36 26.92 -30.69
N GLU A 630 -40.65 26.64 -30.57
CA GLU A 630 -41.68 27.67 -30.49
C GLU A 630 -42.24 27.67 -29.07
N PHE A 631 -42.01 28.77 -28.35
CA PHE A 631 -42.45 28.86 -26.96
C PHE A 631 -43.97 28.83 -26.87
N LEU A 632 -44.49 27.88 -26.08
CA LEU A 632 -45.92 27.84 -25.81
C LEU A 632 -46.24 28.46 -24.45
N HIS A 633 -45.85 27.81 -23.36
CA HIS A 633 -46.22 28.40 -22.07
C HIS A 633 -45.32 27.95 -20.93
N LYS A 634 -45.35 28.73 -19.86
CA LYS A 634 -44.53 28.54 -18.67
C LYS A 634 -45.42 28.16 -17.50
N THR A 635 -45.11 27.04 -16.85
CA THR A 635 -45.95 26.52 -15.78
C THR A 635 -45.26 26.66 -14.43
N PRO A 636 -45.76 27.49 -13.53
CA PRO A 636 -45.16 27.56 -12.19
C PRO A 636 -45.37 26.27 -11.41
N VAL A 637 -44.44 26.01 -10.49
CA VAL A 637 -44.47 24.80 -9.68
C VAL A 637 -43.67 25.04 -8.41
N GLU A 638 -43.96 24.26 -7.37
CA GLU A 638 -43.49 24.59 -6.02
C GLU A 638 -41.99 24.35 -5.86
N GLU A 639 -41.47 23.27 -6.42
CA GLU A 639 -40.05 22.97 -6.29
C GLU A 639 -39.42 22.73 -7.66
N VAL A 640 -38.17 22.32 -7.69
CA VAL A 640 -37.47 22.15 -8.97
C VAL A 640 -37.98 20.92 -9.69
N PRO A 641 -38.42 21.03 -10.94
CA PRO A 641 -38.76 19.85 -11.74
C PRO A 641 -37.53 19.07 -12.12
N ALA A 642 -37.19 18.04 -11.37
CA ALA A 642 -35.93 17.35 -11.56
C ALA A 642 -36.02 16.17 -12.51
N ALA A 643 -37.23 15.73 -12.88
CA ALA A 643 -37.38 14.60 -13.79
C ALA A 643 -38.63 14.80 -14.62
N ILE A 644 -38.51 14.53 -15.92
CA ILE A 644 -39.63 14.62 -16.86
C ILE A 644 -39.53 13.45 -17.82
N ALA A 645 -40.56 12.60 -17.83
CA ALA A 645 -40.61 11.44 -18.71
C ALA A 645 -42.00 11.32 -19.30
N PRO A 646 -42.10 11.12 -20.62
CA PRO A 646 -43.42 10.93 -21.24
C PRO A 646 -44.10 9.67 -20.73
N PHE A 647 -45.44 9.64 -20.86
CA PHE A 647 -46.21 8.55 -20.31
C PHE A 647 -47.56 8.38 -20.99
N GLN A 648 -47.59 7.73 -22.15
CA GLN A 648 -48.81 7.39 -22.85
C GLN A 648 -49.69 8.63 -23.05
N GLY A 649 -49.22 9.53 -23.91
CA GLY A 649 -49.97 10.74 -24.20
C GLY A 649 -50.00 11.76 -23.10
N ARG A 650 -49.31 11.50 -21.99
CA ARG A 650 -49.20 12.42 -20.87
C ARG A 650 -47.72 12.50 -20.47
N VAL A 651 -47.39 13.35 -19.52
CA VAL A 651 -46.03 13.40 -19.02
C VAL A 651 -46.02 13.12 -17.53
N LEU A 652 -44.94 12.50 -17.07
CA LEU A 652 -44.70 12.25 -15.65
C LEU A 652 -43.59 13.19 -15.21
N ILE A 653 -43.90 14.07 -14.25
CA ILE A 653 -42.99 15.11 -13.81
C ILE A 653 -42.77 14.98 -12.30
N GLY A 654 -41.53 15.01 -11.89
CA GLY A 654 -41.16 14.95 -10.49
C GLY A 654 -40.75 16.33 -10.02
N VAL A 655 -41.49 16.86 -9.06
CA VAL A 655 -41.22 18.15 -8.45
C VAL A 655 -41.01 17.91 -6.96
N GLY A 656 -39.75 17.93 -6.53
CA GLY A 656 -39.45 17.63 -5.15
C GLY A 656 -39.85 16.20 -4.81
N LYS A 657 -40.61 16.06 -3.74
CA LYS A 657 -41.14 14.76 -3.33
C LYS A 657 -42.47 14.44 -3.99
N LEU A 658 -42.90 15.23 -4.95
CA LEU A 658 -44.22 15.10 -5.56
C LEU A 658 -44.08 14.50 -6.96
N LEU A 659 -44.80 13.41 -7.21
CA LEU A 659 -44.81 12.77 -8.52
C LEU A 659 -46.16 13.05 -9.17
N ARG A 660 -46.17 13.79 -10.27
CA ARG A 660 -47.43 14.21 -10.89
C ARG A 660 -47.49 13.72 -12.32
N VAL A 661 -48.72 13.47 -12.78
CA VAL A 661 -48.99 13.26 -14.19
C VAL A 661 -49.64 14.53 -14.74
N TYR A 662 -49.05 15.08 -15.78
CA TYR A 662 -49.47 16.35 -16.35
C TYR A 662 -49.97 16.12 -17.77
N ASP A 663 -51.00 16.88 -18.15
CA ASP A 663 -51.53 16.90 -19.50
C ASP A 663 -51.39 18.29 -20.08
N LEU A 664 -51.19 18.35 -21.39
CA LEU A 664 -51.03 19.64 -22.07
C LEU A 664 -52.33 20.44 -22.03
N GLY A 665 -52.23 21.70 -21.61
CA GLY A 665 -53.33 22.62 -21.65
C GLY A 665 -53.08 23.76 -22.64
N LYS A 666 -54.06 24.65 -22.70
CA LYS A 666 -53.95 25.79 -23.62
C LYS A 666 -53.03 26.87 -23.07
N LYS A 667 -53.06 27.08 -21.75
CA LYS A 667 -52.30 28.15 -21.11
C LYS A 667 -51.40 27.65 -19.99
N LYS A 668 -51.43 26.35 -19.69
CA LYS A 668 -50.76 25.83 -18.50
C LYS A 668 -50.67 24.32 -18.64
N LEU A 669 -49.80 23.71 -17.84
CA LEU A 669 -49.80 22.27 -17.64
C LEU A 669 -50.63 21.96 -16.40
N LEU A 670 -51.69 21.18 -16.56
CA LEU A 670 -52.63 20.89 -15.50
C LEU A 670 -52.41 19.47 -14.99
N ARG A 671 -52.33 19.31 -13.67
CA ARG A 671 -52.10 18.01 -13.07
C ARG A 671 -53.38 17.19 -13.06
N LYS A 672 -53.24 15.89 -13.33
CA LYS A 672 -54.35 14.94 -13.29
C LYS A 672 -54.30 14.04 -12.07
N CYS A 673 -53.11 13.64 -11.64
CA CYS A 673 -52.93 12.83 -10.45
C CYS A 673 -51.56 13.13 -9.85
N GLU A 674 -51.45 12.94 -8.54
CA GLU A 674 -50.24 13.30 -7.81
C GLU A 674 -50.06 12.36 -6.63
N ASN A 675 -48.85 11.82 -6.47
CA ASN A 675 -48.45 11.10 -5.28
C ASN A 675 -47.53 11.97 -4.45
N LYS A 676 -47.80 12.02 -3.15
CA LYS A 676 -47.13 12.91 -2.21
C LYS A 676 -46.15 12.20 -1.28
N HIS A 677 -46.24 10.88 -1.15
CA HIS A 677 -45.55 10.13 -0.11
C HIS A 677 -44.13 9.71 -0.49
N ILE A 678 -43.55 10.32 -1.53
CA ILE A 678 -42.15 10.04 -1.85
C ILE A 678 -41.26 10.56 -0.73
N ALA A 679 -40.18 9.83 -0.45
CA ALA A 679 -39.37 10.09 0.74
C ALA A 679 -38.84 11.52 0.75
N ASN A 680 -37.99 11.87 -0.21
CA ASN A 680 -37.25 13.13 -0.12
C ASN A 680 -37.32 13.96 -1.40
N TYR A 681 -36.81 13.43 -2.49
CA TYR A 681 -36.56 14.25 -3.69
C TYR A 681 -36.43 13.34 -4.90
N ILE A 682 -37.23 13.60 -5.93
CA ILE A 682 -37.19 12.78 -7.14
C ILE A 682 -36.07 13.30 -8.03
N SER A 683 -35.15 12.40 -8.40
CA SER A 683 -34.04 12.73 -9.29
C SER A 683 -34.18 12.12 -10.67
N GLY A 684 -35.07 11.15 -10.85
CA GLY A 684 -35.28 10.52 -12.13
C GLY A 684 -36.41 9.50 -12.09
N ILE A 685 -37.16 9.37 -13.18
CA ILE A 685 -38.27 8.42 -13.25
C ILE A 685 -38.25 7.76 -14.62
N GLN A 686 -38.44 6.44 -14.64
CA GLN A 686 -38.54 5.67 -15.86
C GLN A 686 -39.79 4.79 -15.76
N THR A 687 -40.48 4.62 -16.89
CA THR A 687 -41.77 3.94 -16.92
C THR A 687 -41.70 2.68 -17.78
N ILE A 688 -42.27 1.59 -17.27
CA ILE A 688 -42.47 0.36 -18.02
C ILE A 688 -43.91 -0.09 -17.77
N GLY A 689 -44.73 -0.06 -18.82
CA GLY A 689 -46.15 -0.30 -18.66
C GLY A 689 -46.81 0.74 -17.79
N HIS A 690 -47.32 0.32 -16.62
CA HIS A 690 -47.87 1.23 -15.64
C HIS A 690 -47.08 1.19 -14.33
N ARG A 691 -45.85 0.71 -14.39
CA ARG A 691 -44.94 0.70 -13.25
C ARG A 691 -43.96 1.85 -13.42
N VAL A 692 -43.94 2.77 -12.46
CA VAL A 692 -43.04 3.92 -12.51
C VAL A 692 -41.98 3.74 -11.43
N ILE A 693 -40.72 3.95 -11.82
CA ILE A 693 -39.56 3.68 -10.97
C ILE A 693 -38.95 5.01 -10.56
N VAL A 694 -39.39 5.56 -9.44
CA VAL A 694 -38.88 6.84 -8.97
C VAL A 694 -37.51 6.62 -8.34
N SER A 695 -36.53 7.44 -8.72
CA SER A 695 -35.23 7.48 -8.06
C SER A 695 -35.23 8.62 -7.06
N ASP A 696 -34.84 8.32 -5.82
CA ASP A 696 -34.71 9.34 -4.79
C ASP A 696 -33.23 9.59 -4.52
N VAL A 697 -32.95 10.76 -3.94
CA VAL A 697 -31.56 11.19 -3.79
C VAL A 697 -30.83 10.33 -2.78
N GLN A 698 -31.50 9.94 -1.68
CA GLN A 698 -30.85 9.17 -0.62
C GLN A 698 -31.46 7.80 -0.41
N GLU A 699 -32.78 7.70 -0.37
CA GLU A 699 -33.42 6.40 -0.47
C GLU A 699 -33.47 5.99 -1.94
N SER A 700 -33.51 4.69 -2.18
CA SER A 700 -33.34 4.17 -3.53
C SER A 700 -34.62 3.56 -4.05
N PHE A 701 -34.98 3.92 -5.29
CA PHE A 701 -35.98 3.23 -6.10
C PHE A 701 -37.29 2.94 -5.38
N ILE A 702 -38.31 3.75 -5.68
CA ILE A 702 -39.66 3.55 -5.19
C ILE A 702 -40.52 3.15 -6.39
N TRP A 703 -41.10 1.95 -6.30
CA TRP A 703 -41.99 1.43 -7.33
C TRP A 703 -43.41 1.88 -7.03
N VAL A 704 -43.97 2.69 -7.93
CA VAL A 704 -45.34 3.19 -7.83
C VAL A 704 -46.14 2.67 -9.02
N ARG A 705 -47.45 2.53 -8.84
CA ARG A 705 -48.33 2.01 -9.86
C ARG A 705 -49.39 3.05 -10.20
N TYR A 706 -49.52 3.35 -11.49
CA TYR A 706 -50.58 4.23 -11.98
C TYR A 706 -51.80 3.37 -12.29
N LYS A 707 -52.80 3.40 -11.42
CA LYS A 707 -54.06 2.72 -11.68
C LYS A 707 -54.88 3.58 -12.65
N ARG A 708 -54.99 3.14 -13.91
CA ARG A 708 -55.69 3.93 -14.92
C ARG A 708 -57.08 4.32 -14.44
N ASN A 709 -57.88 3.33 -14.06
CA ASN A 709 -59.15 3.62 -13.39
C ASN A 709 -58.87 4.37 -12.10
N GLU A 710 -59.68 5.38 -11.82
CA GLU A 710 -59.72 6.15 -10.58
C GLU A 710 -58.61 7.20 -10.50
N ASN A 711 -57.61 7.18 -11.39
CA ASN A 711 -56.55 8.17 -11.42
C ASN A 711 -55.83 8.29 -10.08
N GLN A 712 -55.18 7.20 -9.68
CA GLN A 712 -54.41 7.22 -8.44
C GLN A 712 -53.03 6.60 -8.67
N LEU A 713 -52.03 7.22 -8.05
CA LEU A 713 -50.67 6.70 -8.03
C LEU A 713 -50.41 6.09 -6.67
N ILE A 714 -50.20 4.78 -6.63
CA ILE A 714 -50.11 4.02 -5.38
C ILE A 714 -48.74 3.39 -5.29
N ILE A 715 -48.05 3.65 -4.18
CA ILE A 715 -46.73 3.10 -3.93
C ILE A 715 -46.88 1.63 -3.52
N PHE A 716 -46.20 0.74 -4.23
CA PHE A 716 -46.25 -0.66 -3.88
C PHE A 716 -44.89 -1.28 -3.57
N ALA A 717 -43.78 -0.55 -3.78
CA ALA A 717 -42.51 -1.16 -3.41
C ALA A 717 -41.45 -0.09 -3.14
N ASP A 718 -40.44 -0.47 -2.35
CA ASP A 718 -39.25 0.34 -2.17
C ASP A 718 -38.10 -0.61 -1.82
N ASP A 719 -37.01 -0.05 -1.30
CA ASP A 719 -35.80 -0.82 -1.03
C ASP A 719 -35.52 -0.88 0.46
N THR A 720 -34.69 -1.84 0.85
CA THR A 720 -34.27 -1.99 2.24
C THR A 720 -32.97 -1.25 2.54
N TYR A 721 -32.24 -0.82 1.51
CA TYR A 721 -31.00 -0.07 1.65
C TYR A 721 -31.17 1.34 1.12
N PRO A 722 -30.50 2.33 1.71
CA PRO A 722 -30.45 3.66 1.08
C PRO A 722 -29.37 3.71 0.01
N ARG A 723 -29.65 4.44 -1.06
CA ARG A 723 -28.69 4.61 -2.14
C ARG A 723 -28.76 6.03 -2.69
N TRP A 724 -27.60 6.55 -3.09
CA TRP A 724 -27.49 7.87 -3.70
C TRP A 724 -27.52 7.66 -5.21
N VAL A 725 -28.73 7.63 -5.77
CA VAL A 725 -28.91 7.25 -7.16
C VAL A 725 -28.44 8.36 -8.09
N THR A 726 -27.69 7.98 -9.12
CA THR A 726 -27.29 8.89 -10.18
C THR A 726 -28.07 8.64 -11.47
N THR A 727 -28.01 7.41 -11.99
CA THR A 727 -28.76 7.02 -13.18
C THR A 727 -29.48 5.71 -12.91
N ALA A 728 -30.24 5.24 -13.90
CA ALA A 728 -30.99 4.01 -13.75
C ALA A 728 -31.27 3.43 -15.14
N SER A 729 -31.67 2.16 -15.14
CA SER A 729 -31.97 1.43 -16.37
C SER A 729 -32.77 0.19 -15.99
N LEU A 730 -33.80 -0.12 -16.78
CA LEU A 730 -34.63 -1.28 -16.53
C LEU A 730 -34.18 -2.42 -17.43
N LEU A 731 -33.94 -3.59 -16.83
CA LEU A 731 -33.57 -4.77 -17.60
C LEU A 731 -34.79 -5.60 -18.00
N ASP A 732 -35.82 -5.64 -17.17
CA ASP A 732 -37.07 -6.29 -17.52
C ASP A 732 -38.18 -5.60 -16.73
N TYR A 733 -39.35 -6.24 -16.66
CA TYR A 733 -40.48 -5.68 -15.93
C TYR A 733 -40.29 -5.72 -14.42
N ASP A 734 -39.34 -6.50 -13.93
CA ASP A 734 -39.15 -6.68 -12.49
C ASP A 734 -37.76 -6.30 -12.00
N THR A 735 -36.83 -5.96 -12.89
CA THR A 735 -35.44 -5.74 -12.52
C THR A 735 -34.99 -4.34 -12.95
N VAL A 736 -34.22 -3.69 -12.06
CA VAL A 736 -33.69 -2.36 -12.29
C VAL A 736 -32.19 -2.38 -12.02
N ALA A 737 -31.44 -1.61 -12.80
CA ALA A 737 -30.01 -1.42 -12.58
C ALA A 737 -29.76 0.04 -12.27
N GLY A 738 -28.98 0.30 -11.22
CA GLY A 738 -28.73 1.66 -10.77
C GLY A 738 -27.27 1.88 -10.41
N ALA A 739 -26.91 3.15 -10.27
CA ALA A 739 -25.55 3.57 -9.95
C ALA A 739 -25.56 4.56 -8.80
N ASP A 740 -24.55 4.45 -7.94
CA ASP A 740 -24.34 5.30 -6.77
C ASP A 740 -23.52 6.55 -7.12
N LYS A 741 -23.58 7.52 -6.22
CA LYS A 741 -22.57 8.57 -6.23
C LYS A 741 -21.22 8.05 -5.78
N PHE A 742 -21.21 6.98 -4.97
CA PHE A 742 -19.98 6.40 -4.45
C PHE A 742 -19.42 5.30 -5.35
N GLY A 743 -19.57 5.44 -6.66
CA GLY A 743 -18.93 4.53 -7.59
C GLY A 743 -19.44 3.12 -7.58
N ASN A 744 -20.64 2.89 -7.06
CA ASN A 744 -21.23 1.56 -7.01
C ASN A 744 -22.23 1.36 -8.14
N ILE A 745 -22.44 0.09 -8.49
CA ILE A 745 -23.52 -0.33 -9.37
C ILE A 745 -24.29 -1.43 -8.64
N CYS A 746 -25.61 -1.40 -8.76
CA CYS A 746 -26.43 -2.45 -8.17
C CYS A 746 -27.51 -2.86 -9.17
N VAL A 747 -28.01 -4.08 -8.96
CA VAL A 747 -29.16 -4.60 -9.69
C VAL A 747 -30.13 -5.14 -8.65
N VAL A 748 -31.34 -4.58 -8.63
CA VAL A 748 -32.38 -4.93 -7.67
C VAL A 748 -33.59 -5.45 -8.44
N ARG A 749 -34.18 -6.55 -7.98
CA ARG A 749 -35.28 -7.18 -8.67
C ARG A 749 -36.41 -7.45 -7.69
N LEU A 750 -37.65 -7.26 -8.16
CA LEU A 750 -38.81 -7.44 -7.31
C LEU A 750 -39.16 -8.92 -7.18
N PRO A 751 -39.80 -9.32 -6.08
CA PRO A 751 -40.29 -10.69 -5.95
C PRO A 751 -41.20 -11.05 -7.10
N PRO A 752 -41.12 -12.29 -7.61
CA PRO A 752 -41.99 -12.68 -8.73
C PRO A 752 -43.47 -12.58 -8.42
N ASN A 753 -43.88 -13.02 -7.23
CA ASN A 753 -45.29 -12.91 -6.82
C ASN A 753 -45.47 -11.57 -6.11
N THR A 754 -45.83 -10.55 -6.88
CA THR A 754 -46.06 -9.21 -6.36
C THR A 754 -47.36 -8.67 -6.94
N ASN A 755 -48.24 -8.20 -6.07
CA ASN A 755 -49.47 -7.53 -6.48
C ASN A 755 -49.26 -6.03 -6.32
N ASP A 756 -49.51 -5.28 -7.39
CA ASP A 756 -49.33 -3.83 -7.35
C ASP A 756 -50.39 -3.13 -6.50
N GLU A 757 -51.38 -3.86 -5.98
CA GLU A 757 -52.36 -3.31 -5.07
C GLU A 757 -52.07 -3.68 -3.61
N VAL A 758 -51.14 -4.59 -3.37
CA VAL A 758 -50.66 -4.91 -2.03
C VAL A 758 -49.32 -4.22 -1.83
N ASP A 759 -49.20 -3.46 -0.74
CA ASP A 759 -48.04 -2.61 -0.51
C ASP A 759 -46.97 -3.35 0.30
N SER A 760 -46.01 -2.59 0.83
CA SER A 760 -44.96 -3.10 1.71
C SER A 760 -44.20 -4.26 1.09
N GLN A 761 -44.12 -4.31 -0.24
CA GLN A 761 -43.29 -5.27 -0.93
C GLN A 761 -41.88 -4.68 -1.08
N LYS A 762 -40.87 -5.45 -0.71
CA LYS A 762 -39.49 -4.97 -0.71
C LYS A 762 -38.68 -5.77 -1.72
N ALA A 763 -37.90 -5.06 -2.52
CA ALA A 763 -37.06 -5.70 -3.54
C ALA A 763 -35.82 -6.30 -2.90
N GLU A 764 -35.29 -7.34 -3.56
CA GLU A 764 -34.05 -7.96 -3.16
C GLU A 764 -32.93 -7.48 -4.06
N VAL A 765 -31.75 -7.24 -3.48
CA VAL A 765 -30.59 -6.81 -4.24
C VAL A 765 -29.90 -8.06 -4.78
N ILE A 766 -29.98 -8.26 -6.10
CA ILE A 766 -29.39 -9.45 -6.71
C ILE A 766 -27.99 -9.18 -7.26
N MET A 767 -27.55 -7.93 -7.31
CA MET A 767 -26.20 -7.65 -7.79
C MET A 767 -25.66 -6.40 -7.11
N ASN A 768 -24.39 -6.47 -6.72
CA ASN A 768 -23.68 -5.35 -6.10
C ASN A 768 -22.24 -5.36 -6.59
N TYR A 769 -21.73 -4.19 -6.97
CA TYR A 769 -20.37 -4.09 -7.50
C TYR A 769 -19.86 -2.67 -7.29
N HIS A 770 -18.54 -2.53 -7.19
CA HIS A 770 -17.91 -1.22 -7.04
C HIS A 770 -16.92 -1.04 -8.18
N VAL A 771 -17.15 -0.03 -9.03
CA VAL A 771 -16.29 0.20 -10.18
C VAL A 771 -15.04 1.00 -9.81
N GLY A 772 -15.05 1.68 -8.67
CA GLY A 772 -13.99 2.61 -8.33
C GLY A 772 -14.14 3.98 -8.94
N GLU A 773 -15.09 4.17 -9.84
CA GLU A 773 -15.40 5.45 -10.46
C GLU A 773 -16.90 5.67 -10.43
N THR A 774 -17.33 6.93 -10.40
CA THR A 774 -18.75 7.24 -10.33
C THR A 774 -19.39 7.16 -11.70
N VAL A 775 -20.52 6.45 -11.78
CA VAL A 775 -21.22 6.20 -13.04
C VAL A 775 -22.43 7.13 -13.12
N LEU A 776 -22.63 7.75 -14.28
CA LEU A 776 -23.75 8.65 -14.49
C LEU A 776 -24.63 8.27 -15.68
N SER A 777 -24.33 7.18 -16.38
CA SER A 777 -25.23 6.70 -17.43
C SER A 777 -25.10 5.19 -17.52
N LEU A 778 -26.23 4.50 -17.41
CA LEU A 778 -26.34 3.06 -17.60
C LEU A 778 -27.33 2.81 -18.72
N GLN A 779 -26.94 1.97 -19.67
CA GLN A 779 -27.80 1.68 -20.82
C GLN A 779 -27.59 0.22 -21.24
N LYS A 780 -28.69 -0.49 -21.44
CA LYS A 780 -28.63 -1.84 -21.99
C LYS A 780 -28.63 -1.74 -23.51
N THR A 781 -27.61 -2.32 -24.14
CA THR A 781 -27.51 -2.22 -25.60
C THR A 781 -26.62 -3.33 -26.13
N THR A 782 -26.62 -3.45 -27.45
CA THR A 782 -25.78 -4.38 -28.20
C THR A 782 -24.84 -3.53 -29.05
N LEU A 783 -23.58 -3.41 -28.61
CA LEU A 783 -22.66 -2.47 -29.25
C LEU A 783 -22.35 -2.89 -30.68
N ILE A 784 -22.16 -4.18 -30.92
CA ILE A 784 -21.87 -4.70 -32.26
C ILE A 784 -23.15 -5.27 -32.84
N PRO A 785 -23.53 -4.89 -34.06
CA PRO A 785 -24.64 -5.59 -34.73
C PRO A 785 -24.34 -7.08 -34.82
N GLY A 786 -25.35 -7.89 -34.51
CA GLY A 786 -25.10 -9.28 -34.18
C GLY A 786 -24.62 -9.35 -32.74
N GLY A 787 -23.63 -10.20 -32.47
CA GLY A 787 -23.03 -10.20 -31.14
C GLY A 787 -24.02 -10.55 -30.04
N SER A 788 -23.97 -9.79 -28.94
CA SER A 788 -24.77 -10.10 -27.77
C SER A 788 -25.10 -8.82 -27.02
N GLU A 789 -26.10 -8.90 -26.15
CA GLU A 789 -26.48 -7.78 -25.31
C GLU A 789 -25.45 -7.56 -24.20
N SER A 790 -25.46 -6.35 -23.66
CA SER A 790 -24.58 -5.98 -22.57
C SER A 790 -25.14 -4.72 -21.91
N LEU A 791 -24.54 -4.37 -20.77
CA LEU A 791 -24.95 -3.19 -20.01
C LEU A 791 -23.77 -2.23 -19.97
N VAL A 792 -23.84 -1.16 -20.74
CA VAL A 792 -22.75 -0.21 -20.86
C VAL A 792 -22.96 0.92 -19.86
N TYR A 793 -21.90 1.26 -19.12
CA TYR A 793 -21.92 2.36 -18.17
C TYR A 793 -20.82 3.36 -18.52
N THR A 794 -21.07 4.62 -18.16
CA THR A 794 -20.09 5.68 -18.34
C THR A 794 -19.51 6.07 -16.98
N THR A 795 -18.49 6.92 -17.00
CA THR A 795 -17.74 7.23 -15.80
C THR A 795 -17.50 8.73 -15.69
N LEU A 796 -17.78 9.28 -14.51
CA LEU A 796 -17.59 10.71 -14.28
C LEU A 796 -16.14 11.13 -14.49
N SER A 797 -15.21 10.21 -14.30
CA SER A 797 -13.80 10.44 -14.59
C SER A 797 -13.44 10.10 -16.03
N GLY A 798 -14.43 9.87 -16.90
CA GLY A 798 -14.21 9.77 -18.33
C GLY A 798 -13.90 8.38 -18.85
N GLY A 799 -14.60 7.36 -18.34
CA GLY A 799 -14.35 6.00 -18.76
C GLY A 799 -15.63 5.32 -19.22
N ILE A 800 -15.45 4.26 -20.00
CA ILE A 800 -16.55 3.50 -20.57
C ILE A 800 -16.35 2.03 -20.22
N GLY A 801 -17.36 1.40 -19.63
CA GLY A 801 -17.28 0.01 -19.26
C GLY A 801 -18.53 -0.74 -19.68
N ILE A 802 -18.42 -2.06 -19.66
CA ILE A 802 -19.52 -2.94 -20.02
C ILE A 802 -19.60 -4.09 -19.03
N LEU A 803 -20.83 -4.52 -18.75
CA LEU A 803 -21.13 -5.72 -17.98
C LEU A 803 -21.82 -6.70 -18.91
N VAL A 804 -21.21 -7.85 -19.11
CA VAL A 804 -21.69 -8.87 -20.04
C VAL A 804 -22.21 -10.06 -19.24
N PRO A 805 -23.40 -10.58 -19.54
CA PRO A 805 -23.88 -11.76 -18.83
C PRO A 805 -23.31 -13.05 -19.40
N PHE A 806 -23.20 -14.05 -18.53
CA PHE A 806 -22.62 -15.33 -18.91
C PHE A 806 -23.63 -16.18 -19.67
N THR A 807 -23.11 -17.01 -20.57
CA THR A 807 -23.95 -17.91 -21.37
C THR A 807 -24.04 -19.31 -20.76
N SER A 808 -22.94 -19.87 -20.28
CA SER A 808 -22.93 -21.17 -19.64
C SER A 808 -22.24 -21.06 -18.28
N HIS A 809 -22.68 -21.87 -17.33
CA HIS A 809 -22.14 -21.80 -15.99
C HIS A 809 -20.75 -22.42 -15.87
N GLU A 810 -20.35 -23.24 -16.85
CA GLU A 810 -18.96 -23.73 -16.84
C GLU A 810 -17.99 -22.60 -17.12
N ASP A 811 -18.35 -21.67 -18.02
CA ASP A 811 -17.55 -20.48 -18.22
C ASP A 811 -17.54 -19.62 -16.97
N HIS A 812 -18.68 -19.55 -16.26
CA HIS A 812 -18.73 -18.81 -15.01
C HIS A 812 -17.75 -19.38 -13.99
N ASP A 813 -17.74 -20.70 -13.82
CA ASP A 813 -16.80 -21.31 -12.89
C ASP A 813 -15.35 -21.07 -13.34
N PHE A 814 -15.09 -21.16 -14.64
CA PHE A 814 -13.75 -20.90 -15.14
C PHE A 814 -13.27 -19.49 -14.77
N PHE A 815 -14.08 -18.48 -15.09
CA PHE A 815 -13.67 -17.11 -14.82
C PHE A 815 -13.63 -16.82 -13.33
N GLN A 816 -14.48 -17.49 -12.53
CA GLN A 816 -14.40 -17.30 -11.09
C GLN A 816 -13.09 -17.87 -10.54
N HIS A 817 -12.64 -19.01 -11.06
CA HIS A 817 -11.35 -19.54 -10.64
C HIS A 817 -10.20 -18.64 -11.10
N VAL A 818 -10.33 -18.06 -12.30
CA VAL A 818 -9.32 -17.11 -12.76
C VAL A 818 -9.23 -15.93 -11.80
N GLU A 819 -10.39 -15.40 -11.40
CA GLU A 819 -10.43 -14.31 -10.44
C GLU A 819 -9.78 -14.71 -9.12
N MET A 820 -10.15 -15.89 -8.59
CA MET A 820 -9.58 -16.35 -7.33
C MET A 820 -8.06 -16.45 -7.40
N HIS A 821 -7.54 -16.97 -8.51
CA HIS A 821 -6.10 -17.17 -8.60
C HIS A 821 -5.35 -15.86 -8.79
N LEU A 822 -5.87 -14.96 -9.64
CA LEU A 822 -5.20 -13.68 -9.83
C LEU A 822 -5.31 -12.80 -8.59
N ARG A 823 -6.32 -13.00 -7.75
CA ARG A 823 -6.42 -12.22 -6.53
C ARG A 823 -5.26 -12.50 -5.58
N SER A 824 -4.63 -13.67 -5.66
CA SER A 824 -3.53 -14.00 -4.77
C SER A 824 -2.18 -14.04 -5.47
N GLU A 825 -2.14 -14.24 -6.78
CA GLU A 825 -0.87 -14.31 -7.49
C GLU A 825 -0.48 -13.01 -8.18
N HIS A 826 -1.42 -12.09 -8.38
CA HIS A 826 -1.15 -10.80 -9.00
C HIS A 826 -1.89 -9.72 -8.22
N PRO A 827 -1.52 -9.51 -6.95
CA PRO A 827 -2.29 -8.63 -6.09
C PRO A 827 -2.19 -7.18 -6.55
N PRO A 828 -3.17 -6.35 -6.21
CA PRO A 828 -3.16 -4.96 -6.68
C PRO A 828 -1.84 -4.25 -6.39
N LEU A 829 -1.52 -3.26 -7.22
CA LEU A 829 -0.21 -2.64 -7.17
C LEU A 829 0.01 -1.83 -5.89
N CYS A 830 -1.05 -1.28 -5.32
CA CYS A 830 -0.94 -0.37 -4.19
C CYS A 830 -1.49 -0.98 -2.89
N GLY A 831 -1.25 -2.27 -2.71
CA GLY A 831 -1.50 -2.93 -1.44
C GLY A 831 -2.95 -3.13 -1.08
N ARG A 832 -3.89 -2.71 -1.93
CA ARG A 832 -5.30 -2.97 -1.69
C ARG A 832 -5.60 -4.44 -1.90
N ASP A 833 -6.61 -4.94 -1.16
CA ASP A 833 -7.15 -6.26 -1.41
C ASP A 833 -8.27 -6.14 -2.43
N HIS A 834 -8.17 -6.91 -3.51
CA HIS A 834 -9.12 -6.76 -4.61
C HIS A 834 -10.55 -7.06 -4.16
N LEU A 835 -10.74 -8.16 -3.44
CA LEU A 835 -12.08 -8.47 -2.94
C LEU A 835 -12.58 -7.37 -2.00
N SER A 836 -11.71 -6.87 -1.13
CA SER A 836 -12.08 -5.77 -0.26
C SER A 836 -12.43 -4.52 -1.06
N PHE A 837 -11.66 -4.24 -2.12
CA PHE A 837 -11.89 -3.04 -2.91
C PHE A 837 -13.23 -3.09 -3.64
N ARG A 838 -13.47 -4.17 -4.39
CA ARG A 838 -14.70 -4.31 -5.16
C ARG A 838 -15.94 -4.41 -4.27
N SER A 839 -15.77 -4.60 -2.97
CA SER A 839 -16.86 -4.53 -2.01
C SER A 839 -16.65 -3.34 -1.09
N TYR A 840 -16.48 -2.15 -1.67
CA TYR A 840 -16.17 -0.96 -0.89
C TYR A 840 -17.30 -0.62 0.08
N TYR A 841 -18.54 -0.55 -0.42
CA TYR A 841 -19.68 -0.17 0.41
C TYR A 841 -20.69 -1.29 0.60
N PHE A 842 -20.74 -2.27 -0.31
CA PHE A 842 -21.59 -3.44 -0.20
C PHE A 842 -20.78 -4.64 -0.67
N PRO A 843 -20.95 -5.80 -0.04
CA PRO A 843 -20.20 -6.98 -0.48
C PRO A 843 -20.55 -7.34 -1.92
N VAL A 844 -19.53 -7.72 -2.69
CA VAL A 844 -19.74 -8.05 -4.10
C VAL A 844 -20.76 -9.17 -4.19
N LYS A 845 -21.57 -9.12 -5.24
CA LYS A 845 -22.62 -10.12 -5.47
C LYS A 845 -22.75 -10.32 -6.97
N ASN A 846 -22.24 -11.46 -7.45
CA ASN A 846 -22.51 -11.94 -8.82
C ASN A 846 -21.88 -11.05 -9.88
N VAL A 847 -20.68 -10.56 -9.64
CA VAL A 847 -19.90 -9.86 -10.66
C VAL A 847 -18.48 -10.39 -10.67
N ILE A 848 -17.91 -10.53 -11.87
CA ILE A 848 -16.53 -10.95 -12.06
C ILE A 848 -15.76 -9.76 -12.62
N ASP A 849 -14.54 -9.54 -12.13
CA ASP A 849 -13.71 -8.43 -12.57
C ASP A 849 -12.85 -8.91 -13.73
N GLY A 850 -13.27 -8.58 -14.96
CA GLY A 850 -12.49 -8.96 -16.12
C GLY A 850 -11.28 -8.09 -16.33
N ASP A 851 -11.32 -6.85 -15.85
CA ASP A 851 -10.13 -6.00 -15.89
C ASP A 851 -8.99 -6.62 -15.11
N LEU A 852 -9.31 -7.32 -14.01
CA LEU A 852 -8.29 -8.06 -13.28
C LEU A 852 -7.89 -9.33 -14.01
N CYS A 853 -8.86 -10.04 -14.59
CA CYS A 853 -8.58 -11.30 -15.27
C CYS A 853 -7.61 -11.09 -16.43
N GLU A 854 -7.79 -10.00 -17.19
CA GLU A 854 -6.96 -9.76 -18.36
C GLU A 854 -5.51 -9.47 -18.01
N GLN A 855 -5.19 -9.23 -16.75
CA GLN A 855 -3.80 -9.09 -16.33
C GLN A 855 -3.06 -10.41 -16.29
N PHE A 856 -3.71 -11.52 -16.67
CA PHE A 856 -3.03 -12.81 -16.72
C PHE A 856 -1.82 -12.75 -17.65
N ASN A 857 -1.93 -12.01 -18.74
CA ASN A 857 -0.85 -11.88 -19.71
C ASN A 857 0.22 -10.90 -19.27
N SER A 858 0.02 -10.18 -18.17
CA SER A 858 1.02 -9.27 -17.62
C SER A 858 1.80 -9.88 -16.47
N MET A 859 1.66 -11.18 -16.23
CA MET A 859 2.36 -11.84 -15.15
C MET A 859 3.72 -12.34 -15.66
N GLU A 860 4.37 -13.18 -14.86
CA GLU A 860 5.62 -13.84 -15.21
C GLU A 860 5.36 -15.22 -15.77
N PRO A 861 6.30 -15.76 -16.55
CA PRO A 861 6.04 -17.08 -17.18
C PRO A 861 5.74 -18.19 -16.19
N ASN A 862 6.46 -18.24 -15.06
CA ASN A 862 6.24 -19.31 -14.10
C ASN A 862 4.83 -19.22 -13.49
N LYS A 863 4.40 -18.00 -13.16
CA LYS A 863 3.07 -17.83 -12.57
C LYS A 863 1.98 -18.21 -13.56
N GLN A 864 2.12 -17.78 -14.82
CA GLN A 864 1.14 -18.15 -15.84
C GLN A 864 1.10 -19.66 -16.02
N LYS A 865 2.27 -20.30 -16.06
CA LYS A 865 2.33 -21.75 -16.24
C LYS A 865 1.63 -22.47 -15.10
N ASN A 866 1.91 -22.06 -13.85
CA ASN A 866 1.32 -22.75 -12.70
C ASN A 866 -0.18 -22.50 -12.62
N VAL A 867 -0.62 -21.28 -12.92
CA VAL A 867 -2.06 -20.99 -12.87
C VAL A 867 -2.80 -21.74 -13.97
N SER A 868 -2.20 -21.85 -15.16
CA SER A 868 -2.83 -22.60 -16.24
C SER A 868 -2.86 -24.10 -15.92
N GLU A 869 -1.81 -24.62 -15.29
CA GLU A 869 -1.82 -26.01 -14.87
C GLU A 869 -2.90 -26.25 -13.83
N GLU A 870 -3.08 -25.31 -12.90
CA GLU A 870 -4.18 -25.41 -11.95
C GLU A 870 -5.52 -25.35 -12.67
N LEU A 871 -5.62 -24.54 -13.72
CA LEU A 871 -6.82 -24.48 -14.54
C LEU A 871 -6.93 -25.64 -15.52
N ASP A 872 -5.95 -26.53 -15.55
CA ASP A 872 -5.97 -27.73 -16.41
C ASP A 872 -6.09 -27.35 -17.89
N ARG A 873 -5.32 -26.35 -18.30
CA ARG A 873 -5.24 -25.97 -19.71
C ARG A 873 -3.96 -25.17 -19.91
N THR A 874 -3.75 -24.69 -21.16
CA THR A 874 -2.51 -24.01 -21.50
C THR A 874 -2.67 -22.49 -21.42
N PRO A 875 -1.59 -21.77 -21.15
CA PRO A 875 -1.66 -20.30 -21.07
C PRO A 875 -2.23 -19.67 -22.33
N PRO A 876 -1.85 -20.11 -23.54
CA PRO A 876 -2.50 -19.54 -24.74
C PRO A 876 -3.98 -19.87 -24.81
N GLU A 877 -4.39 -21.03 -24.29
CA GLU A 877 -5.82 -21.33 -24.23
C GLU A 877 -6.55 -20.33 -23.34
N VAL A 878 -5.95 -19.98 -22.20
CA VAL A 878 -6.57 -19.01 -21.30
C VAL A 878 -6.60 -17.63 -21.95
N SER A 879 -5.53 -17.26 -22.67
CA SER A 879 -5.52 -15.99 -23.37
C SER A 879 -6.62 -15.92 -24.43
N LYS A 880 -6.79 -16.99 -25.20
CA LYS A 880 -7.84 -17.01 -26.20
C LYS A 880 -9.22 -16.98 -25.54
N LYS A 881 -9.39 -17.68 -24.42
CA LYS A 881 -10.66 -17.66 -23.72
C LYS A 881 -10.98 -16.25 -23.21
N LEU A 882 -9.95 -15.50 -22.79
CA LEU A 882 -10.18 -14.13 -22.37
C LEU A 882 -10.50 -13.23 -23.56
N GLU A 883 -9.83 -13.45 -24.69
CA GLU A 883 -10.06 -12.62 -25.87
C GLU A 883 -11.44 -12.88 -26.47
N ASP A 884 -11.99 -14.07 -26.28
CA ASP A 884 -13.29 -14.37 -26.85
C ASP A 884 -14.39 -13.49 -26.27
N ILE A 885 -14.24 -13.07 -25.01
CA ILE A 885 -15.22 -12.17 -24.41
C ILE A 885 -15.05 -10.76 -24.96
N ARG A 886 -13.80 -10.32 -25.16
CA ARG A 886 -13.56 -9.05 -25.84
C ARG A 886 -13.95 -9.08 -27.31
N THR A 887 -14.28 -10.25 -27.84
CA THR A 887 -14.90 -10.32 -29.16
C THR A 887 -16.42 -10.39 -29.08
N ARG A 888 -16.98 -10.97 -28.01
CA ARG A 888 -18.43 -11.16 -27.92
C ARG A 888 -19.17 -9.89 -27.49
N TYR A 889 -18.48 -8.86 -27.04
CA TYR A 889 -19.12 -7.66 -26.51
C TYR A 889 -20.03 -7.00 -27.55
N GLN B 15 -10.44 1.15 22.86
CA GLN B 15 -10.67 1.64 21.51
C GLN B 15 -11.05 3.11 21.52
N SER B 16 -10.95 3.74 22.69
CA SER B 16 -11.36 5.13 22.82
C SER B 16 -10.42 6.07 22.08
N LYS B 17 -9.15 5.70 21.93
CA LYS B 17 -8.21 6.57 21.22
C LYS B 17 -8.58 6.72 19.75
N TYR B 18 -9.20 5.71 19.14
CA TYR B 18 -9.65 5.86 17.76
C TYR B 18 -10.72 6.95 17.68
N ILE B 19 -10.38 8.05 17.01
CA ILE B 19 -11.31 9.16 16.89
C ILE B 19 -12.54 8.72 16.11
N GLY B 20 -13.72 9.04 16.63
CA GLY B 20 -14.97 8.70 16.00
C GLY B 20 -15.78 7.66 16.77
N THR B 21 -15.11 6.83 17.55
CA THR B 21 -15.82 5.92 18.44
C THR B 21 -16.52 6.70 19.55
N GLY B 22 -17.59 6.12 20.07
CA GLY B 22 -18.38 6.78 21.09
C GLY B 22 -18.73 5.83 22.22
N HIS B 23 -19.21 6.43 23.30
CA HIS B 23 -19.66 5.71 24.50
C HIS B 23 -21.14 6.04 24.72
N ALA B 24 -21.65 5.63 25.89
CA ALA B 24 -23.05 5.84 26.20
C ALA B 24 -23.38 7.31 26.44
N ASP B 25 -22.39 8.13 26.79
CA ASP B 25 -22.59 9.55 27.04
C ASP B 25 -22.28 10.41 25.82
N THR B 26 -22.09 9.81 24.66
CA THR B 26 -21.85 10.57 23.44
C THR B 26 -23.09 11.38 23.10
N THR B 27 -22.89 12.65 22.77
CA THR B 27 -23.99 13.53 22.42
C THR B 27 -24.26 13.49 20.93
N LYS B 28 -25.46 13.94 20.56
CA LYS B 28 -25.82 14.08 19.15
C LYS B 28 -24.80 14.93 18.40
N TRP B 29 -24.37 16.04 19.01
CA TRP B 29 -23.43 16.95 18.35
C TRP B 29 -22.09 16.26 18.08
N GLU B 30 -21.57 15.53 19.07
CA GLU B 30 -20.29 14.85 18.89
C GLU B 30 -20.37 13.84 17.75
N TRP B 31 -21.39 12.99 17.77
CA TRP B 31 -21.56 11.98 16.74
C TRP B 31 -21.66 12.62 15.36
N LEU B 32 -22.47 13.66 15.23
CA LEU B 32 -22.67 14.24 13.91
C LEU B 32 -21.46 15.03 13.43
N VAL B 33 -20.72 15.65 14.35
CA VAL B 33 -19.50 16.33 13.94
C VAL B 33 -18.47 15.32 13.44
N ASN B 34 -18.32 14.20 14.16
CA ASN B 34 -17.42 13.15 13.68
C ASN B 34 -17.86 12.65 12.31
N GLN B 35 -19.17 12.47 12.13
CA GLN B 35 -19.68 11.94 10.88
C GLN B 35 -19.45 12.90 9.73
N HIS B 36 -19.67 14.20 9.96
CA HIS B 36 -19.41 15.21 8.93
C HIS B 36 -17.93 15.29 8.58
N ARG B 37 -17.06 15.20 9.60
CA ARG B 37 -15.63 15.27 9.35
C ARG B 37 -15.15 14.06 8.55
N ASP B 38 -15.62 12.87 8.94
CA ASP B 38 -15.34 11.66 8.17
C ASP B 38 -15.80 11.83 6.73
N SER B 39 -17.00 12.39 6.53
CA SER B 39 -17.52 12.61 5.19
C SER B 39 -16.61 13.52 4.39
N TYR B 40 -16.14 14.62 4.99
CA TYR B 40 -15.28 15.55 4.28
C TYR B 40 -13.96 14.90 3.88
N CYS B 41 -13.35 14.15 4.81
CA CYS B 41 -12.12 13.44 4.48
C CYS B 41 -12.33 12.45 3.34
N SER B 42 -13.45 11.72 3.38
CA SER B 42 -13.75 10.77 2.31
C SER B 42 -13.97 11.48 0.98
N TYR B 43 -14.61 12.65 1.02
CA TYR B 43 -14.80 13.44 -0.19
C TYR B 43 -13.45 13.78 -0.80
N MET B 44 -12.52 14.24 0.02
CA MET B 44 -11.22 14.62 -0.51
C MET B 44 -10.41 13.41 -0.98
N GLY B 45 -10.64 12.25 -0.40
CA GLY B 45 -9.95 11.06 -0.86
C GLY B 45 -10.49 10.54 -2.18
N HIS B 46 -11.81 10.43 -2.29
CA HIS B 46 -12.45 9.82 -3.45
C HIS B 46 -12.54 10.86 -4.57
N PHE B 47 -11.81 10.62 -5.67
CA PHE B 47 -11.68 11.64 -6.71
C PHE B 47 -13.02 11.99 -7.33
N ASP B 48 -13.85 10.98 -7.63
CA ASP B 48 -15.07 11.25 -8.37
C ASP B 48 -16.10 12.00 -7.52
N LEU B 49 -16.04 11.85 -6.20
CA LEU B 49 -16.95 12.62 -5.34
C LEU B 49 -16.60 14.10 -5.41
N LEU B 50 -15.31 14.42 -5.25
CA LEU B 50 -14.86 15.81 -5.40
C LEU B 50 -15.16 16.33 -6.80
N ASN B 51 -15.06 15.47 -7.81
CA ASN B 51 -15.36 15.89 -9.18
C ASN B 51 -16.83 16.26 -9.33
N TYR B 52 -17.73 15.42 -8.80
CA TYR B 52 -19.15 15.75 -8.80
C TYR B 52 -19.41 17.06 -8.09
N PHE B 53 -18.77 17.26 -6.94
CA PHE B 53 -18.96 18.50 -6.18
C PHE B 53 -18.48 19.71 -6.97
N ALA B 54 -17.33 19.60 -7.63
CA ALA B 54 -16.77 20.71 -8.39
C ALA B 54 -17.52 20.96 -9.69
N ILE B 55 -18.28 19.98 -10.18
CA ILE B 55 -19.14 20.23 -11.32
C ILE B 55 -20.42 20.92 -10.88
N ALA B 56 -20.95 20.52 -9.72
CA ALA B 56 -22.15 21.17 -9.19
C ALA B 56 -21.93 22.66 -9.02
N GLU B 57 -20.98 23.03 -8.16
CA GLU B 57 -20.57 24.42 -7.98
C GLU B 57 -19.43 24.72 -8.96
N ASN B 58 -19.61 25.69 -9.84
CA ASN B 58 -18.57 26.01 -10.81
C ASN B 58 -17.32 26.58 -10.13
N GLU B 59 -16.66 25.77 -9.33
CA GLU B 59 -15.41 26.13 -8.69
C GLU B 59 -14.35 25.10 -9.03
N SER B 60 -13.09 25.48 -8.87
CA SER B 60 -12.00 24.56 -9.12
C SER B 60 -11.95 23.51 -8.01
N LYS B 61 -11.29 22.39 -8.31
CA LYS B 61 -11.15 21.33 -7.33
C LYS B 61 -10.42 21.81 -6.09
N ALA B 62 -9.35 22.60 -6.28
CA ALA B 62 -8.61 23.12 -5.14
C ALA B 62 -9.49 24.03 -4.29
N ARG B 63 -10.37 24.80 -4.94
CA ARG B 63 -11.27 25.67 -4.19
C ARG B 63 -12.25 24.85 -3.35
N VAL B 64 -12.77 23.77 -3.92
CA VAL B 64 -13.66 22.89 -3.16
C VAL B 64 -12.92 22.29 -1.98
N ARG B 65 -11.68 21.83 -2.19
CA ARG B 65 -10.91 21.26 -1.10
C ARG B 65 -10.67 22.26 0.01
N PHE B 66 -10.34 23.50 -0.37
CA PHE B 66 -10.10 24.53 0.64
C PHE B 66 -11.37 24.85 1.42
N ASN B 67 -12.51 24.94 0.72
CA ASN B 67 -13.77 25.20 1.41
C ASN B 67 -14.12 24.05 2.36
N LEU B 68 -13.85 22.81 1.94
CA LEU B 68 -14.10 21.66 2.81
C LEU B 68 -13.25 21.74 4.07
N MET B 69 -11.94 21.93 3.90
CA MET B 69 -11.06 22.02 5.06
C MET B 69 -11.43 23.18 5.97
N GLU B 70 -11.91 24.29 5.40
CA GLU B 70 -12.44 25.37 6.22
C GLU B 70 -13.65 24.89 7.03
N LYS B 71 -14.55 24.16 6.39
CA LYS B 71 -15.74 23.65 7.09
C LYS B 71 -15.40 22.63 8.16
N MET B 72 -14.21 22.04 8.12
CA MET B 72 -13.91 20.99 9.10
C MET B 72 -13.70 21.51 10.52
N LEU B 73 -13.55 22.81 10.73
CA LEU B 73 -13.35 23.33 12.10
C LEU B 73 -14.55 23.02 12.97
N GLN B 74 -15.71 23.58 12.64
CA GLN B 74 -16.97 23.24 13.29
C GLN B 74 -18.03 23.10 12.22
N PRO B 75 -18.12 21.91 11.60
CA PRO B 75 -19.00 21.75 10.44
C PRO B 75 -20.46 21.87 10.79
N CYS B 76 -20.85 21.21 11.88
CA CYS B 76 -22.25 21.21 12.29
C CYS B 76 -22.62 22.46 13.08
N GLY B 77 -21.64 23.20 13.57
CA GLY B 77 -21.90 24.42 14.30
C GLY B 77 -21.40 24.35 15.73
N PRO B 78 -21.50 25.47 16.44
CA PRO B 78 -20.99 25.51 17.81
C PRO B 78 -21.86 24.68 18.74
N PRO B 79 -21.27 24.10 19.79
CA PRO B 79 -22.03 23.34 20.79
C PRO B 79 -23.03 24.22 21.55
N ASN C 11 4.51 -1.39 46.61
CA ASN C 11 5.45 -1.92 47.58
C ASN C 11 6.88 -1.86 47.05
N LEU C 12 7.76 -2.65 47.66
CA LEU C 12 9.16 -2.74 47.24
C LEU C 12 9.40 -4.01 46.45
N PRO C 13 9.99 -3.92 45.27
CA PRO C 13 10.19 -5.12 44.44
C PRO C 13 11.20 -6.09 45.05
N PHE C 14 11.43 -7.21 44.36
CA PHE C 14 12.38 -8.21 44.82
C PHE C 14 13.81 -7.76 44.51
N LEU C 15 14.75 -8.25 45.32
CA LEU C 15 16.16 -7.87 45.20
C LEU C 15 17.00 -9.12 45.03
N LYS C 16 17.88 -9.10 44.03
CA LYS C 16 18.91 -10.11 43.89
C LYS C 16 20.10 -9.79 44.79
N PRO C 17 20.98 -10.76 45.05
CA PRO C 17 22.12 -10.48 45.94
C PRO C 17 22.97 -9.29 45.49
N ASP C 18 23.36 -9.25 44.22
CA ASP C 18 24.16 -8.14 43.72
C ASP C 18 23.44 -6.80 43.85
N ASP C 19 22.11 -6.81 43.93
CA ASP C 19 21.37 -5.56 44.10
C ASP C 19 21.60 -4.95 45.48
N ILE C 20 21.91 -5.79 46.48
CA ILE C 20 22.13 -5.29 47.84
C ILE C 20 23.18 -4.19 47.84
N GLN C 21 24.34 -4.48 47.23
CA GLN C 21 25.43 -3.52 47.13
C GLN C 21 24.97 -2.17 46.60
N TYR C 22 23.95 -2.16 45.74
CA TYR C 22 23.45 -0.92 45.16
C TYR C 22 22.15 -0.43 45.80
N PHE C 23 21.46 -1.27 46.56
CA PHE C 23 20.16 -0.92 47.12
C PHE C 23 20.07 -1.30 48.59
N ASP C 24 21.18 -1.12 49.32
CA ASP C 24 21.17 -1.44 50.74
C ASP C 24 20.30 -0.47 51.53
N LYS C 25 20.39 0.82 51.21
CA LYS C 25 19.72 1.85 52.03
C LYS C 25 18.20 1.72 51.98
N LEU C 26 17.66 1.14 50.90
CA LEU C 26 16.21 1.11 50.75
C LEU C 26 15.54 0.16 51.72
N LEU C 27 16.28 -0.78 52.32
CA LEU C 27 15.66 -1.76 53.21
C LEU C 27 15.32 -1.15 54.56
N VAL C 28 16.16 -0.24 55.05
CA VAL C 28 15.92 0.35 56.36
C VAL C 28 14.72 1.28 56.30
N ASP C 29 14.03 1.42 57.44
CA ASP C 29 12.82 2.22 57.56
C ASP C 29 13.17 3.51 58.29
N VAL C 30 12.97 4.64 57.61
CA VAL C 30 13.28 5.97 58.16
C VAL C 30 12.21 6.96 57.69
N ASP C 31 12.41 8.22 58.06
CA ASP C 31 11.48 9.30 57.75
C ASP C 31 12.15 10.34 56.87
N GLU C 32 11.36 10.95 55.97
CA GLU C 32 11.91 11.86 54.98
C GLU C 32 12.62 13.05 55.64
N SER C 33 11.96 13.66 56.63
CA SER C 33 12.49 14.89 57.22
C SER C 33 13.81 14.64 57.95
N THR C 34 14.00 13.45 58.50
CA THR C 34 15.27 13.13 59.14
C THR C 34 16.43 13.19 58.16
N LEU C 35 16.18 12.85 56.89
CA LEU C 35 17.24 12.69 55.92
C LEU C 35 17.54 14.03 55.28
N SER C 36 18.83 14.29 55.02
CA SER C 36 19.25 15.58 54.50
C SER C 36 18.70 15.80 53.09
N PRO C 37 18.63 17.06 52.64
CA PRO C 37 18.15 17.31 51.27
C PRO C 37 18.97 16.62 50.21
N GLU C 38 20.30 16.62 50.35
CA GLU C 38 21.14 15.86 49.43
C GLU C 38 20.82 14.37 49.51
N GLU C 39 20.53 13.89 50.72
CA GLU C 39 20.25 12.47 50.91
C GLU C 39 18.91 12.08 50.27
N GLN C 40 17.92 12.96 50.36
CA GLN C 40 16.61 12.68 49.77
C GLN C 40 16.72 12.39 48.28
N LYS C 41 17.48 13.21 47.56
CA LYS C 41 17.67 12.97 46.13
C LYS C 41 18.18 11.55 45.90
N GLU C 42 19.21 11.15 46.63
CA GLU C 42 19.73 9.79 46.53
C GLU C 42 18.63 8.76 46.79
N ARG C 43 17.77 9.01 47.78
CA ARG C 43 16.73 8.06 48.12
C ARG C 43 15.71 7.90 46.99
N LYS C 44 15.22 9.01 46.45
CA LYS C 44 14.23 8.91 45.38
C LYS C 44 14.84 8.32 44.13
N ILE C 45 16.11 8.65 43.83
CA ILE C 45 16.77 8.05 42.68
C ILE C 45 16.91 6.54 42.87
N MET C 46 17.27 6.10 44.08
CA MET C 46 17.36 4.67 44.35
C MET C 46 16.01 3.99 44.15
N LYS C 47 14.95 4.56 44.72
CA LYS C 47 13.62 3.94 44.59
C LYS C 47 13.19 3.88 43.13
N LEU C 48 13.41 4.97 42.38
CA LEU C 48 13.00 5.01 40.98
C LEU C 48 13.79 4.00 40.15
N LEU C 49 15.11 3.92 40.35
CA LEU C 49 15.90 2.98 39.58
C LEU C 49 15.60 1.54 39.95
N LEU C 50 15.26 1.26 41.21
CA LEU C 50 14.88 -0.10 41.56
C LEU C 50 13.54 -0.46 40.95
N LYS C 51 12.59 0.48 40.93
CA LYS C 51 11.33 0.23 40.25
C LYS C 51 11.53 0.01 38.76
N ILE C 52 12.50 0.70 38.15
CA ILE C 52 12.77 0.50 36.73
C ILE C 52 13.40 -0.87 36.50
N LYS C 53 14.49 -1.18 37.21
CA LYS C 53 15.27 -2.37 36.92
C LYS C 53 14.46 -3.64 37.14
N ASN C 54 14.02 -3.86 38.37
CA ASN C 54 13.23 -5.04 38.73
C ASN C 54 11.79 -4.58 39.00
N GLY C 55 10.94 -4.68 37.99
CA GLY C 55 9.57 -4.25 38.16
C GLY C 55 8.74 -4.58 36.94
N THR C 56 7.43 -4.63 37.16
CA THR C 56 6.49 -4.88 36.08
C THR C 56 6.48 -3.72 35.09
N PRO C 57 6.02 -3.95 33.86
CA PRO C 57 6.02 -2.89 32.83
C PRO C 57 5.29 -1.63 33.29
N PRO C 58 4.16 -1.73 34.02
CA PRO C 58 3.56 -0.49 34.55
C PRO C 58 4.45 0.22 35.56
N MET C 59 5.08 -0.51 36.47
CA MET C 59 6.05 0.10 37.39
C MET C 59 7.16 0.81 36.63
N ARG C 60 7.69 0.16 35.60
CA ARG C 60 8.76 0.74 34.80
C ARG C 60 8.30 2.02 34.09
N LYS C 61 7.10 1.99 33.52
CA LYS C 61 6.58 3.17 32.82
C LYS C 61 6.38 4.33 33.78
N ALA C 62 5.78 4.07 34.94
CA ALA C 62 5.58 5.12 35.93
C ALA C 62 6.91 5.69 36.40
N ALA C 63 7.88 4.82 36.69
CA ALA C 63 9.16 5.28 37.17
C ALA C 63 9.91 6.07 36.09
N LEU C 64 9.79 5.66 34.83
CA LEU C 64 10.43 6.42 33.75
C LEU C 64 9.83 7.81 33.63
N ARG C 65 8.50 7.91 33.66
CA ARG C 65 7.86 9.22 33.56
C ARG C 65 8.26 10.10 34.74
N GLN C 66 8.29 9.52 35.95
CA GLN C 66 8.67 10.31 37.13
C GLN C 66 10.11 10.77 37.06
N ILE C 67 11.03 9.90 36.64
CA ILE C 67 12.44 10.25 36.60
C ILE C 67 12.75 11.20 35.46
N THR C 68 11.92 11.23 34.41
CA THR C 68 12.16 12.20 33.34
C THR C 68 11.55 13.57 33.67
N ASP C 69 10.38 13.58 34.32
CA ASP C 69 9.74 14.86 34.63
C ASP C 69 10.49 15.64 35.69
N LYS C 70 11.36 14.99 36.47
CA LYS C 70 12.14 15.67 37.50
C LYS C 70 13.64 15.56 37.25
N ALA C 71 14.04 15.24 36.01
CA ALA C 71 15.46 15.09 35.71
C ALA C 71 16.21 16.40 35.94
N ARG C 72 15.62 17.52 35.50
CA ARG C 72 16.27 18.81 35.72
C ARG C 72 16.31 19.17 37.20
N GLU C 73 15.26 18.82 37.95
CA GLU C 73 15.23 19.10 39.37
C GLU C 73 16.29 18.32 40.13
N PHE C 74 16.58 17.09 39.70
CA PHE C 74 17.54 16.26 40.41
C PHE C 74 18.97 16.74 40.17
N GLY C 75 19.41 16.75 38.93
CA GLY C 75 20.76 17.10 38.57
C GLY C 75 21.54 15.90 38.05
N ALA C 76 22.45 16.17 37.11
CA ALA C 76 23.21 15.09 36.49
C ALA C 76 24.15 14.41 37.48
N GLY C 77 24.62 15.14 38.48
CA GLY C 77 25.58 14.65 39.44
C GLY C 77 25.17 13.33 40.08
N PRO C 78 24.19 13.38 40.99
CA PRO C 78 23.79 12.14 41.68
C PRO C 78 23.23 11.09 40.73
N LEU C 79 22.48 11.53 39.72
CA LEU C 79 21.94 10.63 38.71
C LEU C 79 23.02 9.72 38.14
N PHE C 80 24.09 10.31 37.60
CA PHE C 80 25.11 9.49 36.98
C PHE C 80 26.03 8.84 38.00
N ASN C 81 26.29 9.48 39.14
CA ASN C 81 27.10 8.84 40.18
C ASN C 81 26.42 7.62 40.76
N GLN C 82 25.11 7.47 40.56
CA GLN C 82 24.42 6.24 40.90
C GLN C 82 24.21 5.30 39.71
N ILE C 83 24.04 5.85 38.50
CA ILE C 83 23.82 5.01 37.34
C ILE C 83 25.10 4.27 36.94
N LEU C 84 26.21 4.98 36.79
CA LEU C 84 27.44 4.37 36.32
C LEU C 84 27.91 3.20 37.18
N PRO C 85 27.80 3.22 38.51
CA PRO C 85 28.10 1.97 39.26
C PRO C 85 27.27 0.78 38.82
N LEU C 86 25.99 0.99 38.49
CA LEU C 86 25.15 -0.11 38.03
C LEU C 86 25.62 -0.62 36.67
N LEU C 87 26.06 0.29 35.80
CA LEU C 87 26.51 -0.08 34.46
C LEU C 87 27.88 -0.73 34.43
N MET C 88 28.49 -0.96 35.60
CA MET C 88 29.75 -1.67 35.70
C MET C 88 29.67 -2.96 36.48
N SER C 89 28.48 -3.38 36.90
CA SER C 89 28.34 -4.61 37.65
C SER C 89 28.61 -5.80 36.74
N PRO C 90 29.50 -6.72 37.12
CA PRO C 90 29.71 -7.92 36.28
C PRO C 90 28.48 -8.79 36.15
N THR C 91 27.50 -8.64 37.04
CA THR C 91 26.27 -9.43 37.02
C THR C 91 25.11 -8.64 36.44
N LEU C 92 25.36 -7.93 35.33
CA LEU C 92 24.37 -7.07 34.70
C LEU C 92 23.76 -7.81 33.51
N GLU C 93 22.47 -8.11 33.60
CA GLU C 93 21.77 -8.75 32.50
C GLU C 93 21.66 -7.81 31.30
N ASP C 94 21.47 -8.40 30.12
CA ASP C 94 21.38 -7.60 28.90
C ASP C 94 20.13 -6.73 28.90
N GLN C 95 19.01 -7.27 29.36
CA GLN C 95 17.79 -6.48 29.48
C GLN C 95 17.96 -5.34 30.47
N GLU C 96 18.74 -5.58 31.53
CA GLU C 96 19.05 -4.51 32.48
C GLU C 96 19.87 -3.41 31.81
N ARG C 97 20.85 -3.80 31.00
CA ARG C 97 21.61 -2.81 30.23
C ARG C 97 20.71 -2.01 29.32
N HIS C 98 19.70 -2.67 28.73
CA HIS C 98 18.80 -1.96 27.83
C HIS C 98 17.92 -0.96 28.59
N LEU C 99 17.40 -1.37 29.75
CA LEU C 99 16.67 -0.43 30.58
C LEU C 99 17.53 0.76 30.96
N LEU C 100 18.80 0.50 31.28
CA LEU C 100 19.70 1.59 31.67
C LEU C 100 20.01 2.53 30.51
N VAL C 101 20.26 1.99 29.31
CA VAL C 101 20.54 2.86 28.17
C VAL C 101 19.30 3.68 27.82
N LYS C 102 18.10 3.10 27.98
CA LYS C 102 16.89 3.87 27.70
C LYS C 102 16.72 5.01 28.70
N VAL C 103 16.89 4.73 30.00
CA VAL C 103 16.74 5.80 30.97
C VAL C 103 17.84 6.85 30.80
N ILE C 104 19.03 6.43 30.36
CA ILE C 104 20.10 7.39 30.12
C ILE C 104 19.73 8.32 28.97
N ASP C 105 19.22 7.76 27.87
CA ASP C 105 18.80 8.61 26.75
C ASP C 105 17.70 9.57 27.17
N ARG C 106 16.73 9.08 27.96
CA ARG C 106 15.61 9.92 28.36
C ARG C 106 16.06 11.06 29.28
N ILE C 107 17.02 10.80 30.18
CA ILE C 107 17.46 11.88 31.06
C ILE C 107 18.45 12.80 30.35
N LEU C 108 19.19 12.29 29.37
CA LEU C 108 20.09 13.14 28.61
C LEU C 108 19.33 14.11 27.73
N TYR C 109 18.19 13.70 27.17
CA TYR C 109 17.39 14.64 26.40
C TYR C 109 16.93 15.82 27.24
N LYS C 110 16.78 15.62 28.56
CA LYS C 110 16.30 16.68 29.42
C LYS C 110 17.42 17.62 29.86
N LEU C 111 18.54 17.06 30.30
CA LEU C 111 19.69 17.86 30.76
C LEU C 111 20.58 18.14 29.55
N ASP C 112 20.29 19.23 28.85
CA ASP C 112 21.04 19.57 27.66
C ASP C 112 22.50 19.85 28.00
N ASP C 113 22.80 21.07 28.41
CA ASP C 113 24.17 21.44 28.77
C ASP C 113 24.53 21.04 30.19
N LEU C 114 23.57 20.54 30.97
CA LEU C 114 23.79 20.18 32.37
C LEU C 114 24.66 18.94 32.56
N VAL C 115 25.19 18.36 31.48
CA VAL C 115 26.03 17.17 31.59
C VAL C 115 27.47 17.44 31.18
N ARG C 116 27.77 18.62 30.64
CA ARG C 116 29.13 18.95 30.23
C ARG C 116 30.18 18.69 31.31
N PRO C 117 29.95 18.96 32.60
CA PRO C 117 30.97 18.62 33.60
C PRO C 117 31.32 17.13 33.64
N TYR C 118 30.33 16.25 33.51
CA TYR C 118 30.52 14.83 33.76
C TYR C 118 30.82 14.03 32.49
N VAL C 119 30.96 14.70 31.34
CA VAL C 119 31.18 14.00 30.07
C VAL C 119 32.31 12.99 30.20
N HIS C 120 33.49 13.47 30.64
CA HIS C 120 34.61 12.57 30.86
C HIS C 120 34.22 11.39 31.74
N LYS C 121 33.64 11.68 32.91
CA LYS C 121 33.27 10.62 33.84
C LYS C 121 32.28 9.64 33.22
N ILE C 122 31.54 10.07 32.20
CA ILE C 122 30.66 9.16 31.48
C ILE C 122 31.46 8.29 30.52
N LEU C 123 32.31 8.91 29.71
CA LEU C 123 32.96 8.19 28.61
C LEU C 123 33.86 7.08 29.12
N VAL C 124 34.55 7.30 30.23
CA VAL C 124 35.43 6.28 30.79
C VAL C 124 34.66 5.03 31.17
N VAL C 125 33.36 5.15 31.43
CA VAL C 125 32.52 3.99 31.73
C VAL C 125 31.82 3.45 30.49
N ILE C 126 31.77 4.22 29.41
CA ILE C 126 30.98 3.86 28.23
C ILE C 126 31.85 3.33 27.11
N GLU C 127 33.02 3.94 26.88
CA GLU C 127 33.88 3.54 25.79
C GLU C 127 34.25 2.05 25.78
N PRO C 128 34.47 1.37 26.91
CA PRO C 128 34.74 -0.08 26.85
C PRO C 128 33.61 -0.89 26.23
N LEU C 129 32.39 -0.35 26.13
CA LEU C 129 31.31 -1.08 25.50
C LEU C 129 31.40 -1.07 23.98
N LEU C 130 32.17 -0.14 23.41
CA LEU C 130 32.31 -0.04 21.96
C LEU C 130 33.21 -1.12 21.38
N ILE C 131 33.73 -2.04 22.19
CA ILE C 131 34.62 -3.08 21.71
C ILE C 131 34.20 -4.42 22.28
N ASP C 132 33.02 -4.47 22.90
CA ASP C 132 32.52 -5.73 23.44
C ASP C 132 32.17 -6.68 22.30
N GLU C 133 32.29 -7.98 22.59
CA GLU C 133 31.98 -8.98 21.57
C GLU C 133 30.49 -8.99 21.25
N ASP C 134 29.65 -8.56 22.18
CA ASP C 134 28.21 -8.52 21.95
C ASP C 134 27.86 -7.39 20.98
N TYR C 135 27.07 -7.72 19.96
CA TYR C 135 26.63 -6.72 19.00
C TYR C 135 25.71 -5.69 19.65
N TYR C 136 24.80 -6.15 20.52
CA TYR C 136 23.84 -5.24 21.14
C TYR C 136 24.49 -4.33 22.17
N ALA C 137 25.54 -4.81 22.85
CA ALA C 137 26.30 -3.94 23.74
C ALA C 137 26.92 -2.79 22.97
N ARG C 138 27.53 -3.09 21.81
CA ARG C 138 28.09 -2.03 20.97
C ARG C 138 27.02 -1.08 20.48
N VAL C 139 25.85 -1.61 20.12
CA VAL C 139 24.74 -0.77 19.67
C VAL C 139 24.33 0.20 20.77
N GLU C 140 24.15 -0.32 21.99
CA GLU C 140 23.75 0.53 23.10
C GLU C 140 24.82 1.58 23.43
N GLY C 141 26.09 1.19 23.35
CA GLY C 141 27.15 2.14 23.58
C GLY C 141 27.14 3.28 22.57
N ARG C 142 27.00 2.93 21.28
CA ARG C 142 26.86 3.95 20.26
C ARG C 142 25.67 4.87 20.55
N GLU C 143 24.57 4.29 21.03
CA GLU C 143 23.38 5.08 21.29
C GLU C 143 23.60 6.08 22.41
N ILE C 144 24.24 5.65 23.51
CA ILE C 144 24.45 6.58 24.62
C ILE C 144 25.48 7.64 24.26
N ILE C 145 26.52 7.27 23.50
CA ILE C 145 27.49 8.28 23.09
C ILE C 145 26.82 9.30 22.17
N SER C 146 25.89 8.84 21.32
CA SER C 146 25.17 9.77 20.45
C SER C 146 24.30 10.71 21.26
N ASN C 147 23.56 10.16 22.24
CA ASN C 147 22.72 11.01 23.08
C ASN C 147 23.55 12.02 23.87
N LEU C 148 24.74 11.61 24.32
CA LEU C 148 25.60 12.53 25.04
C LEU C 148 26.12 13.63 24.13
N ALA C 149 26.63 13.25 22.95
CA ALA C 149 27.12 14.25 22.01
C ALA C 149 26.02 15.19 21.54
N LYS C 150 24.76 14.76 21.60
CA LYS C 150 23.67 15.67 21.29
C LYS C 150 23.32 16.56 22.48
N ALA C 151 23.41 16.01 23.70
CA ALA C 151 23.14 16.78 24.91
C ALA C 151 24.23 17.83 25.13
N ALA C 152 25.43 17.37 25.45
CA ALA C 152 26.57 18.26 25.52
C ALA C 152 26.88 18.81 24.14
N GLY C 153 27.61 19.92 24.10
CA GLY C 153 27.98 20.51 22.83
C GLY C 153 28.92 19.63 22.03
N LEU C 154 28.99 19.92 20.73
CA LEU C 154 30.04 19.34 19.91
C LEU C 154 31.41 19.75 20.41
N ALA C 155 31.56 21.05 20.71
CA ALA C 155 32.82 21.54 21.25
C ALA C 155 33.13 20.89 22.59
N THR C 156 32.11 20.62 23.39
CA THR C 156 32.32 19.94 24.67
C THR C 156 32.91 18.54 24.45
N MET C 157 32.34 17.79 23.50
CA MET C 157 32.86 16.46 23.19
C MET C 157 34.30 16.54 22.68
N ILE C 158 34.57 17.49 21.79
CA ILE C 158 35.92 17.64 21.25
C ILE C 158 36.91 17.94 22.37
N SER C 159 36.58 18.91 23.24
CA SER C 159 37.48 19.29 24.32
C SER C 159 37.64 18.15 25.33
N THR C 160 36.62 17.31 25.50
CA THR C 160 36.74 16.21 26.44
C THR C 160 37.58 15.07 25.88
N MET C 161 37.54 14.84 24.58
CA MET C 161 38.23 13.70 23.97
C MET C 161 39.46 14.09 23.16
N ARG C 162 39.84 15.37 23.14
CA ARG C 162 41.00 15.78 22.35
C ARG C 162 42.32 15.24 22.91
N PRO C 163 42.61 15.35 24.21
CA PRO C 163 43.96 14.98 24.68
C PRO C 163 44.34 13.52 24.44
N ASP C 164 43.38 12.64 24.23
CA ASP C 164 43.65 11.21 24.06
C ASP C 164 44.01 10.84 22.63
N ILE C 165 44.12 11.81 21.73
CA ILE C 165 44.41 11.51 20.33
C ILE C 165 45.79 10.90 20.18
N ASP C 166 46.79 11.45 20.86
CA ASP C 166 48.17 10.99 20.74
C ASP C 166 48.63 10.23 21.99
N ASN C 167 47.69 9.63 22.73
CA ASN C 167 48.08 8.83 23.88
C ASN C 167 48.93 7.65 23.43
N MET C 168 49.82 7.21 24.31
CA MET C 168 50.83 6.24 23.91
C MET C 168 50.22 4.89 23.57
N ASP C 169 49.22 4.44 24.32
CA ASP C 169 48.60 3.16 24.08
C ASP C 169 47.80 3.20 22.79
N GLU C 170 48.16 2.34 21.84
CA GLU C 170 47.40 2.26 20.58
C GLU C 170 45.96 1.84 20.82
N TYR C 171 45.72 1.03 21.85
CA TYR C 171 44.36 0.60 22.17
C TYR C 171 43.49 1.79 22.55
N VAL C 172 44.03 2.69 23.38
CA VAL C 172 43.30 3.89 23.77
C VAL C 172 43.03 4.76 22.55
N ARG C 173 44.00 4.84 21.64
CA ARG C 173 43.79 5.59 20.40
C ARG C 173 42.65 5.02 19.59
N ASN C 174 42.60 3.68 19.46
CA ASN C 174 41.52 3.06 18.71
C ASN C 174 40.17 3.33 19.37
N THR C 175 40.10 3.23 20.70
CA THR C 175 38.84 3.47 21.40
C THR C 175 38.38 4.91 21.19
N THR C 176 39.30 5.87 21.31
CA THR C 176 38.93 7.27 21.11
C THR C 176 38.52 7.53 19.66
N ALA C 177 39.16 6.85 18.70
CA ALA C 177 38.79 7.03 17.30
C ALA C 177 37.39 6.49 17.02
N ARG C 178 37.07 5.32 17.60
CA ARG C 178 35.72 4.79 17.45
C ARG C 178 34.69 5.74 18.06
N ALA C 179 34.98 6.29 19.23
CA ALA C 179 34.05 7.21 19.86
C ALA C 179 33.88 8.48 19.03
N PHE C 180 34.97 8.96 18.43
CA PHE C 180 34.86 10.13 17.55
C PHE C 180 34.02 9.82 16.32
N ALA C 181 34.15 8.61 15.78
CA ALA C 181 33.28 8.22 14.67
C ALA C 181 31.82 8.22 15.09
N VAL C 182 31.54 7.72 16.30
CA VAL C 182 30.16 7.71 16.80
C VAL C 182 29.62 9.14 16.93
N VAL C 183 30.43 10.06 17.47
CA VAL C 183 29.92 11.42 17.61
C VAL C 183 29.79 12.10 16.25
N ALA C 184 30.59 11.69 15.27
CA ALA C 184 30.44 12.22 13.92
C ALA C 184 29.14 11.75 13.29
N SER C 185 28.77 10.49 13.54
CA SER C 185 27.48 9.98 13.07
C SER C 185 26.33 10.61 13.84
N ALA C 186 26.58 11.05 15.07
CA ALA C 186 25.52 11.64 15.89
C ALA C 186 25.25 13.10 15.55
N LEU C 187 26.31 13.87 15.27
CA LEU C 187 26.16 15.30 15.01
C LEU C 187 26.31 15.65 13.54
N GLY C 188 26.77 14.74 12.70
CA GLY C 188 26.91 15.02 11.29
C GLY C 188 28.36 15.14 10.87
N ILE C 189 28.63 14.73 9.63
CA ILE C 189 29.99 14.82 9.09
C ILE C 189 30.47 16.26 8.98
N PRO C 190 29.72 17.21 8.40
CA PRO C 190 30.24 18.57 8.26
C PRO C 190 30.57 19.25 9.58
N SER C 191 29.92 18.85 10.68
CA SER C 191 30.21 19.49 11.96
C SER C 191 31.59 19.12 12.47
N LEU C 192 32.10 17.94 12.10
CA LEU C 192 33.41 17.48 12.50
C LEU C 192 34.42 17.55 11.37
N LEU C 193 34.01 18.02 10.18
CA LEU C 193 34.93 18.11 9.04
C LEU C 193 36.16 18.97 9.33
N PRO C 194 36.06 20.19 9.87
CA PRO C 194 37.29 20.99 10.05
C PRO C 194 38.23 20.41 11.09
N PHE C 195 37.69 19.89 12.19
CA PHE C 195 38.54 19.25 13.20
C PHE C 195 39.31 18.09 12.60
N LEU C 196 38.66 17.27 11.78
CA LEU C 196 39.34 16.14 11.16
C LEU C 196 40.36 16.59 10.13
N LYS C 197 40.03 17.62 9.35
CA LYS C 197 40.99 18.16 8.39
C LYS C 197 42.24 18.66 9.09
N ALA C 198 42.07 19.28 10.27
CA ALA C 198 43.21 19.76 11.03
C ALA C 198 44.01 18.60 11.61
N VAL C 199 43.33 17.63 12.23
CA VAL C 199 44.03 16.53 12.91
C VAL C 199 44.75 15.63 11.91
N CYS C 200 44.21 15.45 10.70
CA CYS C 200 44.85 14.58 9.73
C CYS C 200 46.15 15.15 9.18
N LYS C 201 46.44 16.43 9.40
CA LYS C 201 47.69 17.05 8.97
C LYS C 201 48.49 17.57 10.17
N SER C 202 48.29 16.98 11.34
CA SER C 202 48.94 17.45 12.56
C SER C 202 50.41 17.08 12.54
N LYS C 203 51.28 18.09 12.47
CA LYS C 203 52.72 17.85 12.49
C LYS C 203 53.23 17.47 13.87
N LYS C 204 52.45 17.76 14.92
CA LYS C 204 52.94 17.58 16.28
C LYS C 204 53.09 16.10 16.63
N SER C 205 52.35 15.22 15.97
CA SER C 205 52.43 13.80 16.30
C SER C 205 51.93 12.99 15.10
N TRP C 206 52.74 12.02 14.68
CA TRP C 206 52.25 11.06 13.69
C TRP C 206 51.09 10.25 14.25
N GLN C 207 51.09 10.04 15.57
CA GLN C 207 49.99 9.33 16.21
C GLN C 207 48.68 10.10 16.05
N ALA C 208 48.74 11.42 16.01
CA ALA C 208 47.54 12.22 15.85
C ALA C 208 46.93 12.02 14.46
N ARG C 209 47.76 12.07 13.42
CA ARG C 209 47.27 11.83 12.07
C ARG C 209 46.79 10.40 11.91
N HIS C 210 47.49 9.45 12.54
CA HIS C 210 47.03 8.06 12.53
C HIS C 210 45.65 7.94 13.16
N THR C 211 45.44 8.60 14.29
CA THR C 211 44.13 8.53 14.96
C THR C 211 43.06 9.21 14.13
N GLY C 212 43.39 10.31 13.45
CA GLY C 212 42.41 10.97 12.60
C GLY C 212 42.00 10.11 11.42
N ILE C 213 42.98 9.48 10.76
CA ILE C 213 42.63 8.59 9.65
C ILE C 213 41.88 7.37 10.16
N LYS C 214 42.20 6.89 11.37
CA LYS C 214 41.40 5.83 11.99
C LYS C 214 39.96 6.30 12.20
N ILE C 215 39.79 7.56 12.61
CA ILE C 215 38.45 8.12 12.77
C ILE C 215 37.69 8.08 11.45
N VAL C 216 38.36 8.45 10.36
CA VAL C 216 37.70 8.43 9.05
C VAL C 216 37.35 6.99 8.65
N GLN C 217 38.26 6.06 8.89
CA GLN C 217 38.01 4.65 8.58
C GLN C 217 36.80 4.12 9.35
N GLN C 218 36.74 4.41 10.64
CA GLN C 218 35.61 3.96 11.46
C GLN C 218 34.32 4.68 11.09
N ILE C 219 34.41 5.93 10.64
CA ILE C 219 33.23 6.63 10.13
C ILE C 219 32.68 5.89 8.93
N ALA C 220 33.56 5.49 8.01
CA ALA C 220 33.13 4.66 6.88
C ALA C 220 32.46 3.40 7.37
N ILE C 221 33.18 2.61 8.18
CA ILE C 221 32.69 1.32 8.66
C ILE C 221 31.32 1.45 9.34
N LEU C 222 31.08 2.55 10.03
CA LEU C 222 29.83 2.70 10.78
C LEU C 222 28.69 3.24 9.92
N MET C 223 28.94 4.22 9.05
CA MET C 223 27.85 4.87 8.34
C MET C 223 27.52 4.20 7.01
N GLY C 224 28.52 3.72 6.27
CA GLY C 224 28.21 3.01 5.04
C GLY C 224 27.76 3.96 3.94
N CYS C 225 26.61 3.65 3.33
CA CYS C 225 26.15 4.32 2.13
C CYS C 225 25.66 5.75 2.37
N ALA C 226 25.60 6.21 3.61
CA ALA C 226 25.22 7.59 3.91
C ALA C 226 26.39 8.55 3.84
N ILE C 227 27.49 8.14 3.20
CA ILE C 227 28.72 8.92 3.20
C ILE C 227 29.02 9.52 1.84
N LEU C 228 28.51 8.93 0.75
CA LEU C 228 28.60 9.44 -0.62
C LEU C 228 28.42 10.95 -0.70
N PRO C 229 27.55 11.57 0.13
CA PRO C 229 27.60 13.03 0.28
C PRO C 229 29.00 13.60 0.47
N HIS C 230 29.58 13.37 1.65
CA HIS C 230 30.84 13.98 2.05
C HIS C 230 32.04 13.11 1.72
N LEU C 231 31.90 12.19 0.77
CA LEU C 231 33.01 11.34 0.37
C LEU C 231 34.16 12.18 -0.19
N ARG C 232 33.83 13.18 -1.03
CA ARG C 232 34.86 14.05 -1.58
C ARG C 232 35.64 14.76 -0.48
N SER C 233 34.92 15.28 0.52
CA SER C 233 35.57 15.99 1.61
C SER C 233 36.49 15.06 2.41
N LEU C 234 35.99 13.87 2.75
CA LEU C 234 36.81 12.94 3.53
C LEU C 234 38.06 12.52 2.75
N VAL C 235 37.90 12.27 1.45
CA VAL C 235 39.05 11.86 0.64
C VAL C 235 40.06 13.00 0.53
N GLU C 236 39.59 14.22 0.29
CA GLU C 236 40.51 15.36 0.23
C GLU C 236 41.21 15.59 1.57
N ILE C 237 40.55 15.22 2.67
CA ILE C 237 41.17 15.38 3.98
C ILE C 237 42.25 14.33 4.21
N ILE C 238 42.02 13.09 3.79
CA ILE C 238 42.91 12.00 4.17
C ILE C 238 43.89 11.58 3.08
N GLU C 239 43.80 12.15 1.88
CA GLU C 239 44.61 11.64 0.77
C GLU C 239 46.10 11.78 1.00
N HIS C 240 46.51 12.81 1.76
CA HIS C 240 47.94 13.03 1.98
C HIS C 240 48.59 11.94 2.81
N GLY C 241 47.80 11.16 3.56
CA GLY C 241 48.35 10.12 4.41
C GLY C 241 49.00 8.97 3.66
N LEU C 242 48.88 8.92 2.34
CA LEU C 242 49.46 7.83 1.56
C LEU C 242 50.94 8.03 1.29
N VAL C 243 51.40 9.28 1.26
CA VAL C 243 52.80 9.58 1.00
C VAL C 243 53.49 10.14 2.25
N ASP C 244 52.94 9.88 3.42
CA ASP C 244 53.53 10.38 4.65
C ASP C 244 54.80 9.60 4.97
N GLU C 245 55.70 10.26 5.71
CA GLU C 245 56.98 9.64 6.04
C GLU C 245 56.79 8.41 6.93
N GLN C 246 55.92 8.51 7.93
CA GLN C 246 55.62 7.35 8.77
C GLN C 246 54.89 6.29 7.96
N GLN C 247 55.19 5.03 8.26
CA GLN C 247 54.62 3.91 7.51
C GLN C 247 53.26 3.49 8.04
N LYS C 248 53.08 3.50 9.37
CA LYS C 248 51.80 3.10 9.95
C LYS C 248 50.67 4.02 9.51
N VAL C 249 50.96 5.31 9.35
CA VAL C 249 49.91 6.22 8.88
C VAL C 249 49.59 5.96 7.41
N ARG C 250 50.57 5.53 6.61
CA ARG C 250 50.27 5.12 5.24
C ARG C 250 49.38 3.88 5.23
N THR C 251 49.67 2.90 6.08
CA THR C 251 48.84 1.71 6.16
C THR C 251 47.41 2.08 6.57
N ILE C 252 47.26 2.93 7.57
CA ILE C 252 45.92 3.27 8.04
C ILE C 252 45.19 4.13 7.01
N SER C 253 45.92 4.93 6.22
CA SER C 253 45.26 5.69 5.17
C SER C 253 44.78 4.78 4.05
N ALA C 254 45.56 3.77 3.71
CA ALA C 254 45.09 2.78 2.74
C ALA C 254 43.86 2.05 3.25
N LEU C 255 43.86 1.67 4.53
CA LEU C 255 42.71 0.97 5.09
C LEU C 255 41.48 1.88 5.11
N ALA C 256 41.67 3.16 5.40
CA ALA C 256 40.55 4.10 5.40
C ALA C 256 39.99 4.29 3.99
N ILE C 257 40.88 4.36 2.99
CA ILE C 257 40.41 4.42 1.61
C ILE C 257 39.63 3.17 1.24
N ALA C 258 40.10 2.01 1.70
CA ALA C 258 39.39 0.76 1.43
C ALA C 258 38.01 0.76 2.07
N ALA C 259 37.91 1.20 3.32
CA ALA C 259 36.62 1.23 4.00
C ALA C 259 35.68 2.23 3.33
N LEU C 260 36.20 3.37 2.88
CA LEU C 260 35.39 4.34 2.18
C LEU C 260 34.85 3.77 0.87
N ALA C 261 35.70 3.04 0.13
CA ALA C 261 35.24 2.42 -1.11
C ALA C 261 34.20 1.34 -0.84
N GLU C 262 34.40 0.56 0.22
CA GLU C 262 33.41 -0.45 0.59
C GLU C 262 32.07 0.20 0.94
N ALA C 263 32.12 1.35 1.60
CA ALA C 263 30.89 2.06 1.97
C ALA C 263 30.24 2.74 0.78
N ALA C 264 31.03 3.11 -0.24
CA ALA C 264 30.52 3.85 -1.38
C ALA C 264 30.09 2.94 -2.53
N THR C 265 30.24 1.62 -2.40
CA THR C 265 29.86 0.73 -3.48
C THR C 265 28.37 0.89 -3.80
N PRO C 266 28.01 1.14 -5.07
CA PRO C 266 28.96 1.28 -6.18
C PRO C 266 29.15 2.71 -6.69
N TYR C 267 28.56 3.69 -6.02
CA TYR C 267 28.55 5.06 -6.53
C TYR C 267 29.73 5.86 -6.00
N GLY C 268 30.23 6.78 -6.84
CA GLY C 268 31.21 7.75 -6.39
C GLY C 268 32.67 7.40 -6.65
N ILE C 269 32.98 6.97 -7.87
CA ILE C 269 34.37 6.74 -8.22
C ILE C 269 35.10 8.05 -8.46
N GLU C 270 34.40 9.06 -8.96
CA GLU C 270 35.01 10.36 -9.25
C GLU C 270 35.57 11.02 -8.00
N SER C 271 35.08 10.67 -6.82
CA SER C 271 35.62 11.25 -5.58
C SER C 271 37.02 10.75 -5.26
N PHE C 272 37.41 9.59 -5.80
CA PHE C 272 38.74 9.02 -5.58
C PHE C 272 39.69 9.33 -6.73
N ASP C 273 39.48 10.45 -7.43
CA ASP C 273 40.28 10.75 -8.61
C ASP C 273 41.72 11.09 -8.27
N SER C 274 42.00 11.56 -7.05
CA SER C 274 43.35 11.94 -6.65
C SER C 274 43.97 10.93 -5.69
N VAL C 275 43.64 9.65 -5.87
CA VAL C 275 44.14 8.59 -5.00
C VAL C 275 44.70 7.46 -5.86
N LEU C 276 44.48 7.55 -7.18
CA LEU C 276 44.85 6.47 -8.07
C LEU C 276 46.36 6.37 -8.22
N LYS C 277 47.00 7.45 -8.67
CA LYS C 277 48.46 7.42 -8.87
C LYS C 277 49.24 7.17 -7.59
N PRO C 278 48.88 7.71 -6.42
CA PRO C 278 49.61 7.34 -5.20
C PRO C 278 49.59 5.86 -4.92
N LEU C 279 48.40 5.24 -4.96
CA LEU C 279 48.30 3.80 -4.75
C LEU C 279 49.10 3.05 -5.79
N TRP C 280 49.01 3.48 -7.06
CA TRP C 280 49.69 2.77 -8.13
C TRP C 280 51.21 2.82 -7.96
N LYS C 281 51.73 3.95 -7.47
CA LYS C 281 53.16 4.05 -7.20
C LYS C 281 53.55 3.20 -6.00
N GLY C 282 52.80 3.31 -4.89
CA GLY C 282 53.06 2.51 -3.71
C GLY C 282 52.98 1.01 -3.94
N ILE C 283 52.20 0.57 -4.92
CA ILE C 283 52.16 -0.86 -5.25
C ILE C 283 53.56 -1.35 -5.58
N ARG C 284 54.26 -0.61 -6.44
CA ARG C 284 55.63 -0.97 -6.80
C ARG C 284 56.61 -0.64 -5.69
N GLN C 285 56.36 0.42 -4.92
CA GLN C 285 57.33 0.84 -3.91
C GLN C 285 57.24 0.01 -2.63
N HIS C 286 56.07 0.02 -2.00
CA HIS C 286 55.93 -0.52 -0.65
C HIS C 286 55.95 -2.05 -0.64
N ARG C 287 56.14 -2.59 0.57
CA ARG C 287 56.11 -4.03 0.82
C ARG C 287 55.45 -4.29 2.17
N GLY C 288 55.18 -5.56 2.45
CA GLY C 288 54.67 -5.97 3.75
C GLY C 288 53.21 -5.57 3.99
N LYS C 289 52.93 -5.21 5.25
CA LYS C 289 51.56 -4.87 5.64
C LYS C 289 51.04 -3.64 4.90
N GLY C 290 51.91 -2.66 4.64
CA GLY C 290 51.48 -1.50 3.86
C GLY C 290 51.11 -1.86 2.44
N LEU C 291 51.87 -2.79 1.84
CA LEU C 291 51.49 -3.29 0.51
C LEU C 291 50.17 -4.03 0.55
N ALA C 292 49.93 -4.80 1.61
CA ALA C 292 48.65 -5.47 1.75
C ALA C 292 47.50 -4.47 1.85
N ALA C 293 47.71 -3.39 2.61
CA ALA C 293 46.66 -2.37 2.74
C ALA C 293 46.43 -1.66 1.41
N PHE C 294 47.51 -1.37 0.67
CA PHE C 294 47.36 -0.75 -0.65
C PHE C 294 46.60 -1.66 -1.60
N LEU C 295 46.94 -2.95 -1.61
CA LEU C 295 46.24 -3.90 -2.47
C LEU C 295 44.77 -4.00 -2.09
N LYS C 296 44.47 -4.02 -0.79
CA LYS C 296 43.08 -4.08 -0.36
C LYS C 296 42.30 -2.84 -0.81
N ALA C 297 42.92 -1.66 -0.68
CA ALA C 297 42.26 -0.44 -1.15
C ALA C 297 42.00 -0.50 -2.64
N ILE C 298 42.97 -0.98 -3.43
CA ILE C 298 42.76 -1.06 -4.87
C ILE C 298 41.66 -2.07 -5.21
N GLY C 299 41.62 -3.19 -4.48
CA GLY C 299 40.62 -4.20 -4.75
C GLY C 299 39.21 -3.72 -4.44
N TYR C 300 39.06 -2.96 -3.35
CA TYR C 300 37.76 -2.37 -3.06
C TYR C 300 37.44 -1.15 -3.92
N LEU C 301 38.43 -0.58 -4.60
CA LEU C 301 38.19 0.58 -5.46
C LEU C 301 37.86 0.21 -6.90
N ILE C 302 38.39 -0.91 -7.40
CA ILE C 302 38.20 -1.25 -8.81
C ILE C 302 36.73 -1.36 -9.22
N PRO C 303 35.86 -2.04 -8.48
CA PRO C 303 34.48 -2.24 -8.97
C PRO C 303 33.71 -0.97 -9.25
N LEU C 304 34.25 0.21 -8.95
CA LEU C 304 33.55 1.47 -9.17
C LEU C 304 33.95 2.15 -10.47
N MET C 305 34.97 1.66 -11.16
CA MET C 305 35.51 2.34 -12.32
C MET C 305 34.75 1.97 -13.59
N ASP C 306 34.98 2.76 -14.64
CA ASP C 306 34.43 2.43 -15.95
C ASP C 306 35.15 1.22 -16.54
N ALA C 307 34.56 0.67 -17.60
CA ALA C 307 35.07 -0.59 -18.15
C ALA C 307 36.50 -0.44 -18.68
N GLU C 308 36.74 0.56 -19.53
CA GLU C 308 38.06 0.73 -20.12
C GLU C 308 39.10 1.10 -19.07
N TYR C 309 38.75 2.01 -18.15
CA TYR C 309 39.70 2.38 -17.12
C TYR C 309 39.93 1.27 -16.11
N ALA C 310 38.90 0.47 -15.83
CA ALA C 310 39.10 -0.71 -15.00
C ALA C 310 40.06 -1.68 -15.67
N ASN C 311 39.92 -1.88 -16.98
CA ASN C 311 40.85 -2.72 -17.72
C ASN C 311 42.28 -2.19 -17.61
N TYR C 312 42.44 -0.87 -17.79
CA TYR C 312 43.77 -0.27 -17.70
C TYR C 312 44.40 -0.47 -16.33
N TYR C 313 43.67 -0.11 -15.27
CA TYR C 313 44.21 -0.22 -13.92
C TYR C 313 44.47 -1.67 -13.54
N THR C 314 43.61 -2.58 -13.98
CA THR C 314 43.80 -4.00 -13.66
C THR C 314 45.05 -4.54 -14.35
N ARG C 315 45.27 -4.17 -15.61
CA ARG C 315 46.51 -4.56 -16.28
C ARG C 315 47.72 -3.92 -15.62
N GLU C 316 47.55 -2.74 -15.02
CA GLU C 316 48.67 -2.09 -14.35
C GLU C 316 49.06 -2.81 -13.07
N VAL C 317 48.09 -3.28 -12.30
CA VAL C 317 48.36 -3.88 -10.98
C VAL C 317 48.48 -5.41 -11.02
N MET C 318 48.09 -6.05 -12.13
CA MET C 318 48.04 -7.51 -12.15
C MET C 318 49.41 -8.14 -11.97
N LEU C 319 50.48 -7.47 -12.42
CA LEU C 319 51.82 -8.03 -12.26
C LEU C 319 52.16 -8.20 -10.79
N ILE C 320 51.99 -7.14 -9.99
CA ILE C 320 52.29 -7.23 -8.57
C ILE C 320 51.31 -8.15 -7.87
N LEU C 321 50.07 -8.24 -8.35
CA LEU C 321 49.12 -9.18 -7.76
C LEU C 321 49.60 -10.62 -7.93
N ILE C 322 49.93 -11.00 -9.16
CA ILE C 322 50.42 -12.35 -9.42
C ILE C 322 51.72 -12.61 -8.68
N ARG C 323 52.55 -11.57 -8.49
CA ARG C 323 53.77 -11.75 -7.72
C ARG C 323 53.46 -12.06 -6.27
N GLU C 324 52.57 -11.29 -5.65
CA GLU C 324 52.22 -11.51 -4.25
C GLU C 324 51.33 -12.73 -4.05
N PHE C 325 50.89 -13.38 -5.13
CA PHE C 325 50.20 -14.67 -5.00
C PHE C 325 50.94 -15.63 -4.07
N GLN C 326 52.28 -15.66 -4.15
CA GLN C 326 53.10 -16.65 -3.45
C GLN C 326 53.69 -16.12 -2.15
N SER C 327 52.94 -15.29 -1.43
CA SER C 327 53.47 -14.72 -0.20
C SER C 327 53.32 -15.70 0.97
N PRO C 328 54.22 -15.64 1.96
CA PRO C 328 54.06 -16.50 3.15
C PRO C 328 53.02 -15.98 4.13
N ASP C 329 52.73 -14.68 4.13
CA ASP C 329 51.78 -14.11 5.07
C ASP C 329 50.36 -14.52 4.69
N GLU C 330 49.64 -15.15 5.63
CA GLU C 330 48.29 -15.61 5.35
C GLU C 330 47.33 -14.45 5.15
N GLU C 331 47.51 -13.38 5.91
CA GLU C 331 46.68 -12.18 5.70
C GLU C 331 46.89 -11.62 4.29
N MET C 332 48.13 -11.66 3.81
CA MET C 332 48.39 -11.24 2.44
C MET C 332 47.67 -12.13 1.43
N LYS C 333 47.67 -13.45 1.68
CA LYS C 333 46.95 -14.36 0.80
C LYS C 333 45.46 -14.03 0.78
N LYS C 334 44.86 -13.82 1.96
CA LYS C 334 43.43 -13.52 2.02
C LYS C 334 43.13 -12.21 1.29
N ILE C 335 43.99 -11.20 1.47
CA ILE C 335 43.74 -9.90 0.84
C ILE C 335 43.84 -10.02 -0.68
N VAL C 336 44.88 -10.70 -1.18
CA VAL C 336 45.03 -10.81 -2.63
C VAL C 336 43.93 -11.68 -3.22
N LEU C 337 43.43 -12.66 -2.46
CA LEU C 337 42.33 -13.48 -2.96
C LEU C 337 41.05 -12.67 -3.07
N LYS C 338 40.75 -11.85 -2.05
CA LYS C 338 39.60 -10.96 -2.13
C LYS C 338 39.77 -9.97 -3.28
N VAL C 339 40.99 -9.53 -3.53
CA VAL C 339 41.23 -8.57 -4.62
C VAL C 339 40.99 -9.24 -5.97
N VAL C 340 41.42 -10.49 -6.13
CA VAL C 340 41.15 -11.21 -7.38
C VAL C 340 39.65 -11.40 -7.56
N LYS C 341 38.95 -11.77 -6.48
CA LYS C 341 37.49 -11.91 -6.54
C LYS C 341 36.83 -10.61 -6.98
N GLN C 342 37.31 -9.48 -6.46
CA GLN C 342 36.72 -8.19 -6.83
C GLN C 342 37.06 -7.81 -8.27
N CYS C 343 38.27 -8.16 -8.72
CA CYS C 343 38.67 -7.81 -10.08
C CYS C 343 37.86 -8.58 -11.12
N CYS C 344 37.74 -9.89 -10.95
CA CYS C 344 37.10 -10.73 -11.95
C CYS C 344 35.58 -10.71 -11.86
N GLY C 345 34.99 -9.77 -11.11
CA GLY C 345 33.55 -9.67 -11.03
C GLY C 345 33.05 -8.33 -11.54
N THR C 346 33.86 -7.64 -12.34
CA THR C 346 33.54 -6.32 -12.84
C THR C 346 33.60 -6.30 -14.35
N ASP C 347 32.81 -5.40 -14.95
CA ASP C 347 32.84 -5.20 -16.38
C ASP C 347 34.09 -4.42 -16.76
N GLY C 348 34.81 -4.91 -17.77
CA GLY C 348 36.05 -4.29 -18.17
C GLY C 348 37.20 -5.28 -18.16
N VAL C 349 37.23 -6.15 -17.16
CA VAL C 349 38.21 -7.23 -17.07
C VAL C 349 37.70 -8.37 -17.93
N GLU C 350 38.28 -8.51 -19.13
CA GLU C 350 37.78 -9.49 -20.09
C GLU C 350 38.06 -10.91 -19.63
N ALA C 351 37.23 -11.84 -20.11
CA ALA C 351 37.33 -13.23 -19.67
C ALA C 351 38.57 -13.91 -20.22
N ASN C 352 38.90 -13.66 -21.49
CA ASN C 352 40.10 -14.25 -22.06
C ASN C 352 41.37 -13.73 -21.37
N TYR C 353 41.36 -12.47 -20.95
CA TYR C 353 42.48 -11.92 -20.20
C TYR C 353 42.72 -12.69 -18.91
N ILE C 354 41.64 -12.98 -18.18
CA ILE C 354 41.76 -13.76 -16.95
C ILE C 354 42.19 -15.19 -17.26
N LYS C 355 41.63 -15.78 -18.32
CA LYS C 355 41.95 -17.15 -18.68
C LYS C 355 43.43 -17.30 -19.05
N THR C 356 44.02 -16.26 -19.64
CA THR C 356 45.41 -16.34 -20.10
C THR C 356 46.40 -15.93 -19.02
N GLU C 357 46.15 -14.81 -18.34
CA GLU C 357 47.17 -14.20 -17.48
C GLU C 357 46.98 -14.46 -15.99
N ILE C 358 45.78 -14.84 -15.56
CA ILE C 358 45.48 -14.92 -14.14
C ILE C 358 45.23 -16.35 -13.66
N LEU C 359 44.65 -17.21 -14.51
CA LEU C 359 44.23 -18.53 -14.04
C LEU C 359 45.38 -19.47 -13.71
N PRO C 360 46.40 -19.62 -14.56
CA PRO C 360 47.47 -20.60 -14.27
C PRO C 360 48.14 -20.36 -12.93
N PRO C 361 48.56 -19.13 -12.60
CA PRO C 361 49.17 -18.94 -11.27
C PRO C 361 48.18 -19.14 -10.14
N PHE C 362 46.93 -18.75 -10.34
CA PHE C 362 45.90 -18.96 -9.33
C PHE C 362 45.74 -20.43 -8.99
N PHE C 363 45.72 -21.29 -10.01
CA PHE C 363 45.51 -22.71 -9.77
C PHE C 363 46.80 -23.46 -9.44
N LYS C 364 47.96 -22.86 -9.69
CA LYS C 364 49.20 -23.49 -9.28
C LYS C 364 49.52 -23.17 -7.82
N HIS C 365 49.26 -21.94 -7.38
CA HIS C 365 49.68 -21.51 -6.05
C HIS C 365 48.59 -21.74 -5.00
N PHE C 366 47.35 -21.37 -5.30
CA PHE C 366 46.30 -21.40 -4.28
C PHE C 366 45.76 -22.81 -4.05
N TRP C 367 45.53 -23.58 -5.11
CA TRP C 367 44.95 -24.92 -4.97
C TRP C 367 46.02 -25.90 -4.51
N GLN C 368 46.40 -25.76 -3.24
CA GLN C 368 47.34 -26.64 -2.57
C GLN C 368 46.64 -27.31 -1.40
N HIS C 369 47.25 -28.39 -0.91
CA HIS C 369 46.61 -29.21 0.13
C HIS C 369 46.41 -28.41 1.41
N ARG C 370 47.43 -27.67 1.84
CA ARG C 370 47.37 -26.98 3.12
C ARG C 370 46.28 -25.90 3.15
N MET C 371 45.86 -25.42 1.98
CA MET C 371 44.77 -24.44 1.94
C MET C 371 43.43 -25.05 2.28
N ALA C 372 43.29 -26.38 2.20
CA ALA C 372 42.06 -27.06 2.53
C ALA C 372 41.95 -27.38 4.03
N LEU C 373 42.95 -27.00 4.82
CA LEU C 373 42.93 -27.26 6.26
C LEU C 373 42.27 -26.12 7.03
N ASP C 374 42.73 -24.89 6.81
CA ASP C 374 42.11 -23.73 7.44
C ASP C 374 40.74 -23.46 6.82
N ARG C 375 39.75 -23.19 7.67
CA ARG C 375 38.38 -23.04 7.19
C ARG C 375 38.13 -21.67 6.56
N ARG C 376 38.81 -20.62 7.05
CA ARG C 376 38.63 -19.29 6.47
C ARG C 376 39.15 -19.24 5.05
N ASN C 377 40.39 -19.69 4.84
CA ASN C 377 40.93 -19.79 3.48
C ASN C 377 40.09 -20.73 2.63
N TYR C 378 39.58 -21.81 3.23
CA TYR C 378 38.69 -22.73 2.53
C TYR C 378 37.50 -21.98 1.94
N ARG C 379 36.72 -21.31 2.79
CA ARG C 379 35.53 -20.61 2.33
C ARG C 379 35.88 -19.51 1.33
N GLN C 380 36.95 -18.75 1.61
CA GLN C 380 37.33 -17.67 0.71
C GLN C 380 37.68 -18.19 -0.67
N LEU C 381 38.50 -19.24 -0.74
CA LEU C 381 38.91 -19.79 -2.02
C LEU C 381 37.72 -20.39 -2.78
N VAL C 382 36.82 -21.07 -2.05
CA VAL C 382 35.66 -21.66 -2.71
C VAL C 382 34.79 -20.57 -3.34
N ASP C 383 34.44 -19.55 -2.56
CA ASP C 383 33.60 -18.48 -3.09
C ASP C 383 34.28 -17.74 -4.24
N THR C 384 35.59 -17.51 -4.12
CA THR C 384 36.30 -16.80 -5.18
C THR C 384 36.33 -17.62 -6.47
N THR C 385 36.55 -18.94 -6.36
CA THR C 385 36.58 -19.77 -7.56
C THR C 385 35.20 -19.85 -8.21
N VAL C 386 34.14 -19.88 -7.40
CA VAL C 386 32.80 -19.88 -7.98
C VAL C 386 32.52 -18.57 -8.73
N GLU C 387 32.89 -17.44 -8.11
CA GLU C 387 32.72 -16.16 -8.78
C GLU C 387 33.57 -16.07 -10.05
N LEU C 388 34.73 -16.74 -10.06
CA LEU C 388 35.52 -16.81 -11.28
C LEU C 388 34.78 -17.57 -12.37
N ALA C 389 34.26 -18.75 -12.03
CA ALA C 389 33.49 -19.54 -13.00
C ALA C 389 32.31 -18.77 -13.55
N ASN C 390 31.72 -17.88 -12.74
CA ASN C 390 30.60 -17.07 -13.21
C ASN C 390 30.95 -16.17 -14.40
N LYS C 391 32.23 -15.99 -14.73
CA LYS C 391 32.61 -15.09 -15.83
C LYS C 391 33.53 -15.75 -16.83
N VAL C 392 34.36 -16.69 -16.39
CA VAL C 392 35.34 -17.29 -17.28
C VAL C 392 34.86 -18.59 -17.92
N GLY C 393 33.80 -19.19 -17.39
CA GLY C 393 33.29 -20.45 -17.92
C GLY C 393 33.48 -21.57 -16.92
N ALA C 394 32.45 -22.43 -16.82
CA ALA C 394 32.49 -23.51 -15.83
C ALA C 394 33.53 -24.56 -16.17
N ALA C 395 33.63 -24.96 -17.44
CA ALA C 395 34.56 -26.01 -17.82
C ALA C 395 36.01 -25.57 -17.66
N GLU C 396 36.30 -24.29 -17.89
CA GLU C 396 37.66 -23.79 -17.69
C GLU C 396 38.09 -23.91 -16.24
N ILE C 397 37.13 -23.88 -15.31
CA ILE C 397 37.46 -23.97 -13.89
C ILE C 397 37.48 -25.42 -13.42
N ILE C 398 36.48 -26.21 -13.83
CA ILE C 398 36.34 -27.57 -13.32
C ILE C 398 37.46 -28.46 -13.84
N SER C 399 37.88 -28.25 -15.09
CA SER C 399 38.93 -29.10 -15.67
C SER C 399 40.24 -29.00 -14.89
N ARG C 400 40.52 -27.85 -14.29
CA ARG C 400 41.78 -27.67 -13.58
C ARG C 400 41.79 -28.27 -12.18
N ILE C 401 40.65 -28.79 -11.70
CA ILE C 401 40.58 -29.29 -10.34
C ILE C 401 39.88 -30.64 -10.29
N VAL C 402 39.37 -31.09 -11.43
CA VAL C 402 38.58 -32.33 -11.45
C VAL C 402 39.47 -33.54 -11.14
N ASP C 403 40.68 -33.56 -11.68
CA ASP C 403 41.59 -34.68 -11.43
C ASP C 403 41.98 -34.77 -9.95
N ASP C 404 41.89 -33.67 -9.22
CA ASP C 404 42.15 -33.69 -7.79
C ASP C 404 41.06 -34.40 -6.99
N LEU C 405 39.96 -34.79 -7.65
CA LEU C 405 38.90 -35.53 -6.97
C LEU C 405 39.34 -36.91 -6.52
N LYS C 406 40.54 -37.35 -6.89
CA LYS C 406 41.05 -38.67 -6.54
C LYS C 406 42.32 -38.57 -5.71
N ASP C 407 42.36 -37.61 -4.80
CA ASP C 407 43.51 -37.35 -3.95
C ASP C 407 43.37 -38.07 -2.61
N GLU C 408 44.50 -38.32 -1.96
CA GLU C 408 44.49 -38.98 -0.67
C GLU C 408 43.89 -38.09 0.41
N ALA C 409 44.17 -36.78 0.35
CA ALA C 409 43.64 -35.84 1.33
C ALA C 409 42.13 -35.72 1.15
N GLU C 410 41.39 -36.17 2.17
CA GLU C 410 39.93 -36.13 2.07
C GLU C 410 39.40 -34.71 2.08
N GLN C 411 40.04 -33.80 2.83
CA GLN C 411 39.55 -32.42 2.89
C GLN C 411 39.75 -31.71 1.56
N TYR C 412 40.82 -32.04 0.83
CA TYR C 412 41.01 -31.47 -0.50
C TYR C 412 39.91 -31.93 -1.45
N ARG C 413 39.54 -33.22 -1.37
CA ARG C 413 38.42 -33.72 -2.16
C ARG C 413 37.12 -33.03 -1.77
N LYS C 414 36.91 -32.82 -0.47
CA LYS C 414 35.72 -32.11 0.00
C LYS C 414 35.68 -30.69 -0.57
N MET C 415 36.82 -30.00 -0.58
CA MET C 415 36.89 -28.64 -1.10
C MET C 415 36.56 -28.61 -2.58
N VAL C 416 37.24 -29.44 -3.38
CA VAL C 416 37.00 -29.43 -4.82
C VAL C 416 35.56 -29.88 -5.12
N MET C 417 35.00 -30.76 -4.27
CA MET C 417 33.64 -31.21 -4.48
C MET C 417 32.65 -30.08 -4.24
N GLU C 418 32.83 -29.32 -3.15
CA GLU C 418 31.96 -28.18 -2.89
C GLU C 418 32.08 -27.14 -4.00
N THR C 419 33.30 -26.91 -4.49
CA THR C 419 33.48 -25.93 -5.56
C THR C 419 32.76 -26.38 -6.84
N ILE C 420 32.96 -27.63 -7.24
CA ILE C 420 32.31 -28.14 -8.45
C ILE C 420 30.80 -28.13 -8.28
N GLU C 421 30.30 -28.50 -7.10
CA GLU C 421 28.86 -28.51 -6.85
C GLU C 421 28.28 -27.12 -7.02
N LYS C 422 28.88 -26.11 -6.39
CA LYS C 422 28.34 -24.76 -6.49
C LYS C 422 28.43 -24.24 -7.93
N ILE C 423 29.52 -24.55 -8.63
CA ILE C 423 29.68 -24.07 -10.00
C ILE C 423 28.60 -24.68 -10.90
N MET C 424 28.43 -26.00 -10.85
CA MET C 424 27.45 -26.65 -11.71
C MET C 424 26.02 -26.36 -11.28
N GLY C 425 25.80 -26.01 -10.02
CA GLY C 425 24.46 -25.59 -9.62
C GLY C 425 24.12 -24.20 -10.09
N ASN C 426 25.10 -23.30 -10.14
CA ASN C 426 24.84 -21.96 -10.64
C ASN C 426 24.79 -21.90 -12.17
N LEU C 427 25.55 -22.75 -12.85
CA LEU C 427 25.68 -22.66 -14.31
C LEU C 427 25.05 -23.81 -15.07
N GLY C 428 25.19 -25.04 -14.59
CA GLY C 428 24.62 -26.18 -15.28
C GLY C 428 25.66 -27.10 -15.90
N ALA C 429 25.32 -27.73 -17.02
CA ALA C 429 26.20 -28.69 -17.66
C ALA C 429 26.32 -28.48 -19.17
N ALA C 430 25.82 -27.37 -19.70
CA ALA C 430 25.94 -27.11 -21.13
C ALA C 430 27.38 -26.80 -21.54
N ASP C 431 28.20 -26.30 -20.62
CA ASP C 431 29.57 -25.89 -20.91
C ASP C 431 30.55 -27.06 -20.93
N ILE C 432 30.09 -28.28 -20.67
CA ILE C 432 30.96 -29.43 -20.46
C ILE C 432 30.93 -30.32 -21.70
N ASP C 433 32.10 -30.84 -22.07
CA ASP C 433 32.24 -31.79 -23.17
C ASP C 433 32.22 -33.22 -22.62
N HIS C 434 32.75 -34.16 -23.39
CA HIS C 434 32.69 -35.57 -23.01
C HIS C 434 33.84 -36.00 -22.09
N LYS C 435 35.06 -35.58 -22.40
CA LYS C 435 36.22 -35.95 -21.58
C LYS C 435 36.07 -35.40 -20.16
N LEU C 436 35.67 -34.14 -20.04
CA LEU C 436 35.45 -33.56 -18.72
C LEU C 436 34.30 -34.24 -18.00
N GLU C 437 33.27 -34.67 -18.74
CA GLU C 437 32.16 -35.39 -18.12
C GLU C 437 32.62 -36.73 -17.55
N GLU C 438 33.46 -37.45 -18.29
CA GLU C 438 34.00 -38.71 -17.79
C GLU C 438 34.89 -38.48 -16.57
N GLN C 439 35.75 -37.47 -16.63
CA GLN C 439 36.57 -37.11 -15.48
C GLN C 439 35.69 -36.82 -14.26
N LEU C 440 34.63 -36.04 -14.47
CA LEU C 440 33.67 -35.75 -13.40
C LEU C 440 33.12 -37.03 -12.80
N ILE C 441 32.55 -37.90 -13.64
CA ILE C 441 31.89 -39.10 -13.12
C ILE C 441 32.89 -39.96 -12.35
N ASP C 442 34.09 -40.14 -12.90
CA ASP C 442 35.08 -40.98 -12.24
C ASP C 442 35.49 -40.40 -10.89
N GLY C 443 35.79 -39.10 -10.85
CA GLY C 443 36.19 -38.48 -9.61
C GLY C 443 35.10 -38.51 -8.56
N ILE C 444 33.85 -38.27 -8.97
CA ILE C 444 32.73 -38.31 -8.04
C ILE C 444 32.53 -39.72 -7.49
N LEU C 445 32.63 -40.73 -8.36
CA LEU C 445 32.50 -42.11 -7.89
C LEU C 445 33.58 -42.44 -6.87
N TYR C 446 34.82 -42.05 -7.15
CA TYR C 446 35.89 -42.38 -6.20
C TYR C 446 35.74 -41.61 -4.90
N ALA C 447 35.32 -40.35 -4.97
CA ALA C 447 35.17 -39.54 -3.76
C ALA C 447 34.02 -40.05 -2.90
N PHE C 448 32.93 -40.48 -3.53
CA PHE C 448 31.82 -41.05 -2.77
C PHE C 448 32.16 -42.42 -2.22
N GLN C 449 33.00 -43.19 -2.94
CA GLN C 449 33.36 -44.52 -2.47
C GLN C 449 34.37 -44.48 -1.33
N GLU C 450 35.12 -43.39 -1.18
CA GLU C 450 36.19 -43.32 -0.18
C GLU C 450 36.02 -42.04 0.65
N GLN C 451 34.96 -41.99 1.44
CA GLN C 451 34.74 -40.93 2.41
C GLN C 451 34.74 -41.56 3.80
N THR C 452 35.77 -41.25 4.60
CA THR C 452 35.83 -41.78 5.96
C THR C 452 34.67 -41.24 6.79
N THR C 453 34.43 -39.94 6.72
CA THR C 453 33.31 -39.33 7.42
C THR C 453 32.17 -39.07 6.45
N GLU C 454 30.94 -39.37 6.91
CA GLU C 454 29.75 -39.07 6.12
C GLU C 454 29.61 -37.57 5.98
N ASP C 455 29.75 -37.06 4.77
CA ASP C 455 29.78 -35.63 4.52
C ASP C 455 28.62 -35.23 3.61
N SER C 456 27.94 -34.14 3.97
CA SER C 456 26.87 -33.64 3.11
C SER C 456 27.42 -33.16 1.77
N VAL C 457 28.70 -32.78 1.74
CA VAL C 457 29.27 -32.21 0.52
C VAL C 457 29.24 -33.21 -0.62
N MET C 458 29.62 -34.46 -0.34
CA MET C 458 29.64 -35.48 -1.38
C MET C 458 28.25 -35.75 -1.91
N LEU C 459 27.26 -35.88 -1.02
CA LEU C 459 25.89 -36.13 -1.44
C LEU C 459 25.38 -34.98 -2.32
N ASN C 460 25.55 -33.74 -1.85
CA ASN C 460 25.06 -32.60 -2.61
C ASN C 460 25.75 -32.50 -3.97
N GLY C 461 27.07 -32.72 -4.00
CA GLY C 461 27.78 -32.62 -5.27
C GLY C 461 27.36 -33.69 -6.25
N PHE C 462 27.22 -34.93 -5.77
CA PHE C 462 26.73 -36.02 -6.63
C PHE C 462 25.37 -35.68 -7.20
N GLY C 463 24.43 -35.29 -6.33
CA GLY C 463 23.09 -34.96 -6.80
C GLY C 463 23.08 -33.81 -7.80
N THR C 464 23.84 -32.76 -7.50
CA THR C 464 23.87 -31.59 -8.38
C THR C 464 24.44 -31.94 -9.75
N VAL C 465 25.55 -32.70 -9.77
CA VAL C 465 26.15 -33.07 -11.05
C VAL C 465 25.20 -33.95 -11.86
N VAL C 466 24.57 -34.92 -11.20
CA VAL C 466 23.65 -35.81 -11.90
C VAL C 466 22.47 -35.02 -12.47
N ASN C 467 21.87 -34.16 -11.66
CA ASN C 467 20.71 -33.40 -12.12
C ASN C 467 21.09 -32.39 -13.21
N ALA C 468 22.32 -31.87 -13.19
CA ALA C 468 22.74 -30.94 -14.22
C ALA C 468 23.03 -31.64 -15.53
N LEU C 469 23.64 -32.84 -15.47
CA LEU C 469 23.83 -33.62 -16.68
C LEU C 469 22.50 -34.09 -17.25
N GLY C 470 21.55 -34.44 -16.39
CA GLY C 470 20.23 -34.81 -16.87
C GLY C 470 20.27 -36.14 -17.60
N LYS C 471 19.65 -36.18 -18.76
CA LYS C 471 19.59 -37.39 -19.59
C LYS C 471 20.96 -37.81 -20.13
N ARG C 472 22.02 -37.08 -19.83
CA ARG C 472 23.37 -37.42 -20.26
C ARG C 472 24.08 -38.37 -19.29
N VAL C 473 23.39 -38.79 -18.22
CA VAL C 473 24.00 -39.64 -17.20
C VAL C 473 23.63 -41.11 -17.36
N LYS C 474 22.80 -41.43 -18.35
CA LYS C 474 22.37 -42.82 -18.54
C LYS C 474 23.51 -43.81 -18.70
N PRO C 475 24.58 -43.54 -19.45
CA PRO C 475 25.65 -44.54 -19.60
C PRO C 475 26.35 -44.91 -18.29
N TYR C 476 26.20 -44.11 -17.23
CA TYR C 476 26.86 -44.41 -15.96
C TYR C 476 25.90 -44.94 -14.90
N LEU C 477 24.60 -44.99 -15.20
CA LEU C 477 23.62 -45.37 -14.19
C LEU C 477 23.81 -46.77 -13.61
N PRO C 478 24.14 -47.81 -14.38
CA PRO C 478 24.37 -49.12 -13.74
C PRO C 478 25.50 -49.09 -12.72
N GLN C 479 26.59 -48.40 -13.03
CA GLN C 479 27.71 -48.29 -12.09
C GLN C 479 27.28 -47.55 -10.82
N ILE C 480 26.55 -46.45 -10.98
CA ILE C 480 26.09 -45.67 -9.83
C ILE C 480 25.16 -46.50 -8.95
N CYS C 481 24.24 -47.24 -9.58
CA CYS C 481 23.33 -48.06 -8.80
C CYS C 481 24.04 -49.23 -8.12
N GLY C 482 25.06 -49.79 -8.76
CA GLY C 482 25.86 -50.80 -8.08
C GLY C 482 26.58 -50.25 -6.87
N THR C 483 27.14 -49.03 -6.99
CA THR C 483 27.76 -48.38 -5.85
C THR C 483 26.75 -48.15 -4.73
N VAL C 484 25.56 -47.67 -5.09
CA VAL C 484 24.52 -47.40 -4.08
C VAL C 484 24.10 -48.70 -3.39
N LEU C 485 23.95 -49.78 -4.16
CA LEU C 485 23.58 -51.06 -3.58
C LEU C 485 24.65 -51.56 -2.62
N TRP C 486 25.92 -51.47 -3.03
CA TRP C 486 27.01 -51.90 -2.15
C TRP C 486 27.09 -51.03 -0.91
N ARG C 487 26.71 -49.75 -1.03
CA ARG C 487 26.70 -48.86 0.12
C ARG C 487 25.54 -49.12 1.07
N LEU C 488 24.40 -49.58 0.55
CA LEU C 488 23.27 -49.91 1.41
C LEU C 488 23.56 -51.11 2.31
N ASN C 489 24.62 -51.87 2.04
CA ASN C 489 25.08 -52.95 2.90
C ASN C 489 26.33 -52.46 3.63
N ASN C 490 26.13 -51.91 4.82
CA ASN C 490 27.27 -51.43 5.60
C ASN C 490 26.88 -51.37 7.08
N LYS C 491 27.88 -51.59 7.94
CA LYS C 491 27.63 -51.61 9.38
C LYS C 491 27.18 -50.24 9.88
N SER C 492 27.81 -49.17 9.41
CA SER C 492 27.39 -47.83 9.78
C SER C 492 26.04 -47.52 9.15
N ALA C 493 25.22 -46.77 9.90
CA ALA C 493 23.89 -46.39 9.41
C ALA C 493 23.92 -45.14 8.54
N LYS C 494 24.72 -44.14 8.94
CA LYS C 494 24.68 -42.85 8.25
C LYS C 494 25.05 -42.98 6.78
N VAL C 495 25.90 -43.95 6.43
CA VAL C 495 26.24 -44.18 5.02
C VAL C 495 25.02 -44.73 4.27
N ARG C 496 24.25 -45.62 4.90
CA ARG C 496 23.01 -46.09 4.30
C ARG C 496 22.02 -44.94 4.12
N GLN C 497 21.92 -44.06 5.12
CA GLN C 497 21.09 -42.88 5.00
C GLN C 497 21.52 -42.03 3.81
N GLN C 498 22.84 -41.85 3.64
CA GLN C 498 23.34 -41.07 2.51
C GLN C 498 22.99 -41.71 1.18
N ALA C 499 23.08 -43.05 1.10
CA ALA C 499 22.72 -43.74 -0.13
C ALA C 499 21.23 -43.56 -0.45
N ALA C 500 20.38 -43.70 0.56
CA ALA C 500 18.95 -43.50 0.36
C ALA C 500 18.64 -42.07 -0.08
N ASP C 501 19.33 -41.09 0.51
CA ASP C 501 19.11 -39.70 0.12
C ASP C 501 19.57 -39.47 -1.32
N LEU C 502 20.67 -40.12 -1.73
CA LEU C 502 21.12 -40.01 -3.11
C LEU C 502 20.08 -40.58 -4.07
N ILE C 503 19.48 -41.72 -3.70
CA ILE C 503 18.39 -42.28 -4.52
C ILE C 503 17.25 -41.28 -4.62
N SER C 504 16.87 -40.69 -3.48
CA SER C 504 15.77 -39.72 -3.47
C SER C 504 16.06 -38.55 -4.40
N ARG C 505 17.30 -38.07 -4.40
CA ARG C 505 17.63 -36.88 -5.19
C ARG C 505 17.80 -37.20 -6.68
N THR C 506 18.18 -38.42 -7.02
CA THR C 506 18.43 -38.78 -8.41
C THR C 506 17.27 -39.54 -9.05
N ALA C 507 16.17 -39.77 -8.32
CA ALA C 507 15.04 -40.52 -8.87
C ALA C 507 14.52 -39.90 -10.16
N VAL C 508 14.35 -38.57 -10.19
CA VAL C 508 13.72 -37.94 -11.34
C VAL C 508 14.63 -38.03 -12.57
N VAL C 509 15.93 -37.82 -12.39
CA VAL C 509 16.84 -37.92 -13.52
C VAL C 509 16.97 -39.37 -13.99
N MET C 510 16.87 -40.33 -13.07
CA MET C 510 16.83 -41.73 -13.49
C MET C 510 15.59 -42.01 -14.33
N LYS C 511 14.44 -41.49 -13.93
CA LYS C 511 13.23 -41.67 -14.71
C LYS C 511 13.36 -41.04 -16.09
N THR C 512 14.03 -39.89 -16.16
CA THR C 512 14.28 -39.28 -17.47
C THR C 512 15.15 -40.17 -18.35
N CYS C 513 16.06 -40.94 -17.73
CA CYS C 513 16.97 -41.80 -18.47
C CYS C 513 16.34 -43.12 -18.89
N GLN C 514 15.11 -43.39 -18.47
CA GLN C 514 14.38 -44.62 -18.84
C GLN C 514 15.18 -45.87 -18.47
N GLU C 515 15.43 -46.02 -17.17
CA GLU C 515 16.05 -47.22 -16.65
C GLU C 515 15.13 -47.84 -15.60
N GLU C 516 13.89 -48.14 -16.01
CA GLU C 516 12.85 -48.51 -15.05
C GLU C 516 13.15 -49.82 -14.34
N LYS C 517 13.91 -50.72 -14.96
CA LYS C 517 14.24 -51.96 -14.27
C LYS C 517 15.24 -51.71 -13.14
N LEU C 518 16.22 -50.83 -13.37
CA LEU C 518 17.13 -50.45 -12.29
C LEU C 518 16.37 -49.86 -11.11
N MET C 519 15.41 -48.98 -11.40
CA MET C 519 14.68 -48.33 -10.32
C MET C 519 13.74 -49.29 -9.62
N GLY C 520 13.17 -50.24 -10.36
CA GLY C 520 12.38 -51.29 -9.72
C GLY C 520 13.23 -52.16 -8.81
N HIS C 521 14.46 -52.45 -9.23
CA HIS C 521 15.39 -53.17 -8.36
C HIS C 521 15.69 -52.37 -7.10
N LEU C 522 15.92 -51.06 -7.24
CA LEU C 522 16.12 -50.20 -6.09
C LEU C 522 14.93 -50.27 -5.14
N GLY C 523 13.72 -50.19 -5.69
CA GLY C 523 12.53 -50.21 -4.86
C GLY C 523 12.35 -51.52 -4.11
N VAL C 524 12.56 -52.65 -4.81
CA VAL C 524 12.38 -53.93 -4.14
C VAL C 524 13.49 -54.16 -3.11
N VAL C 525 14.68 -53.58 -3.34
CA VAL C 525 15.73 -53.66 -2.33
C VAL C 525 15.34 -52.86 -1.09
N LEU C 526 14.81 -51.65 -1.29
CA LEU C 526 14.36 -50.85 -0.16
C LEU C 526 13.22 -51.53 0.58
N TYR C 527 12.41 -52.33 -0.11
CA TYR C 527 11.25 -52.95 0.52
C TYR C 527 11.64 -53.81 1.72
N GLU C 528 12.64 -54.68 1.56
CA GLU C 528 13.03 -55.53 2.68
C GLU C 528 13.74 -54.75 3.77
N TYR C 529 14.23 -53.54 3.47
CA TYR C 529 14.91 -52.72 4.45
C TYR C 529 13.96 -52.00 5.40
N LEU C 530 12.65 -52.19 5.26
CA LEU C 530 11.70 -51.56 6.16
C LEU C 530 11.83 -52.07 7.59
N GLY C 531 12.44 -53.24 7.79
CA GLY C 531 12.73 -53.73 9.12
C GLY C 531 13.91 -53.07 9.79
N GLU C 532 14.39 -51.96 9.23
CA GLU C 532 15.55 -51.28 9.77
C GLU C 532 15.25 -50.75 11.17
N GLU C 533 16.28 -50.76 12.03
CA GLU C 533 16.12 -50.39 13.43
C GLU C 533 16.43 -48.91 13.68
N TYR C 534 17.50 -48.39 13.09
CA TYR C 534 17.84 -46.98 13.28
C TYR C 534 16.78 -46.11 12.60
N PRO C 535 16.20 -45.15 13.31
CA PRO C 535 15.04 -44.41 12.73
C PRO C 535 15.41 -43.44 11.62
N GLU C 536 16.57 -42.78 11.71
CA GLU C 536 16.92 -41.79 10.69
C GLU C 536 17.11 -42.43 9.33
N VAL C 537 17.84 -43.55 9.28
CA VAL C 537 18.03 -44.24 8.00
C VAL C 537 16.73 -44.85 7.51
N LEU C 538 15.85 -45.26 8.43
CA LEU C 538 14.53 -45.76 8.02
C LEU C 538 13.71 -44.67 7.35
N GLY C 539 13.74 -43.46 7.91
CA GLY C 539 13.08 -42.35 7.26
C GLY C 539 13.69 -42.02 5.90
N SER C 540 15.01 -42.13 5.80
CA SER C 540 15.67 -41.88 4.52
C SER C 540 15.22 -42.88 3.46
N ILE C 541 15.17 -44.17 3.81
CA ILE C 541 14.78 -45.17 2.82
C ILE C 541 13.28 -45.06 2.53
N LEU C 542 12.48 -44.61 3.49
CA LEU C 542 11.07 -44.34 3.21
C LEU C 542 10.93 -43.22 2.18
N GLY C 543 11.70 -42.14 2.35
CA GLY C 543 11.68 -41.07 1.35
C GLY C 543 12.15 -41.56 -0.01
N ALA C 544 13.15 -42.43 -0.03
CA ALA C 544 13.62 -42.99 -1.29
C ALA C 544 12.53 -43.81 -1.98
N LEU C 545 11.83 -44.65 -1.21
CA LEU C 545 10.72 -45.41 -1.76
C LEU C 545 9.63 -44.47 -2.28
N LYS C 546 9.36 -43.38 -1.57
CA LYS C 546 8.38 -42.40 -2.04
C LYS C 546 8.79 -41.81 -3.38
N ALA C 547 10.07 -41.45 -3.52
CA ALA C 547 10.56 -40.92 -4.78
C ALA C 547 10.38 -41.93 -5.91
N ILE C 548 10.82 -43.18 -5.67
CA ILE C 548 10.71 -44.21 -6.70
C ILE C 548 9.25 -44.45 -7.08
N VAL C 549 8.36 -44.51 -6.09
CA VAL C 549 6.94 -44.68 -6.36
C VAL C 549 6.42 -43.52 -7.20
N ASN C 550 6.93 -42.31 -6.96
CA ASN C 550 6.49 -41.18 -7.76
C ASN C 550 6.95 -41.28 -9.21
N VAL C 551 8.17 -41.75 -9.45
CA VAL C 551 8.69 -41.69 -10.81
C VAL C 551 8.16 -42.82 -11.67
N ILE C 552 8.25 -44.07 -11.20
CA ILE C 552 7.62 -45.20 -11.90
C ILE C 552 6.23 -45.41 -11.32
N GLY C 553 5.23 -45.43 -12.20
CA GLY C 553 3.84 -45.37 -11.79
C GLY C 553 3.44 -46.48 -10.83
N MET C 554 2.26 -46.31 -10.24
CA MET C 554 1.75 -47.30 -9.29
C MET C 554 1.47 -48.64 -9.97
N HIS C 555 1.18 -48.62 -11.27
CA HIS C 555 0.83 -49.86 -11.95
C HIS C 555 2.04 -50.78 -12.10
N LYS C 556 3.18 -50.22 -12.49
CA LYS C 556 4.39 -51.03 -12.70
C LYS C 556 5.32 -51.05 -11.50
N MET C 557 5.02 -50.30 -10.44
CA MET C 557 5.89 -50.23 -9.28
C MET C 557 6.06 -51.61 -8.66
N THR C 558 7.32 -51.99 -8.43
CA THR C 558 7.64 -53.24 -7.74
C THR C 558 8.39 -52.93 -6.44
N PRO C 559 7.94 -53.45 -5.29
CA PRO C 559 6.77 -54.31 -5.10
C PRO C 559 5.45 -53.63 -5.40
N PRO C 560 4.44 -54.40 -5.84
CA PRO C 560 3.13 -53.81 -6.10
C PRO C 560 2.54 -53.18 -4.85
N ILE C 561 1.68 -52.20 -5.07
CA ILE C 561 1.10 -51.43 -3.96
C ILE C 561 0.39 -52.34 -2.98
N LYS C 562 -0.30 -53.37 -3.50
CA LYS C 562 -1.05 -54.27 -2.63
C LYS C 562 -0.17 -54.99 -1.63
N ASP C 563 1.12 -55.15 -1.94
CA ASP C 563 2.07 -55.71 -0.99
C ASP C 563 2.86 -54.64 -0.24
N LEU C 564 2.99 -53.43 -0.81
CA LEU C 564 3.79 -52.39 -0.18
C LEU C 564 3.03 -51.73 0.97
N LEU C 565 1.79 -51.33 0.74
CA LEU C 565 1.07 -50.55 1.74
C LEU C 565 0.85 -51.29 3.05
N PRO C 566 0.41 -52.56 3.07
CA PRO C 566 0.29 -53.25 4.36
C PRO C 566 1.61 -53.33 5.12
N ARG C 567 2.74 -53.37 4.41
CA ARG C 567 4.03 -53.30 5.09
C ARG C 567 4.24 -51.93 5.72
N LEU C 568 3.66 -50.88 5.13
CA LEU C 568 3.79 -49.54 5.67
C LEU C 568 2.85 -49.30 6.85
N THR C 569 1.74 -50.03 6.91
CA THR C 569 0.73 -49.82 7.95
C THR C 569 1.30 -49.79 9.37
N PRO C 570 2.10 -50.77 9.82
CA PRO C 570 2.56 -50.72 11.22
C PRO C 570 3.56 -49.61 11.49
N ILE C 571 4.18 -49.04 10.46
CA ILE C 571 5.19 -48.01 10.67
C ILE C 571 4.59 -46.72 11.21
N LEU C 572 3.26 -46.54 11.09
CA LEU C 572 2.63 -45.37 11.69
C LEU C 572 2.72 -45.37 13.21
N LYS C 573 2.92 -46.54 13.82
CA LYS C 573 3.11 -46.63 15.27
C LYS C 573 4.48 -46.16 15.72
N ASN C 574 5.42 -45.98 14.79
CA ASN C 574 6.74 -45.48 15.15
C ASN C 574 6.64 -44.07 15.75
N ARG C 575 7.67 -43.70 16.50
CA ARG C 575 7.65 -42.43 17.24
C ARG C 575 8.50 -41.34 16.60
N HIS C 576 9.52 -41.70 15.82
CA HIS C 576 10.42 -40.71 15.27
C HIS C 576 9.71 -39.79 14.29
N GLU C 577 9.98 -38.49 14.41
CA GLU C 577 9.28 -37.51 13.59
C GLU C 577 9.63 -37.67 12.11
N LYS C 578 10.90 -37.96 11.81
CA LYS C 578 11.29 -38.21 10.42
C LYS C 578 10.56 -39.42 9.86
N VAL C 579 10.53 -40.51 10.64
CA VAL C 579 9.86 -41.73 10.21
C VAL C 579 8.37 -41.46 9.97
N GLN C 580 7.72 -40.80 10.93
CA GLN C 580 6.30 -40.50 10.78
C GLN C 580 6.04 -39.64 9.54
N GLU C 581 6.85 -38.60 9.35
CA GLU C 581 6.63 -37.70 8.21
C GLU C 581 6.78 -38.46 6.89
N ASN C 582 7.89 -39.18 6.72
CA ASN C 582 8.11 -39.87 5.45
C ASN C 582 7.09 -40.96 5.21
N CYS C 583 6.72 -41.70 6.26
CA CYS C 583 5.74 -42.77 6.09
C CYS C 583 4.36 -42.20 5.73
N ILE C 584 3.97 -41.10 6.39
CA ILE C 584 2.68 -40.50 6.07
C ILE C 584 2.68 -39.95 4.65
N ASP C 585 3.81 -39.38 4.21
CA ASP C 585 3.89 -38.87 2.85
C ASP C 585 3.80 -40.00 1.82
N LEU C 586 4.45 -41.12 2.09
CA LEU C 586 4.37 -42.26 1.17
C LEU C 586 2.96 -42.83 1.13
N VAL C 587 2.33 -42.99 2.30
CA VAL C 587 0.95 -43.46 2.35
C VAL C 587 0.03 -42.50 1.60
N GLY C 588 0.29 -41.20 1.71
CA GLY C 588 -0.54 -40.23 1.01
C GLY C 588 -0.36 -40.28 -0.50
N ARG C 589 0.87 -40.48 -0.96
CA ARG C 589 1.09 -40.69 -2.39
C ARG C 589 0.31 -41.91 -2.89
N ILE C 590 0.43 -43.02 -2.16
CA ILE C 590 -0.30 -44.24 -2.54
C ILE C 590 -1.80 -43.97 -2.59
N ALA C 591 -2.32 -43.25 -1.60
CA ALA C 591 -3.76 -42.99 -1.55
C ALA C 591 -4.19 -42.03 -2.66
N ASP C 592 -3.30 -41.14 -3.08
CA ASP C 592 -3.65 -40.22 -4.16
C ASP C 592 -3.72 -40.95 -5.49
N ARG C 593 -2.67 -41.67 -5.85
CA ARG C 593 -2.58 -42.23 -7.19
C ARG C 593 -2.84 -43.73 -7.27
N GLY C 594 -2.43 -44.51 -6.28
CA GLY C 594 -2.61 -45.95 -6.36
C GLY C 594 -3.61 -46.52 -5.37
N ALA C 595 -4.72 -45.81 -5.15
CA ALA C 595 -5.67 -46.23 -4.13
C ALA C 595 -6.42 -47.50 -4.52
N GLU C 596 -6.47 -47.85 -5.82
CA GLU C 596 -7.27 -48.98 -6.26
C GLU C 596 -6.68 -50.32 -5.84
N TYR C 597 -5.39 -50.38 -5.55
CA TYR C 597 -4.70 -51.61 -5.20
C TYR C 597 -4.82 -51.97 -3.72
N VAL C 598 -5.64 -51.26 -2.95
CA VAL C 598 -5.75 -51.46 -1.52
C VAL C 598 -7.22 -51.56 -1.15
N SER C 599 -7.55 -52.54 -0.30
CA SER C 599 -8.92 -52.75 0.15
C SER C 599 -9.34 -51.64 1.12
N ALA C 600 -10.66 -51.52 1.31
CA ALA C 600 -11.19 -50.53 2.24
C ALA C 600 -10.89 -50.88 3.70
N ARG C 601 -10.67 -52.17 4.00
CA ARG C 601 -10.35 -52.56 5.37
C ARG C 601 -8.98 -52.03 5.79
N GLU C 602 -7.97 -52.24 4.94
CA GLU C 602 -6.64 -51.70 5.24
C GLU C 602 -6.66 -50.19 5.30
N TRP C 603 -7.41 -49.55 4.41
CA TRP C 603 -7.51 -48.10 4.44
C TRP C 603 -8.13 -47.62 5.74
N MET C 604 -9.18 -48.29 6.21
CA MET C 604 -9.81 -47.91 7.46
C MET C 604 -8.87 -48.10 8.64
N ARG C 605 -8.10 -49.18 8.64
CA ARG C 605 -7.17 -49.42 9.74
C ARG C 605 -6.07 -48.37 9.76
N ILE C 606 -5.52 -48.03 8.59
CA ILE C 606 -4.56 -46.93 8.51
C ILE C 606 -5.21 -45.63 8.98
N CYS C 607 -6.44 -45.38 8.54
CA CYS C 607 -7.18 -44.19 8.92
C CYS C 607 -7.26 -44.03 10.43
N PHE C 608 -7.49 -45.13 11.15
CA PHE C 608 -7.65 -45.05 12.59
C PHE C 608 -6.34 -45.20 13.34
N GLU C 609 -5.27 -45.63 12.68
CA GLU C 609 -3.94 -45.47 13.23
C GLU C 609 -3.38 -44.08 12.96
N LEU C 610 -3.92 -43.38 11.96
CA LEU C 610 -3.46 -42.06 11.54
C LEU C 610 -4.19 -40.93 12.25
N LEU C 611 -5.37 -41.19 12.81
CA LEU C 611 -6.18 -40.14 13.39
C LEU C 611 -5.51 -39.49 14.60
N GLU C 612 -4.69 -40.26 15.33
CA GLU C 612 -4.02 -39.69 16.50
C GLU C 612 -2.99 -38.65 16.10
N LEU C 613 -2.23 -38.91 15.03
CA LEU C 613 -1.21 -38.00 14.54
C LEU C 613 -1.73 -36.63 14.17
N LEU C 614 -3.05 -36.38 14.23
CA LEU C 614 -3.58 -35.03 14.04
C LEU C 614 -3.25 -34.11 15.20
N LYS C 615 -2.91 -34.65 16.37
CA LYS C 615 -2.50 -33.85 17.51
C LYS C 615 -1.00 -33.92 17.75
N ALA C 616 -0.22 -34.06 16.68
CA ALA C 616 1.23 -34.07 16.80
C ALA C 616 1.74 -32.64 17.01
N HIS C 617 2.95 -32.55 17.55
CA HIS C 617 3.52 -31.24 17.84
C HIS C 617 4.15 -30.61 16.61
N LYS C 618 4.80 -31.41 15.77
CA LYS C 618 5.43 -30.87 14.58
C LYS C 618 4.36 -30.49 13.55
N LYS C 619 4.50 -29.31 12.95
CA LYS C 619 3.49 -28.83 12.02
C LYS C 619 3.49 -29.65 10.73
N ALA C 620 4.68 -30.03 10.26
CA ALA C 620 4.77 -30.80 9.03
C ALA C 620 4.05 -32.14 9.16
N ILE C 621 4.14 -32.76 10.33
CA ILE C 621 3.48 -34.05 10.53
C ILE C 621 1.97 -33.89 10.49
N ARG C 622 1.43 -32.85 11.12
CA ARG C 622 -0.01 -32.61 11.06
C ARG C 622 -0.46 -32.29 9.64
N ARG C 623 0.33 -31.49 8.92
CA ARG C 623 0.00 -31.16 7.54
C ARG C 623 -0.05 -32.41 6.66
N ALA C 624 0.98 -33.25 6.74
CA ALA C 624 1.00 -34.47 5.96
C ALA C 624 -0.12 -35.41 6.37
N THR C 625 -0.44 -35.46 7.67
CA THR C 625 -1.55 -36.28 8.13
C THR C 625 -2.87 -35.80 7.53
N VAL C 626 -3.08 -34.49 7.47
CA VAL C 626 -4.30 -33.94 6.88
C VAL C 626 -4.38 -34.33 5.41
N ASN C 627 -3.28 -34.14 4.68
CA ASN C 627 -3.28 -34.48 3.26
C ASN C 627 -3.57 -35.97 3.02
N THR C 628 -2.88 -36.83 3.77
CA THR C 628 -3.07 -38.27 3.60
C THR C 628 -4.49 -38.69 3.97
N PHE C 629 -5.01 -38.16 5.08
CA PHE C 629 -6.38 -38.47 5.47
C PHE C 629 -7.36 -38.05 4.39
N GLY C 630 -7.16 -36.87 3.81
CA GLY C 630 -8.05 -36.43 2.75
C GLY C 630 -7.98 -37.32 1.52
N TYR C 631 -6.77 -37.76 1.17
CA TYR C 631 -6.62 -38.67 0.04
C TYR C 631 -7.35 -39.98 0.28
N ILE C 632 -7.18 -40.58 1.46
CA ILE C 632 -7.84 -41.87 1.70
C ILE C 632 -9.35 -41.69 1.86
N ALA C 633 -9.80 -40.52 2.33
CA ALA C 633 -11.23 -40.28 2.44
C ALA C 633 -11.87 -39.98 1.10
N LYS C 634 -11.09 -39.51 0.13
CA LYS C 634 -11.59 -39.45 -1.24
C LYS C 634 -11.54 -40.81 -1.92
N ALA C 635 -10.60 -41.67 -1.49
CA ALA C 635 -10.52 -43.02 -2.05
C ALA C 635 -11.69 -43.87 -1.61
N ILE C 636 -11.97 -43.90 -0.30
CA ILE C 636 -13.15 -44.61 0.18
C ILE C 636 -14.37 -43.68 0.08
N GLY C 637 -15.55 -44.27 0.12
CA GLY C 637 -16.75 -43.51 0.34
C GLY C 637 -16.71 -42.86 1.71
N PRO C 638 -17.46 -41.77 1.89
CA PRO C 638 -17.47 -41.10 3.19
C PRO C 638 -18.31 -41.80 4.25
N HIS C 639 -19.11 -42.80 3.89
CA HIS C 639 -20.10 -43.35 4.82
C HIS C 639 -19.45 -44.07 6.00
N ASP C 640 -18.56 -45.02 5.72
CA ASP C 640 -17.98 -45.84 6.78
C ASP C 640 -17.18 -44.99 7.76
N VAL C 641 -16.25 -44.19 7.23
CA VAL C 641 -15.41 -43.35 8.07
C VAL C 641 -16.27 -42.34 8.82
N LEU C 642 -17.29 -41.79 8.17
CA LEU C 642 -18.16 -40.83 8.82
C LEU C 642 -18.85 -41.45 10.03
N ALA C 643 -19.41 -42.65 9.84
CA ALA C 643 -20.12 -43.30 10.93
C ALA C 643 -19.20 -43.61 12.10
N THR C 644 -18.02 -44.15 11.81
CA THR C 644 -17.15 -44.51 12.93
C THR C 644 -16.58 -43.28 13.60
N LEU C 645 -16.39 -42.18 12.85
CA LEU C 645 -15.97 -40.92 13.46
C LEU C 645 -17.06 -40.33 14.35
N LEU C 646 -18.32 -40.44 13.93
CA LEU C 646 -19.41 -39.97 14.79
C LEU C 646 -19.49 -40.79 16.07
N ASN C 647 -19.29 -42.10 15.97
CA ASN C 647 -19.26 -42.93 17.17
C ASN C 647 -18.10 -42.54 18.08
N ASN C 648 -16.91 -42.37 17.50
CA ASN C 648 -15.75 -41.92 18.27
C ASN C 648 -15.99 -40.56 18.90
N LEU C 649 -16.75 -39.70 18.23
CA LEU C 649 -17.10 -38.40 18.78
C LEU C 649 -17.99 -38.56 20.01
N LYS C 650 -18.96 -39.46 19.94
CA LYS C 650 -19.84 -39.69 21.09
C LYS C 650 -19.07 -40.26 22.28
N VAL C 651 -18.25 -41.29 22.04
CA VAL C 651 -17.67 -42.02 23.18
C VAL C 651 -16.56 -41.22 23.84
N GLN C 652 -15.77 -40.49 23.06
CA GLN C 652 -14.67 -39.68 23.61
C GLN C 652 -15.17 -38.28 23.94
N GLU C 653 -14.64 -37.71 25.01
CA GLU C 653 -15.00 -36.36 25.46
C GLU C 653 -13.76 -35.48 25.58
N ARG C 654 -13.99 -34.17 25.45
CA ARG C 654 -12.95 -33.14 25.57
C ARG C 654 -11.85 -33.42 24.55
N GLN C 655 -10.60 -33.61 24.97
CA GLN C 655 -9.51 -33.87 24.05
C GLN C 655 -9.65 -35.27 23.43
N ASN C 656 -9.00 -35.45 22.28
CA ASN C 656 -9.04 -36.62 21.40
C ASN C 656 -10.35 -36.64 20.61
N ARG C 657 -11.31 -35.79 20.96
CA ARG C 657 -12.46 -35.49 20.12
C ARG C 657 -12.16 -34.39 19.12
N VAL C 658 -11.16 -33.55 19.40
CA VAL C 658 -10.74 -32.54 18.43
C VAL C 658 -10.23 -33.20 17.16
N CYS C 659 -9.51 -34.32 17.29
CA CYS C 659 -9.09 -35.06 16.11
C CYS C 659 -10.27 -35.59 15.33
N THR C 660 -11.32 -36.04 16.02
CA THR C 660 -12.50 -36.53 15.31
C THR C 660 -13.23 -35.40 14.59
N THR C 661 -13.26 -34.20 15.19
CA THR C 661 -13.86 -33.06 14.50
C THR C 661 -13.05 -32.66 13.28
N VAL C 662 -11.73 -32.66 13.39
CA VAL C 662 -10.88 -32.36 12.24
C VAL C 662 -11.10 -33.39 11.14
N ALA C 663 -11.26 -34.66 11.51
CA ALA C 663 -11.50 -35.70 10.52
C ALA C 663 -12.85 -35.50 9.84
N ILE C 664 -13.88 -35.14 10.61
CA ILE C 664 -15.19 -34.84 10.03
C ILE C 664 -15.08 -33.69 9.04
N ALA C 665 -14.31 -32.66 9.39
CA ALA C 665 -14.16 -31.51 8.50
C ALA C 665 -13.39 -31.90 7.23
N ILE C 666 -12.38 -32.74 7.36
CA ILE C 666 -11.64 -33.19 6.18
C ILE C 666 -12.54 -34.02 5.27
N VAL C 667 -13.40 -34.85 5.86
CA VAL C 667 -14.38 -35.59 5.07
C VAL C 667 -15.33 -34.63 4.37
N ALA C 668 -15.78 -33.59 5.08
CA ALA C 668 -16.66 -32.59 4.48
C ALA C 668 -15.99 -31.85 3.34
N GLU C 669 -14.66 -31.70 3.39
CA GLU C 669 -13.99 -30.97 2.33
C GLU C 669 -13.74 -31.86 1.11
N THR C 670 -13.22 -33.06 1.34
CA THR C 670 -12.95 -33.98 0.23
C THR C 670 -14.25 -34.40 -0.43
N CYS C 671 -15.05 -35.17 0.29
CA CYS C 671 -16.40 -35.49 -0.14
C CYS C 671 -17.29 -34.29 0.15
N SER C 672 -18.25 -34.03 -0.74
CA SER C 672 -19.11 -32.86 -0.54
C SER C 672 -19.80 -32.93 0.82
N PRO C 673 -20.01 -31.80 1.48
CA PRO C 673 -20.75 -31.80 2.76
C PRO C 673 -22.16 -32.37 2.66
N PHE C 674 -22.71 -32.52 1.45
CA PHE C 674 -23.96 -33.26 1.25
C PHE C 674 -23.91 -34.61 1.96
N THR C 675 -22.74 -35.23 2.04
CA THR C 675 -22.62 -36.54 2.67
C THR C 675 -22.57 -36.45 4.19
N VAL C 676 -21.84 -35.48 4.73
CA VAL C 676 -21.57 -35.48 6.17
C VAL C 676 -22.58 -34.65 6.97
N LEU C 677 -23.10 -33.57 6.40
CA LEU C 677 -24.00 -32.71 7.15
C LEU C 677 -25.28 -33.39 7.64
N PRO C 678 -25.97 -34.21 6.84
CA PRO C 678 -27.25 -34.77 7.34
C PRO C 678 -27.08 -35.63 8.59
N ALA C 679 -26.15 -36.59 8.58
CA ALA C 679 -25.95 -37.43 9.75
C ALA C 679 -25.40 -36.64 10.93
N LEU C 680 -24.52 -35.68 10.64
CA LEU C 680 -23.94 -34.85 11.69
C LEU C 680 -25.02 -34.05 12.40
N MET C 681 -26.00 -33.56 11.64
CA MET C 681 -27.12 -32.83 12.26
C MET C 681 -28.12 -33.78 12.92
N ASN C 682 -28.30 -34.99 12.38
CA ASN C 682 -29.20 -35.94 13.04
C ASN C 682 -28.65 -36.42 14.37
N GLU C 683 -27.33 -36.40 14.53
CA GLU C 683 -26.76 -36.67 15.85
C GLU C 683 -27.15 -35.61 16.86
N TYR C 684 -27.48 -34.40 16.41
CA TYR C 684 -27.97 -33.35 17.29
C TYR C 684 -29.41 -33.57 17.72
N ARG C 685 -30.14 -34.46 17.04
CA ARG C 685 -31.55 -34.67 17.36
C ARG C 685 -31.75 -35.25 18.76
N VAL C 686 -30.82 -36.09 19.22
CA VAL C 686 -30.95 -36.71 20.54
C VAL C 686 -30.73 -35.65 21.61
N PRO C 687 -31.35 -35.77 22.78
CA PRO C 687 -31.30 -34.68 23.76
C PRO C 687 -30.08 -34.71 24.68
N GLU C 688 -29.14 -35.63 24.45
CA GLU C 688 -27.91 -35.67 25.25
C GLU C 688 -27.09 -34.41 24.98
N LEU C 689 -27.08 -33.50 25.96
CA LEU C 689 -26.54 -32.15 25.74
C LEU C 689 -25.05 -32.18 25.37
N ASN C 690 -24.31 -33.17 25.87
CA ASN C 690 -22.89 -33.24 25.56
C ASN C 690 -22.66 -33.53 24.08
N VAL C 691 -23.47 -34.41 23.48
CA VAL C 691 -23.31 -34.66 22.05
C VAL C 691 -23.81 -33.48 21.24
N GLN C 692 -24.74 -32.69 21.78
CA GLN C 692 -25.13 -31.46 21.11
C GLN C 692 -23.96 -30.47 21.08
N ASN C 693 -23.24 -30.34 22.20
CA ASN C 693 -22.02 -29.54 22.19
C ASN C 693 -21.01 -30.06 21.18
N GLY C 694 -20.83 -31.38 21.14
CA GLY C 694 -19.89 -31.95 20.18
C GLY C 694 -20.28 -31.66 18.75
N VAL C 695 -21.57 -31.76 18.42
CA VAL C 695 -22.05 -31.47 17.07
C VAL C 695 -21.84 -30.00 16.74
N LEU C 696 -22.09 -29.12 17.70
CA LEU C 696 -21.90 -27.69 17.45
C LEU C 696 -20.43 -27.36 17.19
N LYS C 697 -19.53 -27.93 17.99
CA LYS C 697 -18.09 -27.74 17.75
C LYS C 697 -17.69 -28.29 16.37
N SER C 698 -18.22 -29.47 16.02
CA SER C 698 -17.93 -30.05 14.73
C SER C 698 -18.38 -29.13 13.60
N LEU C 699 -19.57 -28.53 13.73
CA LEU C 699 -20.05 -27.62 12.70
C LEU C 699 -19.18 -26.37 12.61
N SER C 700 -18.79 -25.82 13.76
CA SER C 700 -17.92 -24.65 13.78
C SER C 700 -16.64 -24.92 13.00
N PHE C 701 -15.93 -26.00 13.34
CA PHE C 701 -14.69 -26.27 12.63
C PHE C 701 -14.94 -26.66 11.18
N LEU C 702 -16.06 -27.35 10.90
CA LEU C 702 -16.35 -27.77 9.53
C LEU C 702 -16.49 -26.56 8.62
N PHE C 703 -17.25 -25.55 9.07
CA PHE C 703 -17.40 -24.36 8.24
C PHE C 703 -16.11 -23.56 8.17
N GLU C 704 -15.43 -23.38 9.31
CA GLU C 704 -14.16 -22.67 9.29
C GLU C 704 -13.16 -23.32 8.35
N TYR C 705 -13.25 -24.64 8.17
CA TYR C 705 -12.30 -25.36 7.33
C TYR C 705 -12.70 -25.31 5.86
N ILE C 706 -13.98 -25.55 5.55
CA ILE C 706 -14.39 -25.63 4.15
C ILE C 706 -14.48 -24.26 3.51
N GLY C 707 -14.69 -23.19 4.30
CA GLY C 707 -14.57 -21.86 3.73
C GLY C 707 -15.69 -21.60 2.74
N GLU C 708 -15.31 -21.23 1.52
CA GLU C 708 -16.29 -20.89 0.48
C GLU C 708 -17.11 -22.09 0.04
N MET C 709 -16.65 -23.31 0.34
CA MET C 709 -17.40 -24.51 -0.01
C MET C 709 -18.76 -24.57 0.66
N GLY C 710 -18.95 -23.84 1.75
CA GLY C 710 -20.21 -23.89 2.47
C GLY C 710 -21.20 -22.83 2.04
N LYS C 711 -21.05 -22.31 0.82
CA LYS C 711 -22.02 -21.36 0.30
C LYS C 711 -23.34 -22.01 -0.05
N ASP C 712 -23.41 -23.35 -0.07
CA ASP C 712 -24.60 -24.09 -0.44
C ASP C 712 -25.21 -24.84 0.73
N TYR C 713 -24.83 -24.49 1.97
CA TYR C 713 -25.29 -25.25 3.12
C TYR C 713 -25.74 -24.37 4.28
N ILE C 714 -25.84 -23.06 4.10
CA ILE C 714 -26.30 -22.19 5.17
C ILE C 714 -27.77 -22.47 5.48
N TYR C 715 -28.58 -22.55 4.42
CA TYR C 715 -30.01 -22.80 4.59
C TYR C 715 -30.25 -24.11 5.32
N ALA C 716 -29.46 -25.14 5.01
CA ALA C 716 -29.66 -26.46 5.60
C ALA C 716 -29.40 -26.44 7.11
N VAL C 717 -28.33 -25.78 7.54
CA VAL C 717 -27.99 -25.75 8.96
C VAL C 717 -28.79 -24.71 9.73
N THR C 718 -29.48 -23.80 9.04
CA THR C 718 -30.24 -22.75 9.71
C THR C 718 -31.19 -23.24 10.80
N PRO C 719 -32.00 -24.29 10.61
CA PRO C 719 -32.91 -24.69 11.70
C PRO C 719 -32.18 -25.16 12.95
N LEU C 720 -31.13 -25.97 12.79
CA LEU C 720 -30.35 -26.40 13.95
C LEU C 720 -29.78 -25.21 14.70
N LEU C 721 -29.31 -24.18 13.98
CA LEU C 721 -28.80 -22.98 14.63
C LEU C 721 -29.88 -22.23 15.38
N GLU C 722 -30.98 -21.88 14.69
CA GLU C 722 -32.04 -21.13 15.34
C GLU C 722 -32.62 -21.89 16.53
N ASP C 723 -32.47 -23.22 16.56
CA ASP C 723 -32.75 -23.95 17.80
C ASP C 723 -31.65 -23.71 18.83
N ALA C 724 -30.39 -23.81 18.40
CA ALA C 724 -29.28 -23.67 19.34
C ALA C 724 -29.08 -22.23 19.79
N LEU C 725 -29.45 -21.25 18.95
CA LEU C 725 -29.38 -19.86 19.39
C LEU C 725 -30.36 -19.59 20.52
N MET C 726 -31.51 -20.27 20.53
CA MET C 726 -32.38 -20.26 21.70
C MET C 726 -31.68 -20.97 22.86
N ASP C 727 -32.04 -20.60 24.08
CA ASP C 727 -31.34 -21.08 25.27
C ASP C 727 -31.57 -22.58 25.45
N ARG C 728 -30.89 -23.36 24.61
CA ARG C 728 -30.83 -24.80 24.84
C ARG C 728 -29.87 -25.14 25.97
N ASP C 729 -28.87 -24.29 26.21
CA ASP C 729 -27.93 -24.46 27.31
C ASP C 729 -27.35 -23.11 27.68
N LEU C 730 -26.34 -22.65 26.94
CA LEU C 730 -25.62 -21.40 27.12
C LEU C 730 -24.35 -21.46 26.27
N VAL C 731 -23.48 -22.41 26.60
CA VAL C 731 -22.36 -22.72 25.73
C VAL C 731 -22.85 -23.19 24.36
N HIS C 732 -24.10 -23.66 24.27
CA HIS C 732 -24.72 -23.86 22.95
C HIS C 732 -24.82 -22.55 22.20
N ARG C 733 -25.31 -21.50 22.85
CA ARG C 733 -25.35 -20.18 22.22
C ARG C 733 -23.95 -19.73 21.81
N GLN C 734 -22.97 -19.96 22.68
CA GLN C 734 -21.59 -19.58 22.36
C GLN C 734 -21.09 -20.28 21.09
N THR C 735 -21.21 -21.60 21.06
CA THR C 735 -20.71 -22.35 19.91
C THR C 735 -21.51 -22.06 18.65
N ALA C 736 -22.81 -21.80 18.78
CA ALA C 736 -23.61 -21.46 17.61
C ALA C 736 -23.22 -20.11 17.04
N SER C 737 -22.94 -19.13 17.92
CA SER C 737 -22.38 -17.87 17.45
C SER C 737 -21.05 -18.09 16.73
N ALA C 738 -20.22 -18.98 17.26
CA ALA C 738 -18.97 -19.30 16.58
C ALA C 738 -19.22 -19.88 15.19
N VAL C 739 -20.23 -20.75 15.08
CA VAL C 739 -20.59 -21.34 13.79
C VAL C 739 -21.01 -20.26 12.80
N VAL C 740 -21.87 -19.34 13.25
CA VAL C 740 -22.32 -18.26 12.37
C VAL C 740 -21.16 -17.38 11.95
N GLN C 741 -20.22 -17.13 12.88
CA GLN C 741 -19.04 -16.33 12.55
C GLN C 741 -18.23 -16.98 11.45
N HIS C 742 -17.93 -18.28 11.59
CA HIS C 742 -17.12 -18.96 10.58
C HIS C 742 -17.87 -19.07 9.26
N MET C 743 -19.19 -19.30 9.32
CA MET C 743 -20.01 -19.26 8.11
C MET C 743 -19.84 -17.95 7.37
N SER C 744 -20.06 -16.84 8.06
CA SER C 744 -19.99 -15.53 7.42
C SER C 744 -18.62 -15.29 6.83
N LEU C 745 -17.56 -15.57 7.60
CA LEU C 745 -16.21 -15.36 7.09
C LEU C 745 -15.86 -16.30 5.94
N GLY C 746 -16.56 -17.41 5.80
CA GLY C 746 -16.24 -18.35 4.74
C GLY C 746 -16.95 -18.07 3.44
N VAL C 747 -18.23 -17.69 3.53
CA VAL C 747 -19.03 -17.41 2.34
C VAL C 747 -18.98 -15.94 1.94
N TYR C 748 -17.98 -15.20 2.40
CA TYR C 748 -17.87 -13.78 2.09
C TYR C 748 -17.81 -13.53 0.58
N GLY C 749 -18.75 -12.73 0.08
CA GLY C 749 -18.77 -12.39 -1.35
C GLY C 749 -19.33 -13.46 -2.26
N PHE C 750 -20.30 -14.25 -1.81
CA PHE C 750 -20.88 -15.30 -2.64
C PHE C 750 -22.41 -15.25 -2.60
N GLY C 751 -22.98 -14.06 -2.41
CA GLY C 751 -24.42 -13.91 -2.51
C GLY C 751 -25.23 -14.56 -1.41
N CYS C 752 -24.62 -14.86 -0.26
CA CYS C 752 -25.32 -15.49 0.86
C CYS C 752 -25.90 -14.50 1.83
N GLU C 753 -26.29 -13.31 1.37
CA GLU C 753 -26.76 -12.27 2.28
C GLU C 753 -28.10 -12.61 2.90
N ASP C 754 -28.95 -13.36 2.20
CA ASP C 754 -30.31 -13.64 2.69
C ASP C 754 -30.28 -14.53 3.93
N SER C 755 -29.64 -15.70 3.82
CA SER C 755 -29.62 -16.63 4.94
C SER C 755 -28.86 -16.06 6.13
N LEU C 756 -27.76 -15.36 5.87
CA LEU C 756 -26.99 -14.76 6.96
C LEU C 756 -27.77 -13.63 7.61
N ASN C 757 -28.52 -12.86 6.82
CA ASN C 757 -29.38 -11.83 7.39
C ASN C 757 -30.45 -12.45 8.28
N HIS C 758 -31.02 -13.59 7.86
CA HIS C 758 -31.97 -14.31 8.70
C HIS C 758 -31.32 -14.74 10.01
N LEU C 759 -30.14 -15.36 9.93
CA LEU C 759 -29.44 -15.79 11.15
C LEU C 759 -29.08 -14.62 12.05
N LEU C 760 -28.89 -13.44 11.47
CA LEU C 760 -28.58 -12.26 12.29
C LEU C 760 -29.70 -11.95 13.27
N ASN C 761 -30.95 -12.18 12.87
CA ASN C 761 -32.07 -11.85 13.74
C ASN C 761 -32.15 -12.77 14.95
N TYR C 762 -31.65 -13.99 14.83
CA TYR C 762 -31.60 -14.89 15.97
C TYR C 762 -30.29 -14.80 16.75
N VAL C 763 -29.25 -14.22 16.14
CA VAL C 763 -28.02 -13.98 16.90
C VAL C 763 -28.12 -12.69 17.71
N TRP C 764 -28.92 -11.72 17.25
CA TRP C 764 -28.93 -10.40 17.87
C TRP C 764 -29.43 -10.39 19.30
N PRO C 765 -30.58 -11.00 19.66
CA PRO C 765 -31.06 -10.89 21.04
C PRO C 765 -30.06 -11.36 22.07
N ASN C 766 -29.14 -12.25 21.71
CA ASN C 766 -28.12 -12.74 22.63
C ASN C 766 -27.01 -11.72 22.88
N VAL C 767 -27.11 -10.51 22.32
CA VAL C 767 -26.13 -9.47 22.59
C VAL C 767 -26.24 -8.93 24.01
N PHE C 768 -27.33 -9.24 24.70
CA PHE C 768 -27.53 -8.86 26.10
C PHE C 768 -27.20 -10.03 27.00
N GLU C 769 -25.91 -10.40 27.03
CA GLU C 769 -25.43 -11.50 27.84
C GLU C 769 -24.17 -11.05 28.57
N THR C 770 -24.00 -11.57 29.79
CA THR C 770 -22.94 -11.11 30.68
C THR C 770 -21.70 -11.99 30.68
N SER C 771 -21.82 -13.26 30.31
CA SER C 771 -20.67 -14.15 30.32
C SER C 771 -19.63 -13.66 29.32
N PRO C 772 -18.38 -13.47 29.72
CA PRO C 772 -17.40 -12.86 28.80
C PRO C 772 -17.08 -13.72 27.58
N HIS C 773 -16.98 -15.03 27.74
CA HIS C 773 -16.68 -15.88 26.60
C HIS C 773 -17.79 -15.85 25.56
N VAL C 774 -19.05 -15.95 26.01
CA VAL C 774 -20.15 -15.99 25.07
C VAL C 774 -20.40 -14.61 24.44
N ILE C 775 -20.15 -13.53 25.19
CA ILE C 775 -20.32 -12.21 24.59
C ILE C 775 -19.20 -11.95 23.60
N GLN C 776 -18.00 -12.46 23.86
CA GLN C 776 -16.92 -12.35 22.87
C GLN C 776 -17.26 -13.13 21.61
N ALA C 777 -17.84 -14.32 21.77
CA ALA C 777 -18.25 -15.11 20.60
C ALA C 777 -19.35 -14.40 19.81
N VAL C 778 -20.29 -13.78 20.50
CA VAL C 778 -21.36 -13.05 19.82
C VAL C 778 -20.80 -11.85 19.08
N MET C 779 -19.83 -11.15 19.68
CA MET C 779 -19.21 -10.02 18.98
C MET C 779 -18.45 -10.48 17.75
N GLY C 780 -17.75 -11.61 17.84
CA GLY C 780 -17.08 -12.15 16.67
C GLY C 780 -18.05 -12.52 15.57
N ALA C 781 -19.18 -13.14 15.95
CA ALA C 781 -20.21 -13.47 14.97
C ALA C 781 -20.76 -12.21 14.31
N LEU C 782 -20.97 -11.16 15.10
CA LEU C 782 -21.50 -9.91 14.54
C LEU C 782 -20.50 -9.27 13.59
N GLU C 783 -19.20 -9.35 13.91
CA GLU C 783 -18.20 -8.78 13.00
C GLU C 783 -18.13 -9.57 11.69
N GLY C 784 -18.19 -10.90 11.78
CA GLY C 784 -18.24 -11.71 10.56
C GLY C 784 -19.47 -11.43 9.73
N LEU C 785 -20.63 -11.33 10.38
CA LEU C 785 -21.85 -10.97 9.66
C LEU C 785 -21.75 -9.57 9.08
N ARG C 786 -20.99 -8.67 9.71
CA ARG C 786 -20.79 -7.34 9.16
C ARG C 786 -19.99 -7.41 7.86
N VAL C 787 -18.92 -8.20 7.85
CA VAL C 787 -18.13 -8.27 6.62
C VAL C 787 -18.84 -9.11 5.55
N ALA C 788 -19.83 -9.93 5.93
CA ALA C 788 -20.55 -10.73 4.95
C ALA C 788 -21.79 -10.03 4.39
N ILE C 789 -22.49 -9.26 5.22
CA ILE C 789 -23.71 -8.56 4.80
C ILE C 789 -23.39 -7.14 4.34
N GLY C 790 -22.46 -6.48 5.02
CA GLY C 790 -22.18 -5.09 4.76
C GLY C 790 -22.45 -4.24 6.00
N PRO C 791 -21.69 -3.16 6.17
CA PRO C 791 -21.85 -2.33 7.37
C PRO C 791 -23.17 -1.55 7.40
N CYS C 792 -23.93 -1.52 6.31
CA CYS C 792 -25.16 -0.73 6.28
C CYS C 792 -26.25 -1.36 7.15
N ARG C 793 -26.50 -2.66 6.98
CA ARG C 793 -27.51 -3.34 7.79
C ARG C 793 -27.15 -3.28 9.27
N MET C 794 -25.88 -3.51 9.59
CA MET C 794 -25.42 -3.37 10.96
C MET C 794 -25.66 -1.96 11.47
N LEU C 795 -25.45 -0.96 10.61
CA LEU C 795 -25.67 0.42 11.02
C LEU C 795 -27.12 0.65 11.37
N GLN C 796 -28.05 0.05 10.62
CA GLN C 796 -29.47 0.20 10.97
C GLN C 796 -29.77 -0.48 12.31
N TYR C 797 -29.32 -1.73 12.46
CA TYR C 797 -29.57 -2.46 13.71
C TYR C 797 -29.00 -1.71 14.91
N CYS C 798 -27.90 -1.00 14.73
CA CYS C 798 -27.26 -0.29 15.82
C CYS C 798 -27.92 1.07 16.06
N LEU C 799 -28.30 1.74 14.97
CA LEU C 799 -28.99 3.02 15.05
C LEU C 799 -30.27 2.91 15.85
N GLN C 800 -30.94 1.75 15.78
CA GLN C 800 -32.15 1.56 16.59
C GLN C 800 -31.91 1.96 18.05
N GLY C 801 -30.79 1.54 18.62
CA GLY C 801 -30.57 1.78 20.05
C GLY C 801 -29.33 2.55 20.41
N LEU C 802 -28.75 3.30 19.47
CA LEU C 802 -27.63 4.17 19.81
C LEU C 802 -28.01 5.19 20.88
N PHE C 803 -29.19 5.77 20.77
CA PHE C 803 -29.72 6.74 21.74
C PHE C 803 -30.93 6.11 22.41
N HIS C 804 -30.80 5.80 23.69
CA HIS C 804 -31.82 5.06 24.42
C HIS C 804 -31.83 5.49 25.87
N PRO C 805 -33.00 5.55 26.52
CA PRO C 805 -33.01 5.90 27.95
C PRO C 805 -32.21 4.95 28.81
N ALA C 806 -32.32 3.64 28.57
CA ALA C 806 -31.58 2.67 29.36
C ALA C 806 -30.09 2.79 29.06
N ARG C 807 -29.30 2.94 30.13
CA ARG C 807 -27.86 3.12 29.96
C ARG C 807 -27.18 1.83 29.50
N LYS C 808 -27.68 0.67 29.93
CA LYS C 808 -27.08 -0.59 29.51
C LYS C 808 -27.30 -0.82 28.01
N VAL C 809 -28.48 -0.46 27.51
CA VAL C 809 -28.76 -0.55 26.08
C VAL C 809 -27.77 0.31 25.31
N ARG C 810 -27.56 1.54 25.76
CA ARG C 810 -26.61 2.42 25.08
C ARG C 810 -25.19 1.87 25.16
N ASP C 811 -24.83 1.27 26.29
CA ASP C 811 -23.50 0.67 26.42
C ASP C 811 -23.29 -0.43 25.37
N VAL C 812 -24.21 -1.39 25.33
CA VAL C 812 -24.10 -2.49 24.38
C VAL C 812 -24.07 -1.98 22.95
N TYR C 813 -25.03 -1.11 22.61
CA TYR C 813 -25.15 -0.64 21.24
C TYR C 813 -23.95 0.21 20.83
N TRP C 814 -23.33 0.94 21.76
CA TRP C 814 -22.16 1.70 21.38
C TRP C 814 -20.92 0.83 21.28
N LYS C 815 -20.86 -0.26 22.04
CA LYS C 815 -19.85 -1.29 21.77
C LYS C 815 -19.97 -1.79 20.34
N ILE C 816 -21.20 -2.14 19.93
CA ILE C 816 -21.45 -2.61 18.57
C ILE C 816 -21.03 -1.55 17.54
N TYR C 817 -21.46 -0.31 17.76
CA TYR C 817 -21.16 0.76 16.82
C TYR C 817 -19.66 1.01 16.72
N ASN C 818 -18.94 0.90 17.83
CA ASN C 818 -17.49 1.09 17.79
C ASN C 818 -16.84 -0.02 16.97
N SER C 819 -17.27 -1.26 17.16
CA SER C 819 -16.74 -2.35 16.35
C SER C 819 -16.98 -2.09 14.87
N ILE C 820 -18.19 -1.68 14.51
CA ILE C 820 -18.51 -1.43 13.12
C ILE C 820 -17.70 -0.26 12.56
N TYR C 821 -17.62 0.83 13.33
CA TYR C 821 -16.94 2.04 12.87
C TYR C 821 -15.46 1.79 12.65
N ILE C 822 -14.82 1.07 13.57
CA ILE C 822 -13.43 0.69 13.36
C ILE C 822 -13.30 -0.23 12.16
N GLY C 823 -14.28 -1.13 11.98
CA GLY C 823 -14.19 -2.10 10.90
C GLY C 823 -14.24 -1.46 9.52
N SER C 824 -15.16 -0.52 9.31
CA SER C 824 -15.36 0.07 7.98
C SER C 824 -15.91 1.49 8.12
N GLN C 825 -15.03 2.41 8.55
CA GLN C 825 -15.44 3.80 8.74
C GLN C 825 -15.68 4.50 7.41
N ASP C 826 -14.87 4.18 6.40
CA ASP C 826 -15.03 4.85 5.12
C ASP C 826 -16.35 4.49 4.46
N ALA C 827 -16.76 3.22 4.55
CA ALA C 827 -18.02 2.80 3.95
C ALA C 827 -19.20 3.51 4.57
N LEU C 828 -19.18 3.67 5.90
CA LEU C 828 -20.32 4.26 6.61
C LEU C 828 -20.67 5.65 6.11
N ILE C 829 -19.76 6.30 5.36
CA ILE C 829 -20.05 7.61 4.79
C ILE C 829 -21.32 7.57 3.95
N ALA C 830 -21.57 6.45 3.28
CA ALA C 830 -22.72 6.33 2.39
C ALA C 830 -23.96 5.80 3.09
N HIS C 831 -23.91 5.59 4.40
CA HIS C 831 -24.98 4.89 5.10
C HIS C 831 -25.61 5.67 6.26
N TYR C 832 -24.97 6.72 6.77
CA TYR C 832 -25.56 7.49 7.85
C TYR C 832 -26.88 8.10 7.41
N PRO C 833 -27.89 8.12 8.27
CA PRO C 833 -29.20 8.66 7.87
C PRO C 833 -29.17 10.17 7.81
N ARG C 834 -30.28 10.73 7.32
CA ARG C 834 -30.46 12.18 7.34
C ARG C 834 -30.84 12.61 8.75
N ILE C 835 -30.03 13.46 9.35
CA ILE C 835 -30.35 14.09 10.62
C ILE C 835 -30.56 15.56 10.35
N TYR C 836 -31.81 16.00 10.40
CA TYR C 836 -32.15 17.37 10.06
C TYR C 836 -31.60 18.34 11.10
N ASN C 837 -31.09 19.47 10.63
CA ASN C 837 -30.63 20.51 11.53
C ASN C 837 -31.80 21.11 12.31
N ASP C 838 -31.50 21.63 13.49
CA ASP C 838 -32.47 22.22 14.39
C ASP C 838 -32.22 23.72 14.49
N ASP C 839 -32.61 24.33 15.61
CA ASP C 839 -32.50 25.77 15.75
C ASP C 839 -31.05 26.24 15.88
N LYS C 840 -30.19 25.40 16.45
CA LYS C 840 -28.83 25.79 16.79
C LYS C 840 -27.79 25.37 15.76
N ASN C 841 -27.83 24.11 15.33
CA ASN C 841 -26.77 23.54 14.51
C ASN C 841 -27.24 23.34 13.08
N THR C 842 -26.26 23.02 12.22
CA THR C 842 -26.48 22.72 10.80
C THR C 842 -26.02 21.28 10.58
N TYR C 843 -26.96 20.34 10.68
CA TYR C 843 -26.63 18.92 10.71
C TYR C 843 -26.74 18.23 9.35
N ILE C 844 -27.54 18.77 8.43
CA ILE C 844 -27.73 18.12 7.13
C ILE C 844 -26.47 18.26 6.29
N ARG C 845 -26.07 17.17 5.63
CA ARG C 845 -24.94 17.18 4.71
C ARG C 845 -25.45 17.69 3.35
N TYR C 846 -25.47 19.02 3.20
CA TYR C 846 -26.02 19.61 1.99
C TYR C 846 -25.24 19.22 0.74
N GLU C 847 -24.00 18.75 0.89
CA GLU C 847 -23.21 18.38 -0.28
C GLU C 847 -23.79 17.17 -0.99
N LEU C 848 -24.23 16.17 -0.23
CA LEU C 848 -24.74 14.94 -0.83
C LEU C 848 -26.11 15.11 -1.48
N ASP C 849 -26.81 16.22 -1.21
CA ASP C 849 -28.08 16.47 -1.86
C ASP C 849 -27.94 17.09 -3.24
N TYR C 850 -26.70 17.30 -3.71
CA TYR C 850 -26.49 17.88 -5.02
C TYR C 850 -26.98 16.94 -6.12
N ILE C 851 -27.48 17.52 -7.20
CA ILE C 851 -28.02 16.77 -8.33
C ILE C 851 -27.57 17.46 -9.61
N LEU C 852 -27.03 16.68 -10.54
CA LEU C 852 -26.64 17.21 -11.85
C LEU C 852 -27.70 16.91 -12.90
N PRO D 16 -5.98 -12.26 31.91
CA PRO D 16 -6.16 -10.85 32.28
C PRO D 16 -4.83 -10.15 32.56
N ASP D 17 -3.76 -10.95 32.67
CA ASP D 17 -2.43 -10.42 32.88
C ASP D 17 -1.61 -10.33 31.59
N LEU D 18 -2.14 -10.86 30.49
CA LEU D 18 -1.44 -10.89 29.21
C LEU D 18 -2.17 -10.00 28.22
N ILE D 19 -1.43 -9.17 27.50
CA ILE D 19 -2.03 -8.23 26.56
C ILE D 19 -1.18 -8.17 25.29
N PHE D 20 -1.75 -7.58 24.24
CA PHE D 20 -1.02 -7.37 23.00
C PHE D 20 -0.18 -6.10 23.10
N CYS D 21 1.01 -6.15 22.51
CA CYS D 21 1.88 -4.98 22.50
C CYS D 21 1.17 -3.78 21.88
N ARG D 22 0.63 -3.96 20.68
CA ARG D 22 -0.19 -2.97 19.98
C ARG D 22 0.59 -1.72 19.59
N LYS D 23 1.92 -1.77 19.60
CA LYS D 23 2.70 -0.67 19.08
C LYS D 23 2.72 -0.71 17.55
N GLN D 24 3.20 0.38 16.96
CA GLN D 24 3.32 0.45 15.50
C GLN D 24 4.35 -0.56 15.03
N ALA D 25 3.92 -1.51 14.20
CA ALA D 25 4.81 -2.55 13.71
C ALA D 25 5.77 -2.01 12.66
N GLY D 26 6.94 -2.62 12.58
CA GLY D 26 7.95 -2.18 11.64
C GLY D 26 8.37 -3.24 10.65
N VAL D 27 9.66 -3.28 10.34
CA VAL D 27 10.18 -4.24 9.35
C VAL D 27 10.52 -5.59 9.96
N ALA D 28 10.33 -5.75 11.27
CA ALA D 28 10.64 -7.02 11.92
C ALA D 28 9.57 -8.06 11.60
N ILE D 29 10.01 -9.22 11.12
CA ILE D 29 9.12 -10.30 10.74
C ILE D 29 8.81 -11.16 11.96
N GLY D 30 7.53 -11.43 12.20
CA GLY D 30 7.15 -12.26 13.33
C GLY D 30 7.70 -13.66 13.20
N ARG D 31 7.87 -14.31 14.35
CA ARG D 31 8.48 -15.63 14.42
C ARG D 31 7.70 -16.49 15.41
N LEU D 32 7.82 -17.80 15.25
CA LEU D 32 7.06 -18.75 16.05
C LEU D 32 7.90 -19.99 16.29
N CYS D 33 7.69 -20.60 17.46
CA CYS D 33 8.45 -21.75 17.93
C CYS D 33 7.82 -23.05 17.40
N GLU D 34 8.35 -24.18 17.85
CA GLU D 34 7.86 -25.47 17.36
C GLU D 34 6.47 -25.79 17.91
N LYS D 35 6.14 -25.29 19.11
CA LYS D 35 4.83 -25.59 19.68
C LYS D 35 3.74 -24.74 19.04
N CYS D 36 4.00 -23.45 18.84
CA CYS D 36 3.04 -22.54 18.23
C CYS D 36 3.33 -22.34 16.75
N ASP D 37 3.52 -23.43 15.99
CA ASP D 37 4.02 -23.29 14.62
C ASP D 37 2.93 -22.78 13.67
N GLY D 38 1.81 -23.49 13.62
CA GLY D 38 0.76 -23.11 12.68
C GLY D 38 -0.34 -22.25 13.26
N LYS D 39 -0.16 -21.72 14.47
CA LYS D 39 -1.21 -20.96 15.13
C LYS D 39 -1.29 -19.54 14.61
N CYS D 40 -2.47 -18.95 14.72
CA CYS D 40 -2.68 -17.55 14.41
C CYS D 40 -2.50 -16.72 15.68
N VAL D 41 -1.75 -15.64 15.56
CA VAL D 41 -1.36 -14.87 16.75
C VAL D 41 -2.58 -14.30 17.47
N ILE D 42 -3.64 -14.00 16.74
CA ILE D 42 -4.79 -13.30 17.32
C ILE D 42 -5.79 -14.29 17.89
N CYS D 43 -6.25 -15.23 17.06
CA CYS D 43 -7.36 -16.10 17.41
C CYS D 43 -6.96 -17.57 17.60
N ASP D 44 -5.67 -17.87 17.56
CA ASP D 44 -5.16 -19.22 17.84
C ASP D 44 -5.70 -20.26 16.86
N SER D 45 -5.98 -19.85 15.63
CA SER D 45 -6.53 -20.75 14.64
C SER D 45 -5.46 -21.30 13.72
N TYR D 46 -5.69 -22.50 13.20
CA TYR D 46 -4.75 -23.19 12.33
C TYR D 46 -5.16 -23.19 10.87
N VAL D 47 -6.32 -22.62 10.53
CA VAL D 47 -7.00 -22.99 9.29
C VAL D 47 -6.24 -22.50 8.06
N ARG D 48 -5.97 -21.21 7.96
CA ARG D 48 -5.49 -20.63 6.71
C ARG D 48 -4.54 -19.48 6.97
N PRO D 49 -3.25 -19.78 7.13
CA PRO D 49 -2.25 -18.69 7.21
C PRO D 49 -2.26 -17.87 5.93
N CYS D 50 -2.47 -16.56 6.08
CA CYS D 50 -2.65 -15.65 4.96
C CYS D 50 -1.50 -14.68 4.84
N THR D 51 -1.45 -13.66 5.71
CA THR D 51 -0.47 -12.59 5.62
C THR D 51 0.61 -12.75 6.69
N LEU D 52 1.78 -12.16 6.41
CA LEU D 52 2.94 -12.27 7.28
C LEU D 52 2.84 -11.29 8.44
N VAL D 53 3.29 -11.71 9.61
CA VAL D 53 3.18 -10.92 10.84
C VAL D 53 4.36 -9.97 10.94
N ARG D 54 4.08 -8.72 11.27
CA ARG D 54 5.08 -7.71 11.58
C ARG D 54 4.99 -7.36 13.06
N ILE D 55 6.14 -7.04 13.66
CA ILE D 55 6.21 -6.63 15.05
C ILE D 55 7.07 -5.37 15.16
N CYS D 56 6.85 -4.64 16.25
CA CYS D 56 7.59 -3.40 16.48
C CYS D 56 9.06 -3.68 16.78
N ASP D 57 9.88 -2.64 16.62
CA ASP D 57 11.31 -2.80 16.85
C ASP D 57 11.61 -3.16 18.30
N GLU D 58 10.83 -2.65 19.25
CA GLU D 58 11.11 -2.92 20.66
C GLU D 58 10.90 -4.38 21.01
N CYS D 59 9.94 -5.05 20.36
CA CYS D 59 9.66 -6.45 20.65
C CYS D 59 10.65 -7.41 20.00
N ASN D 60 11.51 -6.93 19.11
CA ASN D 60 12.47 -7.77 18.40
C ASN D 60 13.90 -7.30 18.62
N TYR D 61 14.22 -6.93 19.86
CA TYR D 61 15.53 -6.38 20.19
C TYR D 61 16.23 -7.25 21.22
N GLY D 62 17.54 -7.37 21.08
CA GLY D 62 18.34 -8.06 22.08
C GLY D 62 18.10 -9.55 22.05
N SER D 63 17.81 -10.12 23.23
CA SER D 63 17.55 -11.55 23.33
C SER D 63 16.21 -11.93 22.70
N TYR D 64 15.33 -10.95 22.45
CA TYR D 64 14.03 -11.21 21.84
C TYR D 64 14.11 -11.43 20.33
N GLN D 65 15.30 -11.37 19.74
CA GLN D 65 15.47 -11.57 18.31
C GLN D 65 15.18 -13.03 17.95
N GLY D 66 14.24 -13.24 17.03
CA GLY D 66 13.87 -14.59 16.64
C GLY D 66 13.08 -15.34 17.68
N ARG D 67 12.43 -14.65 18.60
CA ARG D 67 11.69 -15.25 19.70
C ARG D 67 10.21 -15.36 19.34
N CYS D 68 9.57 -16.42 19.85
CA CYS D 68 8.17 -16.68 19.55
C CYS D 68 7.29 -15.50 19.97
N VAL D 69 6.23 -15.28 19.20
CA VAL D 69 5.34 -14.15 19.46
C VAL D 69 4.27 -14.49 20.50
N ILE D 70 3.84 -15.75 20.57
CA ILE D 70 2.77 -16.10 21.50
C ILE D 70 3.34 -16.36 22.89
N CYS D 71 4.15 -17.40 23.05
CA CYS D 71 4.66 -17.75 24.36
C CYS D 71 6.03 -17.14 24.64
N GLY D 72 6.96 -17.23 23.69
CA GLY D 72 8.27 -16.67 23.87
C GLY D 72 9.37 -17.71 23.92
N GLY D 73 9.36 -18.64 22.96
CA GLY D 73 10.37 -19.68 22.89
C GLY D 73 11.20 -19.56 21.63
N PRO D 74 12.15 -20.46 21.45
CA PRO D 74 13.04 -20.40 20.28
C PRO D 74 12.25 -20.59 18.99
N GLY D 75 12.35 -19.60 18.10
CA GLY D 75 11.54 -19.60 16.89
C GLY D 75 12.12 -20.49 15.81
N VAL D 76 11.23 -21.19 15.11
CA VAL D 76 11.63 -22.03 13.99
C VAL D 76 10.94 -21.67 12.68
N SER D 77 9.80 -20.97 12.71
CA SER D 77 9.11 -20.65 11.46
C SER D 77 8.44 -19.29 11.58
N ASP D 78 8.31 -18.60 10.45
CA ASP D 78 7.72 -17.26 10.45
C ASP D 78 6.29 -17.31 10.96
N ALA D 79 5.83 -16.20 11.52
CA ALA D 79 4.48 -16.08 12.06
C ALA D 79 3.52 -15.56 10.99
N TYR D 80 2.26 -15.96 11.10
CA TYR D 80 1.25 -15.60 10.11
C TYR D 80 -0.07 -15.25 10.78
N TYR D 81 -0.70 -14.19 10.31
CA TYR D 81 -2.13 -14.00 10.56
C TYR D 81 -2.92 -15.02 9.74
N CYS D 82 -4.14 -15.31 10.19
CA CYS D 82 -4.96 -16.24 9.44
C CYS D 82 -5.86 -15.49 8.46
N LYS D 83 -6.47 -16.26 7.56
CA LYS D 83 -7.33 -15.67 6.53
C LYS D 83 -8.49 -14.90 7.14
N GLU D 84 -9.09 -15.45 8.20
CA GLU D 84 -10.24 -14.80 8.82
C GLU D 84 -9.86 -13.43 9.37
N CYS D 85 -8.70 -13.34 10.02
CA CYS D 85 -8.26 -12.06 10.56
C CYS D 85 -7.86 -11.10 9.45
N THR D 86 -7.20 -11.61 8.40
CA THR D 86 -6.87 -10.77 7.26
C THR D 86 -8.11 -10.15 6.64
N ILE D 87 -9.17 -10.94 6.51
CA ILE D 87 -10.42 -10.44 5.94
C ILE D 87 -10.99 -9.31 6.79
N GLN D 88 -10.97 -9.49 8.11
CA GLN D 88 -11.41 -8.45 9.03
C GLN D 88 -10.35 -7.41 9.31
N GLU D 89 -9.21 -7.48 8.61
CA GLU D 89 -8.12 -6.52 8.76
C GLU D 89 -7.62 -6.43 10.20
N LYS D 90 -7.60 -7.57 10.88
CA LYS D 90 -6.95 -7.65 12.18
C LYS D 90 -5.44 -7.76 12.08
N ASP D 91 -4.91 -7.88 10.87
CA ASP D 91 -3.47 -7.70 10.67
C ASP D 91 -3.07 -6.23 10.73
N ARG D 92 -4.00 -5.31 10.51
CA ARG D 92 -3.71 -3.88 10.48
C ARG D 92 -3.61 -3.27 11.88
N ASP D 93 -3.94 -4.00 12.92
CA ASP D 93 -3.83 -3.49 14.28
C ASP D 93 -2.35 -3.40 14.67
N GLY D 94 -2.09 -3.20 15.96
CA GLY D 94 -0.74 -3.01 16.43
C GLY D 94 0.05 -4.30 16.50
N CYS D 95 1.25 -4.18 17.05
CA CYS D 95 2.15 -5.31 17.27
C CYS D 95 1.41 -6.41 18.04
N PRO D 96 1.37 -7.63 17.53
CA PRO D 96 0.59 -8.70 18.16
C PRO D 96 1.34 -9.50 19.23
N LYS D 97 2.54 -9.09 19.64
CA LYS D 97 3.30 -9.88 20.61
C LYS D 97 2.62 -9.82 21.97
N ILE D 98 2.45 -11.00 22.58
CA ILE D 98 1.87 -11.09 23.91
C ILE D 98 2.91 -10.67 24.94
N VAL D 99 2.49 -9.82 25.88
CA VAL D 99 3.35 -9.37 26.95
C VAL D 99 2.62 -9.57 28.27
N ASN D 100 3.36 -10.03 29.28
CA ASN D 100 2.81 -10.34 30.60
C ASN D 100 3.01 -9.14 31.50
N LEU D 101 1.92 -8.65 32.08
CA LEU D 101 1.96 -7.48 32.96
C LEU D 101 2.31 -7.84 34.40
N GLY D 102 2.69 -9.09 34.67
CA GLY D 102 3.07 -9.50 36.01
C GLY D 102 4.44 -10.13 36.06
N SER D 103 5.37 -9.62 35.26
CA SER D 103 6.73 -10.14 35.22
C SER D 103 7.66 -9.05 34.69
N SER D 104 8.91 -9.10 35.11
CA SER D 104 9.91 -8.13 34.70
C SER D 104 10.64 -8.63 33.45
N LYS D 105 11.67 -7.91 33.02
CA LYS D 105 12.43 -8.30 31.84
C LYS D 105 13.42 -9.42 32.13
N THR D 106 13.80 -9.62 33.39
CA THR D 106 14.74 -10.66 33.77
C THR D 106 14.05 -11.92 34.29
N ASP D 107 12.76 -11.87 34.57
CA ASP D 107 12.03 -13.06 35.00
C ASP D 107 12.04 -14.11 33.89
N LEU D 108 12.30 -15.35 34.26
CA LEU D 108 12.35 -16.46 33.31
C LEU D 108 11.02 -16.68 32.61
C1 07I E . -3.42 -29.07 18.60
O1 07I E . 1.96 -34.37 25.10
C2 07I E . -4.18 -28.75 17.32
O2 07I E . 0.29 -32.94 24.96
C3 07I E . -5.28 -29.76 16.95
C5 07I E . -4.41 -29.64 19.61
C6 07I E . -3.97 -29.50 21.08
C7 07I E . -3.31 -30.70 21.67
C8 07I E . -2.69 -30.54 22.85
C9 07I E . -2.61 -29.21 23.52
C10 07I E . -2.12 -31.69 23.54
N 07I E . -4.98 -30.39 15.67
C 07I E . -2.24 -30.01 18.34
O 07I E . -4.87 -30.93 19.19
C11 07I E . -1.59 -31.50 24.73
C12 07I E . -0.98 -32.56 25.59
C13 07I E . -0.73 -31.91 26.95
C14 07I E . 0.32 -32.64 27.73
C15 07I E . 1.20 -33.44 27.11
C16 07I E . 1.20 -33.63 25.69
C17 07I E . 0.33 -32.43 29.22
C18 07I E . -5.83 -32.20 17.44
C19 07I E . -4.96 -29.71 14.51
C20 07I E . -4.46 -30.48 13.34
C21 07I E . -4.30 -30.05 12.11
C22 07I E . -4.55 -28.65 11.63
C23 07I E . -5.72 -28.52 10.67
C24 07I E . -2.27 -27.83 11.62
C25 07I E . -1.17 -27.34 10.73
C4 07I E . -5.67 -30.81 18.00
O3 07I E . -5.37 -28.54 14.43
O4 07I E . -3.35 -28.21 10.90
O5 07I E . -2.23 -27.87 12.81
ZN ZN F . 5.50 -20.42 21.05
ZN ZN G . 5.75 -4.92 20.12
ZN ZN H . -6.80 -15.45 13.16
#